data_6FJE
#
_entry.id   6FJE
#
_cell.length_a   74.834
_cell.length_b   205.626
_cell.length_c   146.306
_cell.angle_alpha   90.00
_cell.angle_beta   90.00
_cell.angle_gamma   90.00
#
_symmetry.space_group_name_H-M   'P 21 21 2'
#
loop_
_entity.id
_entity.type
_entity.pdbx_description
1 polymer Beta-fructofuranosidase
2 branched alpha-D-mannopyranose-(1-2)-alpha-D-mannopyranose-(1-3)-[alpha-D-mannopyranose-(1-3)-alpha-D-mannopyranose-(1-6)]beta-D-mannopyranose-(1-4)-2-acetamido-2-deoxy-beta-D-glucopyranose-(1-4)-2-acetamido-2-deoxy-beta-D-glucopyranose
3 branched alpha-D-mannopyranose-(1-2)-alpha-D-mannopyranose-(1-2)-alpha-D-mannopyranose-(1-3)-[alpha-D-mannopyranose-(1-2)-alpha-D-mannopyranose-(1-6)-[alpha-D-mannopyranose-(1-3)]alpha-D-mannopyranose-(1-6)]beta-D-mannopyranose-(1-4)-2-acetamido-2-deoxy-beta-D-glucopyranose-(1-4)-2-acetamido-2-deoxy-beta-D-glucopyranose
4 branched 2-acetamido-2-deoxy-beta-D-glucopyranose-(1-4)-2-acetamido-2-deoxy-beta-D-glucopyranose
5 branched alpha-D-mannopyranose-(1-3)-alpha-D-mannopyranose-(1-6)-[alpha-D-mannopyranose-(1-3)]beta-D-mannopyranose-(1-4)-2-acetamido-2-deoxy-beta-D-glucopyranose-(1-4)-2-acetamido-2-deoxy-beta-D-glucopyranose
6 non-polymer beta-D-fructofuranose
7 non-polymer alpha-D-glucopyranose
8 non-polymer 1,2-ETHANEDIOL
9 non-polymer 2-acetamido-2-deoxy-beta-D-glucopyranose
10 water water
#
_entity_poly.entity_id   1
_entity_poly.type   'polypeptide(L)'
_entity_poly.pdbx_seq_one_letter_code
;MVAPLLKTLPFLAAAYAAELDLPNFSALNRRQDNSTSSSAGCSLDQTVAPGNLTLCGNATLFTTFRPKARFIAPEGWMNA
PMGLYQRADGSIHAGYQSHPKHIQWGNISQGAAYSSDFTSWTDFNGSEGYKTIWPSQIYDIRGVFDGSIIKEGIDGYPTI
LYTSTSFGPLGATLNEAEGTETQSLAYTTDDGASWIKLGYGAGQNPVIYEWPETNLTGFRDPYVFQSPRLEALLANTTSI
TNATGDHFATISGGVHGDGARLFLYRQHTTGEFIKWTYLGPLVTTGYKESYGEWSGNYGINFETAGVTRLNPAGAAWDNG
SDTTAVDFVTFGTEQGRADHQNHWPLWAAVDYEVRDNGSIEAVIAYSGVQDWGRSYAYASFPVEGYRQVSVGWIYEDDDN
VILAKQFGYQGAFTLFRDLFVKVVENVSPSTPGLFEQASWSTKNSTDGMSVTVTTLGQRVVPETLAAYKGNSTVSTLAPV
MLNESAAAYTPFSSQPTDRFYALTGSFEFGLNTTAKAGFRVLASEEEYTDIWFDPASENLTVVRTASSLIKSFGNDTELA
KVKLYEIVGAESKTLNLTVFVDGSVIEIYANDEVALSTRAYPWLANSTGAGLLADGTTAGDVVGVSGLELWDGLVDAWPA
RPANTSQGLVWDGPTAAMYGLFAGY
;
_entity_poly.pdbx_strand_id   A,B
#
loop_
_chem_comp.id
_chem_comp.type
_chem_comp.name
_chem_comp.formula
BMA D-saccharide, beta linking beta-D-mannopyranose 'C6 H12 O6'
EDO non-polymer 1,2-ETHANEDIOL 'C2 H6 O2'
FRU D-saccharide, beta linking beta-D-fructofuranose 'C6 H12 O6'
GLC D-saccharide, alpha linking alpha-D-glucopyranose 'C6 H12 O6'
MAN D-saccharide, alpha linking alpha-D-mannopyranose 'C6 H12 O6'
NAG D-saccharide, beta linking 2-acetamido-2-deoxy-beta-D-glucopyranose 'C8 H15 N O6'
#
# COMPACT_ATOMS: atom_id res chain seq x y z
N CYS A 42 -19.06 28.21 25.35
CA CYS A 42 -18.18 27.00 25.47
C CYS A 42 -16.70 27.36 25.34
N SER A 43 -15.94 27.11 26.41
CA SER A 43 -14.49 27.32 26.40
C SER A 43 -13.79 25.99 26.12
N LEU A 44 -12.81 26.04 25.22
CA LEU A 44 -11.99 24.89 24.88
C LEU A 44 -10.57 25.03 25.43
N ASP A 45 -10.45 25.74 26.55
CA ASP A 45 -9.16 25.96 27.18
C ASP A 45 -8.78 24.70 27.95
N GLN A 46 -7.82 23.96 27.41
CA GLN A 46 -7.34 22.73 28.02
C GLN A 46 -6.15 22.97 28.98
N THR A 47 -5.88 24.23 29.34
CA THR A 47 -4.90 24.55 30.40
C THR A 47 -5.56 24.80 31.75
N VAL A 48 -6.89 24.83 31.78
CA VAL A 48 -7.64 24.99 33.02
C VAL A 48 -8.69 23.90 33.13
N ALA A 49 -9.37 23.83 34.28
CA ALA A 49 -10.39 22.82 34.51
C ALA A 49 -11.50 22.95 33.47
N PRO A 50 -12.14 21.81 33.10
CA PRO A 50 -13.20 21.89 32.11
C PRO A 50 -14.44 22.57 32.66
N GLY A 51 -15.08 23.38 31.83
CA GLY A 51 -16.34 23.99 32.17
C GLY A 51 -17.48 23.00 31.99
N ASN A 52 -18.65 23.56 31.70
CA ASN A 52 -19.82 22.76 31.40
C ASN A 52 -19.77 22.48 29.91
N LEU A 53 -19.25 21.33 29.54
CA LEU A 53 -19.03 21.01 28.13
C LEU A 53 -20.33 20.65 27.38
N THR A 54 -21.41 20.37 28.10
CA THR A 54 -22.73 20.18 27.46
C THR A 54 -23.27 21.45 26.80
N LEU A 55 -22.72 22.62 27.14
CA LEU A 55 -23.06 23.86 26.45
C LEU A 55 -22.36 24.02 25.11
N CYS A 56 -21.35 23.21 24.83
CA CYS A 56 -20.61 23.29 23.58
C CYS A 56 -21.47 22.86 22.39
N GLY A 57 -21.17 23.43 21.24
CA GLY A 57 -21.90 23.16 20.00
C GLY A 57 -21.55 21.78 19.42
N ASN A 58 -22.27 21.41 18.37
CA ASN A 58 -22.09 20.10 17.73
C ASN A 58 -20.68 20.00 17.14
N ALA A 59 -19.99 18.90 17.40
CA ALA A 59 -18.66 18.65 16.84
C ALA A 59 -17.58 19.68 17.24
N THR A 60 -17.82 20.47 18.30
CA THR A 60 -16.79 21.37 18.83
C THR A 60 -15.68 20.61 19.52
N LEU A 61 -15.95 19.40 19.99
CA LEU A 61 -14.92 18.55 20.56
C LEU A 61 -14.48 17.44 19.60
N PHE A 62 -14.57 17.70 18.29
CA PHE A 62 -14.30 16.65 17.28
C PHE A 62 -12.89 16.10 17.37
N THR A 63 -11.89 16.97 17.45
CA THR A 63 -10.49 16.52 17.50
C THR A 63 -9.93 16.24 18.90
N THR A 64 -10.64 16.65 19.94
CA THR A 64 -10.08 16.65 21.31
C THR A 64 -9.64 15.29 21.80
N PHE A 65 -10.48 14.27 21.59
CA PHE A 65 -10.25 12.92 22.07
C PHE A 65 -10.13 11.88 20.94
N ARG A 66 -9.98 12.35 19.71
CA ARG A 66 -10.24 11.50 18.53
C ARG A 66 -9.02 10.66 18.15
N PRO A 67 -9.20 9.33 17.98
CA PRO A 67 -8.08 8.53 17.45
C PRO A 67 -7.60 9.01 16.07
N LYS A 68 -6.30 8.92 15.85
CA LYS A 68 -5.66 9.27 14.58
C LYS A 68 -4.98 8.08 13.85
N ALA A 69 -4.68 7.00 14.57
CA ALA A 69 -3.82 5.93 14.07
C ALA A 69 -4.54 4.62 13.75
N ARG A 70 -5.87 4.66 13.68
CA ARG A 70 -6.68 3.46 13.51
C ARG A 70 -7.87 3.70 12.58
N PHE A 71 -8.57 2.62 12.27
CA PHE A 71 -9.76 2.69 11.45
C PHE A 71 -10.89 3.37 12.22
N ILE A 72 -11.47 4.41 11.61
CA ILE A 72 -12.60 5.13 12.18
C ILE A 72 -13.35 5.79 11.02
N ALA A 73 -14.67 5.90 11.16
CA ALA A 73 -15.48 6.59 10.15
C ALA A 73 -15.07 8.07 10.04
N PRO A 74 -15.35 8.71 8.90
CA PRO A 74 -15.08 10.16 8.80
C PRO A 74 -15.80 11.00 9.87
N GLU A 75 -17.01 10.58 10.23
CA GLU A 75 -17.82 11.28 11.22
C GLU A 75 -19.03 10.43 11.59
N GLY A 76 -19.73 10.84 12.65
CA GLY A 76 -20.98 10.23 13.03
C GLY A 76 -20.82 8.90 13.72
N TRP A 77 -21.90 8.14 13.70
CA TRP A 77 -22.00 6.86 14.38
C TRP A 77 -21.39 5.75 13.54
N MET A 78 -20.57 4.91 14.17
CA MET A 78 -20.20 3.62 13.61
C MET A 78 -20.32 2.52 14.66
N ASN A 79 -20.57 1.30 14.22
CA ASN A 79 -20.38 0.14 15.07
C ASN A 79 -19.64 -0.99 14.37
N ALA A 80 -20.26 -2.16 14.22
CA ALA A 80 -19.57 -3.39 13.85
C ALA A 80 -18.87 -3.34 12.50
N PRO A 81 -17.67 -3.92 12.43
CA PRO A 81 -17.05 -4.21 11.15
C PRO A 81 -17.91 -5.18 10.36
N MET A 82 -17.84 -5.09 9.04
CA MET A 82 -18.63 -5.95 8.16
C MET A 82 -17.98 -6.00 6.79
N GLY A 83 -18.43 -6.96 5.99
CA GLY A 83 -18.02 -7.05 4.58
C GLY A 83 -16.52 -7.06 4.34
N LEU A 84 -15.78 -7.70 5.25
CA LEU A 84 -14.33 -7.72 5.19
C LEU A 84 -13.82 -8.73 4.16
N TYR A 85 -12.96 -8.28 3.25
CA TYR A 85 -12.29 -9.20 2.33
C TYR A 85 -11.05 -8.61 1.72
N GLN A 86 -10.15 -9.50 1.33
CA GLN A 86 -8.97 -9.12 0.60
C GLN A 86 -9.32 -9.15 -0.87
N ARG A 87 -9.16 -8.01 -1.53
CA ARG A 87 -9.55 -7.85 -2.92
C ARG A 87 -8.50 -8.49 -3.84
N ALA A 88 -8.84 -8.61 -5.11
CA ALA A 88 -7.98 -9.23 -6.13
C ALA A 88 -6.58 -8.60 -6.21
N ASP A 89 -6.49 -7.30 -5.97
CA ASP A 89 -5.19 -6.59 -6.00
C ASP A 89 -4.37 -6.71 -4.71
N GLY A 90 -4.85 -7.49 -3.74
CA GLY A 90 -4.18 -7.67 -2.46
C GLY A 90 -4.59 -6.69 -1.37
N SER A 91 -5.29 -5.62 -1.73
CA SER A 91 -5.73 -4.63 -0.75
C SER A 91 -6.87 -5.18 0.10
N ILE A 92 -7.11 -4.53 1.23
CA ILE A 92 -8.13 -4.94 2.18
C ILE A 92 -9.33 -4.00 2.04
N HIS A 93 -10.51 -4.58 1.83
CA HIS A 93 -11.76 -3.85 1.88
C HIS A 93 -12.37 -4.05 3.26
N ALA A 94 -12.65 -2.94 3.96
CA ALA A 94 -13.32 -2.99 5.24
C ALA A 94 -14.60 -2.20 5.18
N GLY A 95 -15.70 -2.85 5.53
CA GLY A 95 -16.98 -2.20 5.72
C GLY A 95 -17.24 -1.98 7.20
N TYR A 96 -18.22 -1.13 7.49
CA TYR A 96 -18.67 -0.94 8.86
C TYR A 96 -20.09 -0.43 8.94
N GLN A 97 -20.79 -0.86 9.99
CA GLN A 97 -22.12 -0.33 10.30
C GLN A 97 -21.99 1.18 10.56
N SER A 98 -22.76 1.98 9.83
CA SER A 98 -22.57 3.41 9.75
C SER A 98 -23.89 4.18 9.76
N HIS A 99 -23.92 5.28 10.52
CA HIS A 99 -25.02 6.27 10.47
C HIS A 99 -24.44 7.68 10.45
N PRO A 100 -24.10 8.16 9.25
CA PRO A 100 -23.51 9.50 9.12
C PRO A 100 -24.41 10.63 9.65
N LYS A 101 -23.77 11.69 10.16
CA LYS A 101 -24.45 12.92 10.61
C LYS A 101 -25.43 12.67 11.77
N HIS A 102 -25.24 11.57 12.47
CA HIS A 102 -25.97 11.23 13.69
C HIS A 102 -24.94 10.67 14.68
N ILE A 103 -25.30 10.67 15.97
CA ILE A 103 -24.43 10.09 17.01
C ILE A 103 -25.08 8.95 17.80
N GLN A 104 -26.24 8.48 17.31
CA GLN A 104 -26.83 7.23 17.75
C GLN A 104 -27.12 6.37 16.51
N TRP A 105 -27.27 5.06 16.75
CA TRP A 105 -27.56 4.08 15.72
C TRP A 105 -28.87 4.37 14.97
N GLY A 106 -28.88 4.03 13.69
CA GLY A 106 -30.11 4.11 12.89
C GLY A 106 -29.81 4.07 11.40
N ASN A 107 -30.84 3.84 10.60
CA ASN A 107 -30.73 3.69 9.13
C ASN A 107 -29.46 2.98 8.76
N ILE A 108 -29.19 1.88 9.43
CA ILE A 108 -27.82 1.42 9.49
C ILE A 108 -27.39 0.90 8.10
N SER A 109 -26.19 1.32 7.70
CA SER A 109 -25.69 1.19 6.35
C SER A 109 -24.26 0.67 6.42
N GLN A 110 -23.73 0.23 5.27
CA GLN A 110 -22.32 -0.09 5.16
C GLN A 110 -21.52 1.12 4.68
N GLY A 111 -20.68 1.66 5.57
CA GLY A 111 -19.62 2.59 5.19
C GLY A 111 -18.40 1.76 4.80
N ALA A 112 -17.52 2.29 3.95
CA ALA A 112 -16.40 1.47 3.50
C ALA A 112 -15.14 2.24 3.19
N ALA A 113 -14.01 1.54 3.26
CA ALA A 113 -12.70 2.06 2.95
C ALA A 113 -11.76 0.92 2.59
N TYR A 114 -10.59 1.26 2.06
CA TYR A 114 -9.62 0.25 1.67
C TYR A 114 -8.19 0.64 2.06
N SER A 115 -7.32 -0.36 2.15
CA SER A 115 -5.94 -0.20 2.56
C SER A 115 -5.07 -1.30 1.97
N SER A 116 -3.83 -0.98 1.64
CA SER A 116 -2.90 -2.02 1.22
C SER A 116 -2.08 -2.64 2.37
N ASP A 117 -2.22 -2.12 3.60
CA ASP A 117 -1.38 -2.58 4.72
C ASP A 117 -2.07 -2.64 6.09
N PHE A 118 -3.41 -2.69 6.09
CA PHE A 118 -4.24 -2.63 7.31
C PHE A 118 -4.15 -1.32 8.11
N THR A 119 -3.34 -0.36 7.66
CA THR A 119 -2.87 0.70 8.54
C THR A 119 -3.19 2.11 8.02
N SER A 120 -2.84 2.36 6.77
CA SER A 120 -3.18 3.59 6.07
C SER A 120 -4.37 3.34 5.14
N TRP A 121 -5.45 4.09 5.34
CA TRP A 121 -6.75 3.85 4.69
C TRP A 121 -7.18 5.00 3.79
N THR A 122 -8.04 4.67 2.84
CA THR A 122 -8.69 5.62 1.97
C THR A 122 -10.18 5.34 1.92
N ASP A 123 -10.98 6.40 2.08
CA ASP A 123 -12.45 6.26 2.00
C ASP A 123 -12.91 6.04 0.56
N PHE A 124 -13.93 5.21 0.37
CA PHE A 124 -14.71 5.26 -0.87
C PHE A 124 -15.49 6.59 -0.91
N ASN A 125 -15.70 7.11 -2.12
CA ASN A 125 -16.51 8.31 -2.32
C ASN A 125 -17.40 8.08 -3.55
N GLY A 126 -18.70 7.98 -3.32
CA GLY A 126 -19.67 7.77 -4.39
C GLY A 126 -20.86 8.69 -4.19
N SER A 127 -21.99 8.32 -4.78
CA SER A 127 -23.19 9.16 -4.71
C SER A 127 -23.71 9.30 -3.28
N GLU A 128 -23.42 8.31 -2.42
CA GLU A 128 -23.82 8.40 -1.00
C GLU A 128 -22.62 8.61 -0.09
N GLY A 129 -21.65 9.38 -0.56
CA GLY A 129 -20.47 9.69 0.23
C GLY A 129 -19.62 8.44 0.44
N TYR A 130 -19.40 8.10 1.72
CA TYR A 130 -18.59 6.93 2.04
C TYR A 130 -19.43 5.67 2.28
N LYS A 131 -20.75 5.77 2.13
CA LYS A 131 -21.61 4.59 2.16
C LYS A 131 -21.55 3.85 0.83
N THR A 132 -21.67 2.53 0.89
CA THR A 132 -21.79 1.71 -0.31
C THR A 132 -22.97 0.75 -0.34
N ILE A 133 -23.60 0.49 0.82
CA ILE A 133 -24.89 -0.21 0.86
C ILE A 133 -25.74 0.48 1.92
N TRP A 134 -27.02 0.69 1.60
CA TRP A 134 -27.95 1.41 2.49
C TRP A 134 -29.35 0.81 2.37
N PRO A 135 -30.21 1.04 3.37
CA PRO A 135 -31.61 0.61 3.28
C PRO A 135 -32.29 1.21 2.05
N SER A 136 -32.90 0.35 1.24
CA SER A 136 -33.54 0.78 -0.01
C SER A 136 -34.76 -0.02 -0.49
N GLN A 137 -35.09 -1.12 0.18
CA GLN A 137 -36.11 -2.05 -0.26
C GLN A 137 -36.93 -2.45 0.95
N ILE A 138 -38.15 -2.91 0.73
CA ILE A 138 -39.01 -3.31 1.84
C ILE A 138 -38.32 -4.32 2.79
N TYR A 139 -37.49 -5.19 2.22
CA TYR A 139 -36.84 -6.24 3.01
C TYR A 139 -35.65 -5.77 3.84
N ASP A 140 -35.04 -4.64 3.50
CA ASP A 140 -33.93 -4.09 4.28
C ASP A 140 -34.08 -2.61 4.72
N ILE A 141 -35.29 -2.06 4.61
CA ILE A 141 -35.50 -0.62 4.89
C ILE A 141 -35.23 -0.23 6.35
N ARG A 142 -35.32 -1.19 7.27
CA ARG A 142 -35.09 -0.94 8.68
C ARG A 142 -33.61 -0.98 9.04
N GLY A 143 -32.75 -1.44 8.13
CA GLY A 143 -31.31 -1.48 8.36
C GLY A 143 -30.63 -2.59 7.56
N VAL A 144 -29.49 -2.24 6.99
CA VAL A 144 -28.53 -3.17 6.41
C VAL A 144 -27.57 -3.54 7.52
N PHE A 145 -27.86 -4.67 8.15
CA PHE A 145 -27.11 -5.15 9.30
C PHE A 145 -25.82 -5.86 8.80
N ASP A 146 -25.09 -6.51 9.71
CA ASP A 146 -23.82 -7.16 9.41
C ASP A 146 -23.97 -8.20 8.28
N GLY A 147 -22.88 -8.35 7.53
CA GLY A 147 -22.77 -9.34 6.48
C GLY A 147 -21.32 -9.68 6.20
N SER A 148 -21.12 -10.74 5.41
CA SER A 148 -19.80 -11.28 5.11
C SER A 148 -19.72 -11.65 3.63
N ILE A 149 -18.51 -11.92 3.17
CA ILE A 149 -18.21 -11.93 1.75
C ILE A 149 -17.98 -13.34 1.21
N ILE A 150 -18.68 -13.61 0.10
CA ILE A 150 -18.42 -14.74 -0.79
C ILE A 150 -17.52 -14.19 -1.87
N LYS A 151 -16.26 -14.59 -1.89
CA LYS A 151 -15.30 -13.95 -2.80
C LYS A 151 -15.57 -14.24 -4.27
N GLU A 152 -16.01 -15.47 -4.58
CA GLU A 152 -16.43 -15.84 -5.93
C GLU A 152 -17.89 -16.15 -5.94
N GLY A 153 -18.70 -15.12 -6.10
CA GLY A 153 -20.15 -15.22 -5.94
C GLY A 153 -20.89 -15.02 -7.24
N ILE A 154 -21.90 -14.17 -7.20
CA ILE A 154 -22.83 -13.96 -8.31
C ILE A 154 -22.03 -13.52 -9.53
N ASP A 155 -22.16 -14.25 -10.64
CA ASP A 155 -21.41 -13.99 -11.88
C ASP A 155 -19.89 -13.88 -11.68
N GLY A 156 -19.37 -14.60 -10.69
CA GLY A 156 -17.97 -14.56 -10.34
C GLY A 156 -17.48 -13.38 -9.50
N TYR A 157 -18.38 -12.46 -9.15
CA TYR A 157 -18.01 -11.23 -8.43
C TYR A 157 -18.08 -11.41 -6.91
N PRO A 158 -17.29 -10.60 -6.18
CA PRO A 158 -17.45 -10.60 -4.72
C PRO A 158 -18.87 -10.26 -4.37
N THR A 159 -19.43 -11.01 -3.41
CA THR A 159 -20.84 -11.00 -3.09
C THR A 159 -20.97 -10.98 -1.58
N ILE A 160 -21.83 -10.10 -1.08
CA ILE A 160 -22.09 -10.00 0.36
C ILE A 160 -23.42 -10.70 0.66
N LEU A 161 -23.43 -11.52 1.71
CA LEU A 161 -24.64 -12.04 2.30
C LEU A 161 -24.79 -11.28 3.62
N TYR A 162 -25.89 -10.54 3.75
CA TYR A 162 -26.10 -9.62 4.89
C TYR A 162 -27.48 -9.77 5.47
N THR A 163 -27.64 -9.33 6.73
CA THR A 163 -28.94 -9.33 7.33
C THR A 163 -29.73 -8.09 6.89
N SER A 164 -30.81 -8.36 6.16
CA SER A 164 -31.75 -7.36 5.71
C SER A 164 -32.90 -7.30 6.70
N THR A 165 -33.12 -6.14 7.30
CA THR A 165 -34.16 -5.99 8.33
C THR A 165 -35.33 -5.16 7.83
N SER A 166 -36.52 -5.55 8.28
CA SER A 166 -37.76 -4.82 8.02
C SER A 166 -38.45 -4.48 9.35
N PHE A 167 -39.74 -4.18 9.30
N PHE A 167 -39.74 -4.17 9.29
CA PHE A 167 -40.46 -3.65 10.44
CA PHE A 167 -40.47 -3.63 10.45
C PHE A 167 -40.74 -4.72 11.47
C PHE A 167 -40.74 -4.71 11.48
N GLY A 168 -41.09 -4.28 12.69
CA GLY A 168 -41.52 -5.17 13.77
C GLY A 168 -40.56 -5.13 14.94
N PRO A 169 -41.00 -5.61 16.12
CA PRO A 169 -40.08 -5.71 17.25
C PRO A 169 -38.83 -6.53 16.87
N LEU A 170 -37.66 -6.00 17.21
CA LEU A 170 -36.39 -6.64 16.87
C LEU A 170 -35.50 -6.59 18.10
N GLY A 171 -35.20 -7.76 18.65
CA GLY A 171 -34.32 -7.86 19.80
C GLY A 171 -34.53 -9.09 20.62
N ALA A 172 -33.48 -9.49 21.34
CA ALA A 172 -33.46 -10.70 22.13
C ALA A 172 -34.39 -10.64 23.35
N THR A 173 -34.69 -9.44 23.83
CA THR A 173 -35.62 -9.24 24.95
C THR A 173 -37.04 -8.85 24.51
N LEU A 174 -37.30 -8.82 23.20
CA LEU A 174 -38.61 -8.50 22.64
C LEU A 174 -39.23 -9.72 21.99
N ASN A 175 -40.46 -9.57 21.49
CA ASN A 175 -41.16 -10.66 20.82
C ASN A 175 -41.04 -10.50 19.30
N GLU A 176 -39.87 -10.85 18.78
CA GLU A 176 -39.61 -10.76 17.35
C GLU A 176 -40.35 -11.84 16.59
N ALA A 177 -40.72 -11.52 15.36
CA ALA A 177 -41.41 -12.45 14.47
C ALA A 177 -40.59 -12.65 13.22
N GLU A 178 -40.87 -13.78 12.58
CA GLU A 178 -40.29 -14.16 11.31
C GLU A 178 -40.51 -13.06 10.25
N GLY A 179 -39.49 -12.79 9.46
CA GLY A 179 -39.53 -11.74 8.43
C GLY A 179 -38.84 -10.44 8.81
N THR A 180 -38.82 -10.12 10.10
CA THR A 180 -38.16 -8.89 10.56
C THR A 180 -36.66 -8.91 10.26
N GLU A 181 -36.03 -10.07 10.43
CA GLU A 181 -34.64 -10.26 10.03
C GLU A 181 -34.57 -11.36 8.99
N THR A 182 -34.10 -11.02 7.80
CA THR A 182 -33.86 -11.98 6.74
C THR A 182 -32.44 -11.81 6.24
N GLN A 183 -32.02 -12.66 5.31
CA GLN A 183 -30.66 -12.60 4.76
C GLN A 183 -30.72 -12.44 3.25
N SER A 184 -29.95 -11.47 2.74
CA SER A 184 -30.02 -11.05 1.35
C SER A 184 -28.65 -10.95 0.74
N LEU A 185 -28.62 -11.00 -0.60
CA LEU A 185 -27.39 -10.90 -1.37
C LEU A 185 -27.24 -9.61 -2.17
N ALA A 186 -26.00 -9.16 -2.28
CA ALA A 186 -25.61 -8.13 -3.24
C ALA A 186 -24.21 -8.43 -3.73
N TYR A 187 -23.87 -7.93 -4.92
CA TYR A 187 -22.55 -8.16 -5.48
C TYR A 187 -21.96 -6.87 -6.03
N THR A 188 -20.64 -6.86 -6.18
CA THR A 188 -19.93 -5.68 -6.67
C THR A 188 -19.17 -5.98 -7.96
N THR A 189 -19.35 -5.11 -8.95
CA THR A 189 -18.60 -5.20 -10.20
C THR A 189 -17.44 -4.21 -10.26
N ASP A 190 -17.25 -3.43 -9.20
CA ASP A 190 -16.22 -2.38 -9.18
C ASP A 190 -15.40 -2.40 -7.88
N ASP A 191 -15.14 -3.60 -7.38
CA ASP A 191 -14.25 -3.82 -6.23
C ASP A 191 -14.67 -3.06 -4.96
N GLY A 192 -15.98 -2.98 -4.74
CA GLY A 192 -16.53 -2.42 -3.51
C GLY A 192 -16.93 -0.96 -3.58
N ALA A 193 -16.74 -0.29 -4.72
CA ALA A 193 -17.23 1.10 -4.85
C ALA A 193 -18.76 1.16 -4.81
N SER A 194 -19.42 0.12 -5.34
CA SER A 194 -20.87 0.00 -5.27
C SER A 194 -21.30 -1.46 -5.23
N TRP A 195 -22.52 -1.69 -4.78
CA TRP A 195 -23.09 -3.05 -4.71
C TRP A 195 -24.46 -3.04 -5.37
N ILE A 196 -24.78 -4.14 -6.07
CA ILE A 196 -26.06 -4.33 -6.72
C ILE A 196 -26.78 -5.46 -5.99
N LYS A 197 -27.94 -5.16 -5.44
CA LYS A 197 -28.74 -6.16 -4.74
C LYS A 197 -29.48 -7.02 -5.78
N LEU A 198 -29.68 -8.29 -5.45
CA LEU A 198 -30.63 -9.08 -6.22
C LEU A 198 -32.01 -8.46 -6.08
N GLY A 199 -32.89 -8.73 -7.04
CA GLY A 199 -34.26 -8.22 -6.95
C GLY A 199 -35.04 -8.76 -5.77
N TYR A 200 -36.09 -8.06 -5.38
CA TYR A 200 -37.01 -8.56 -4.36
C TYR A 200 -37.95 -9.58 -5.00
N GLY A 201 -38.06 -10.76 -4.39
CA GLY A 201 -39.14 -11.68 -4.76
C GLY A 201 -38.82 -13.14 -4.62
N ALA A 202 -39.74 -13.95 -5.14
CA ALA A 202 -39.61 -15.42 -5.10
C ALA A 202 -38.40 -15.86 -5.91
N GLY A 203 -37.53 -16.64 -5.27
CA GLY A 203 -36.30 -17.10 -5.89
C GLY A 203 -35.21 -16.06 -5.98
N GLN A 204 -35.39 -14.91 -5.32
N GLN A 204 -35.39 -14.91 -5.32
CA GLN A 204 -34.40 -13.83 -5.33
CA GLN A 204 -34.40 -13.83 -5.33
C GLN A 204 -34.27 -13.36 -3.86
C GLN A 204 -34.27 -13.36 -3.86
N ASN A 205 -34.07 -12.07 -3.61
CA ASN A 205 -33.95 -11.57 -2.23
C ASN A 205 -35.29 -11.47 -1.50
N PRO A 206 -35.30 -11.69 -0.19
CA PRO A 206 -34.20 -12.26 0.57
C PRO A 206 -34.08 -13.76 0.32
N VAL A 207 -32.86 -14.28 0.42
CA VAL A 207 -32.57 -15.67 0.13
C VAL A 207 -32.76 -16.62 1.31
N ILE A 208 -32.64 -16.10 2.55
CA ILE A 208 -32.94 -16.89 3.74
C ILE A 208 -33.92 -16.08 4.57
N TYR A 209 -35.10 -16.66 4.81
CA TYR A 209 -36.17 -15.96 5.53
C TYR A 209 -36.90 -16.82 6.55
N GLU A 210 -36.97 -18.13 6.31
CA GLU A 210 -37.64 -19.02 7.27
C GLU A 210 -36.79 -19.25 8.50
N TRP A 211 -37.40 -19.05 9.66
CA TRP A 211 -36.76 -19.38 10.93
C TRP A 211 -36.57 -20.89 11.05
N PRO A 212 -35.35 -21.32 11.43
CA PRO A 212 -35.11 -22.76 11.59
C PRO A 212 -35.79 -23.37 12.83
N GLU A 213 -36.09 -22.55 13.83
CA GLU A 213 -36.89 -22.96 14.99
C GLU A 213 -37.80 -21.80 15.38
N THR A 214 -38.81 -22.08 16.21
CA THR A 214 -39.69 -21.01 16.68
C THR A 214 -39.08 -20.23 17.83
N ASN A 215 -39.67 -19.05 18.08
CA ASN A 215 -39.32 -18.17 19.20
C ASN A 215 -37.85 -17.82 19.29
N LEU A 216 -37.28 -17.43 18.16
CA LEU A 216 -35.91 -16.96 18.14
C LEU A 216 -35.75 -15.64 18.88
N THR A 217 -34.62 -15.51 19.55
CA THR A 217 -34.20 -14.26 20.14
C THR A 217 -33.51 -13.36 19.10
N GLY A 218 -33.05 -13.96 18.00
CA GLY A 218 -32.33 -13.21 16.96
C GLY A 218 -32.02 -14.13 15.79
N PHE A 219 -31.76 -13.55 14.64
CA PHE A 219 -31.54 -14.30 13.40
C PHE A 219 -30.76 -13.41 12.44
N ARG A 220 -29.45 -13.30 12.67
CA ARG A 220 -28.64 -12.32 11.95
C ARG A 220 -27.17 -12.65 11.90
N ASP A 221 -26.47 -11.81 11.11
CA ASP A 221 -25.01 -11.78 11.03
C ASP A 221 -24.46 -13.01 10.32
N PRO A 222 -24.91 -13.22 9.06
CA PRO A 222 -24.48 -14.40 8.34
C PRO A 222 -22.98 -14.39 8.08
N TYR A 223 -22.32 -15.48 8.45
CA TYR A 223 -20.90 -15.63 8.28
C TYR A 223 -20.67 -16.74 7.28
N VAL A 224 -20.19 -16.36 6.10
CA VAL A 224 -19.98 -17.29 5.01
C VAL A 224 -18.50 -17.70 4.95
N PHE A 225 -18.26 -19.00 4.81
CA PHE A 225 -16.90 -19.52 4.83
C PHE A 225 -16.80 -20.85 4.08
N GLN A 226 -15.62 -21.11 3.54
CA GLN A 226 -15.31 -22.42 2.95
C GLN A 226 -14.63 -23.24 4.04
N SER A 227 -14.79 -24.55 3.97
CA SER A 227 -14.25 -25.43 5.00
C SER A 227 -14.04 -26.84 4.47
N PRO A 228 -12.84 -27.14 3.97
CA PRO A 228 -12.46 -28.53 3.66
C PRO A 228 -12.73 -29.49 4.83
N ARG A 229 -12.51 -29.01 6.05
CA ARG A 229 -12.82 -29.75 7.28
C ARG A 229 -14.29 -30.19 7.37
N LEU A 230 -15.20 -29.23 7.25
CA LEU A 230 -16.63 -29.56 7.35
C LEU A 230 -17.09 -30.37 6.16
N GLU A 231 -16.56 -30.09 4.97
CA GLU A 231 -16.89 -30.89 3.77
C GLU A 231 -16.54 -32.40 3.95
N ALA A 232 -15.35 -32.67 4.48
CA ALA A 232 -14.90 -34.05 4.72
C ALA A 232 -15.77 -34.75 5.75
N LEU A 233 -16.12 -34.03 6.83
CA LEU A 233 -17.00 -34.57 7.85
C LEU A 233 -18.40 -34.90 7.35
N LEU A 234 -18.92 -34.09 6.42
CA LEU A 234 -20.28 -34.28 5.94
C LEU A 234 -20.39 -35.12 4.66
N ALA A 235 -19.25 -35.45 4.04
CA ALA A 235 -19.22 -36.11 2.73
C ALA A 235 -20.04 -37.42 2.64
N ASN A 236 -20.10 -38.17 3.74
CA ASN A 236 -20.87 -39.42 3.78
C ASN A 236 -22.37 -39.26 4.09
N THR A 237 -22.82 -38.04 4.35
CA THR A 237 -24.21 -37.75 4.72
C THR A 237 -24.98 -36.89 3.70
N THR A 238 -24.35 -36.53 2.58
CA THR A 238 -24.98 -35.58 1.65
C THR A 238 -26.23 -36.09 0.96
N SER A 239 -26.42 -37.42 0.89
CA SER A 239 -27.70 -37.99 0.43
C SER A 239 -28.87 -37.68 1.36
N ILE A 240 -28.59 -37.42 2.64
CA ILE A 240 -29.66 -37.12 3.60
C ILE A 240 -30.23 -35.71 3.38
N THR A 241 -29.34 -34.74 3.16
CA THR A 241 -29.75 -33.33 3.03
C THR A 241 -29.75 -32.78 1.61
N ASN A 242 -29.00 -33.44 0.71
CA ASN A 242 -28.75 -32.99 -0.66
C ASN A 242 -27.91 -31.69 -0.80
N ALA A 243 -27.34 -31.21 0.31
CA ALA A 243 -26.53 -29.99 0.28
C ALA A 243 -25.07 -30.36 0.03
N THR A 244 -24.55 -29.96 -1.12
CA THR A 244 -23.20 -30.32 -1.56
C THR A 244 -22.31 -29.14 -1.95
N GLY A 245 -22.75 -27.91 -1.66
CA GLY A 245 -21.95 -26.73 -2.01
C GLY A 245 -20.66 -26.59 -1.21
N ASP A 246 -19.77 -25.74 -1.70
CA ASP A 246 -18.49 -25.48 -1.07
C ASP A 246 -18.46 -24.30 -0.08
N HIS A 247 -19.59 -23.64 0.13
CA HIS A 247 -19.72 -22.57 1.14
C HIS A 247 -20.67 -22.98 2.23
N PHE A 248 -20.28 -22.71 3.46
CA PHE A 248 -21.17 -22.81 4.62
C PHE A 248 -21.51 -21.40 5.11
N ALA A 249 -22.59 -21.29 5.86
CA ALA A 249 -22.96 -20.03 6.50
C ALA A 249 -23.54 -20.28 7.87
N THR A 250 -23.06 -19.54 8.88
CA THR A 250 -23.72 -19.55 10.17
C THR A 250 -24.58 -18.31 10.32
N ILE A 251 -25.66 -18.46 11.07
CA ILE A 251 -26.52 -17.35 11.46
C ILE A 251 -26.63 -17.34 12.98
N SER A 252 -26.44 -16.17 13.57
CA SER A 252 -26.37 -16.01 15.02
C SER A 252 -27.71 -15.69 15.63
N GLY A 253 -28.03 -16.36 16.73
CA GLY A 253 -29.27 -16.08 17.42
C GLY A 253 -29.40 -16.84 18.74
N GLY A 254 -30.58 -17.39 18.96
CA GLY A 254 -30.90 -18.09 20.21
C GLY A 254 -32.38 -18.38 20.27
N VAL A 255 -32.81 -18.96 21.39
CA VAL A 255 -34.22 -19.35 21.57
C VAL A 255 -34.69 -18.80 22.92
N HIS A 256 -35.86 -18.16 22.92
CA HIS A 256 -36.38 -17.50 24.11
C HIS A 256 -36.43 -18.48 25.27
N GLY A 257 -35.85 -18.05 26.39
CA GLY A 257 -35.79 -18.83 27.61
C GLY A 257 -34.78 -19.96 27.64
N ASP A 258 -34.12 -20.28 26.52
CA ASP A 258 -33.34 -21.50 26.39
C ASP A 258 -31.91 -21.34 25.83
N GLY A 259 -31.40 -20.12 25.84
CA GLY A 259 -30.02 -19.87 25.50
C GLY A 259 -29.74 -19.54 24.05
N ALA A 260 -28.48 -19.26 23.77
CA ALA A 260 -28.02 -18.85 22.43
C ALA A 260 -27.86 -20.02 21.50
N ARG A 261 -27.87 -19.72 20.20
CA ARG A 261 -27.70 -20.71 19.15
C ARG A 261 -26.90 -20.13 18.00
N LEU A 262 -26.02 -20.94 17.44
CA LEU A 262 -25.40 -20.63 16.16
C LEU A 262 -25.90 -21.67 15.16
N PHE A 263 -26.67 -21.23 14.16
CA PHE A 263 -27.30 -22.11 13.18
C PHE A 263 -26.40 -22.30 11.97
N LEU A 264 -26.22 -23.55 11.53
CA LEU A 264 -25.39 -23.86 10.36
C LEU A 264 -26.19 -24.17 9.12
N TYR A 265 -25.84 -23.48 8.03
CA TYR A 265 -26.43 -23.68 6.71
C TYR A 265 -25.32 -24.11 5.77
N ARG A 266 -25.68 -24.83 4.73
CA ARG A 266 -24.75 -25.16 3.67
C ARG A 266 -25.37 -24.79 2.34
N GLN A 267 -24.58 -24.13 1.52
CA GLN A 267 -24.92 -23.82 0.14
C GLN A 267 -25.37 -25.12 -0.52
N HIS A 268 -26.53 -25.09 -1.16
CA HIS A 268 -27.12 -26.32 -1.66
C HIS A 268 -26.31 -26.89 -2.83
N THR A 269 -25.91 -26.04 -3.75
CA THR A 269 -25.18 -26.45 -4.94
C THR A 269 -24.05 -25.49 -5.23
N THR A 270 -22.86 -26.03 -5.52
CA THR A 270 -21.70 -25.23 -5.87
C THR A 270 -22.03 -24.32 -7.07
N GLY A 271 -21.57 -23.08 -6.99
CA GLY A 271 -21.79 -22.09 -8.04
C GLY A 271 -23.17 -21.46 -8.10
N GLU A 272 -24.05 -21.81 -7.16
CA GLU A 272 -25.40 -21.26 -7.11
C GLU A 272 -25.64 -20.71 -5.70
N PHE A 273 -26.19 -19.50 -5.63
CA PHE A 273 -26.16 -18.72 -4.37
C PHE A 273 -27.51 -18.38 -3.76
N ILE A 274 -28.59 -18.89 -4.37
CA ILE A 274 -29.93 -18.61 -3.88
C ILE A 274 -30.33 -19.59 -2.78
N LYS A 275 -30.04 -20.87 -2.97
CA LYS A 275 -30.52 -21.91 -2.07
C LYS A 275 -29.48 -22.31 -1.03
N TRP A 276 -29.83 -22.11 0.25
CA TRP A 276 -29.01 -22.44 1.41
C TRP A 276 -29.82 -23.39 2.28
N THR A 277 -29.26 -24.55 2.59
CA THR A 277 -29.98 -25.60 3.34
C THR A 277 -29.59 -25.57 4.79
N TYR A 278 -30.58 -25.46 5.67
CA TYR A 278 -30.37 -25.53 7.10
C TYR A 278 -29.99 -26.95 7.49
N LEU A 279 -28.81 -27.11 8.08
CA LEU A 279 -28.35 -28.42 8.57
C LEU A 279 -28.80 -28.64 10.00
N GLY A 280 -28.47 -27.70 10.87
CA GLY A 280 -28.79 -27.80 12.29
C GLY A 280 -28.02 -26.80 13.12
N PRO A 281 -28.27 -26.77 14.44
CA PRO A 281 -27.52 -25.92 15.35
C PRO A 281 -26.08 -26.42 15.49
N LEU A 282 -25.14 -25.50 15.34
CA LEU A 282 -23.72 -25.80 15.44
C LEU A 282 -23.29 -25.66 16.89
N VAL A 283 -23.63 -24.53 17.50
CA VAL A 283 -23.35 -24.27 18.89
C VAL A 283 -24.65 -24.03 19.64
N THR A 284 -24.82 -24.73 20.76
CA THR A 284 -25.98 -24.61 21.61
C THR A 284 -25.45 -24.40 23.02
N THR A 285 -25.82 -23.28 23.64
CA THR A 285 -25.43 -23.00 25.01
C THR A 285 -26.68 -22.71 25.83
N GLY A 286 -26.52 -22.74 27.15
CA GLY A 286 -27.64 -22.56 28.07
C GLY A 286 -27.93 -21.11 28.38
N TYR A 287 -29.14 -20.84 28.86
CA TYR A 287 -29.57 -19.50 29.28
C TYR A 287 -28.65 -18.94 30.39
N LYS A 288 -27.87 -17.92 30.04
CA LYS A 288 -26.85 -17.32 30.90
C LYS A 288 -25.85 -18.32 31.51
N GLU A 289 -25.55 -19.38 30.76
CA GLU A 289 -24.53 -20.37 31.12
C GLU A 289 -23.15 -19.70 31.12
N SER A 290 -22.30 -20.05 32.08
CA SER A 290 -20.91 -19.59 32.10
C SER A 290 -19.99 -20.78 32.24
N TYR A 291 -18.93 -20.86 31.42
CA TYR A 291 -17.89 -21.85 31.61
C TYR A 291 -16.91 -21.47 32.72
N GLY A 292 -16.99 -20.26 33.27
CA GLY A 292 -16.24 -19.86 34.45
C GLY A 292 -15.58 -18.48 34.35
N GLU A 293 -14.68 -18.21 35.30
CA GLU A 293 -14.04 -16.90 35.49
C GLU A 293 -13.19 -16.44 34.30
N TRP A 294 -12.70 -17.40 33.52
CA TRP A 294 -11.85 -17.13 32.35
C TRP A 294 -12.62 -17.05 31.03
N SER A 295 -13.96 -17.15 31.09
CA SER A 295 -14.76 -17.43 29.90
C SER A 295 -15.98 -16.54 29.69
N GLY A 296 -16.11 -15.46 30.46
CA GLY A 296 -17.30 -14.61 30.43
C GLY A 296 -18.59 -15.36 30.69
N ASN A 297 -19.63 -15.05 29.93
CA ASN A 297 -20.95 -15.65 30.08
C ASN A 297 -21.61 -15.75 28.70
N TYR A 298 -22.30 -16.87 28.44
CA TYR A 298 -22.89 -17.12 27.12
C TYR A 298 -24.23 -16.40 26.88
N GLY A 299 -24.73 -15.66 27.88
CA GLY A 299 -25.90 -14.81 27.71
C GLY A 299 -27.13 -15.53 27.20
N ILE A 300 -27.94 -14.82 26.42
CA ILE A 300 -29.21 -15.34 25.91
C ILE A 300 -29.29 -15.43 24.38
N ASN A 301 -28.30 -14.87 23.69
CA ASN A 301 -28.36 -14.65 22.25
C ASN A 301 -26.95 -14.37 21.75
N PHE A 302 -26.59 -14.96 20.60
CA PHE A 302 -25.30 -14.68 19.95
C PHE A 302 -25.46 -13.60 18.88
N GLU A 303 -24.38 -12.85 18.69
CA GLU A 303 -24.23 -11.90 17.59
C GLU A 303 -22.85 -12.03 16.96
N THR A 304 -22.77 -11.66 15.68
CA THR A 304 -21.53 -11.61 14.91
C THR A 304 -20.63 -12.84 15.06
N ALA A 305 -21.24 -14.03 15.10
CA ALA A 305 -20.45 -15.26 15.24
C ALA A 305 -19.71 -15.62 13.96
N GLY A 306 -18.49 -16.14 14.09
CA GLY A 306 -17.72 -16.65 12.97
C GLY A 306 -17.08 -18.01 13.30
N VAL A 307 -16.63 -18.70 12.26
CA VAL A 307 -16.04 -20.03 12.34
C VAL A 307 -14.72 -20.00 11.61
N THR A 308 -13.67 -20.51 12.25
CA THR A 308 -12.37 -20.58 11.63
C THR A 308 -11.63 -21.84 12.05
N ARG A 309 -10.47 -22.05 11.43
CA ARG A 309 -9.60 -23.19 11.76
C ARG A 309 -8.19 -22.68 11.68
N LEU A 310 -7.42 -22.92 12.74
CA LEU A 310 -6.11 -22.30 12.91
C LEU A 310 -5.10 -23.35 13.30
N ASN A 311 -3.83 -23.03 13.05
CA ASN A 311 -2.72 -23.83 13.53
C ASN A 311 -1.68 -22.84 14.07
N PRO A 312 -0.52 -23.34 14.54
CA PRO A 312 0.41 -22.38 15.15
C PRO A 312 0.86 -21.22 14.25
N ALA A 313 0.88 -21.41 12.94
CA ALA A 313 1.33 -20.37 12.01
C ALA A 313 0.24 -19.35 11.62
N GLY A 314 -1.04 -19.70 11.79
CA GLY A 314 -2.15 -18.85 11.32
C GLY A 314 -3.35 -19.66 10.94
N ALA A 315 -3.88 -19.41 9.73
CA ALA A 315 -5.06 -20.11 9.23
C ALA A 315 -4.67 -21.50 8.70
N ALA A 316 -5.55 -22.47 8.94
CA ALA A 316 -5.37 -23.84 8.47
C ALA A 316 -6.55 -24.20 7.56
N TRP A 317 -6.23 -24.71 6.37
CA TRP A 317 -7.26 -25.09 5.39
C TRP A 317 -7.23 -26.61 5.06
N ASP A 318 -6.70 -27.40 5.99
CA ASP A 318 -6.67 -28.86 5.84
C ASP A 318 -8.04 -29.45 6.11
N ASN A 319 -8.21 -30.72 5.71
CA ASN A 319 -9.49 -31.43 5.89
C ASN A 319 -9.62 -32.19 7.22
N GLY A 320 -8.73 -31.92 8.17
CA GLY A 320 -8.68 -32.66 9.44
C GLY A 320 -7.34 -33.35 9.64
N SER A 321 -6.58 -33.53 8.56
CA SER A 321 -5.29 -34.23 8.60
C SER A 321 -4.18 -33.54 9.38
N ASP A 322 -4.28 -32.22 9.57
CA ASP A 322 -3.29 -31.49 10.35
C ASP A 322 -3.63 -31.62 11.84
N THR A 323 -2.84 -32.43 12.54
CA THR A 323 -3.04 -32.68 13.97
C THR A 323 -2.70 -31.47 14.86
N THR A 324 -2.02 -30.46 14.30
CA THR A 324 -1.73 -29.22 15.03
C THR A 324 -2.85 -28.16 14.90
N ALA A 325 -3.85 -28.41 14.05
CA ALA A 325 -4.93 -27.45 13.79
C ALA A 325 -6.06 -27.60 14.82
N VAL A 326 -6.71 -26.49 15.11
CA VAL A 326 -7.82 -26.42 16.08
C VAL A 326 -8.98 -25.65 15.43
N ASP A 327 -10.19 -26.15 15.62
CA ASP A 327 -11.41 -25.47 15.14
C ASP A 327 -11.87 -24.47 16.20
N PHE A 328 -12.18 -23.25 15.77
CA PHE A 328 -12.61 -22.19 16.68
C PHE A 328 -13.90 -21.55 16.18
N VAL A 329 -14.70 -21.09 17.15
CA VAL A 329 -15.83 -20.19 16.88
C VAL A 329 -15.58 -18.93 17.69
N THR A 330 -15.80 -17.76 17.07
CA THR A 330 -15.78 -16.48 17.80
C THR A 330 -17.20 -15.94 17.78
N PHE A 331 -17.63 -15.28 18.85
CA PHE A 331 -19.02 -14.86 18.96
C PHE A 331 -19.22 -13.84 20.07
N GLY A 332 -20.15 -12.91 19.84
CA GLY A 332 -20.63 -12.02 20.89
C GLY A 332 -21.81 -12.66 21.58
N THR A 333 -21.97 -12.34 22.86
CA THR A 333 -23.17 -12.74 23.59
C THR A 333 -23.78 -11.51 24.22
N GLU A 334 -25.09 -11.54 24.40
CA GLU A 334 -25.78 -10.45 25.08
C GLU A 334 -26.61 -10.90 26.28
N GLN A 335 -26.77 -9.95 27.20
CA GLN A 335 -27.53 -10.10 28.44
C GLN A 335 -26.95 -11.11 29.44
N GLY A 336 -25.65 -11.40 29.30
CA GLY A 336 -24.91 -12.21 30.27
C GLY A 336 -23.89 -11.39 31.06
N ARG A 337 -24.04 -10.07 31.08
CA ARG A 337 -23.05 -9.20 31.68
C ARG A 337 -23.72 -7.98 32.28
N ALA A 338 -23.28 -7.57 33.48
CA ALA A 338 -23.90 -6.48 34.22
C ALA A 338 -23.50 -5.08 33.70
N ASP A 339 -22.46 -5.01 32.87
CA ASP A 339 -21.92 -3.74 32.39
C ASP A 339 -21.34 -3.99 30.99
N HIS A 340 -20.54 -3.06 30.44
CA HIS A 340 -20.00 -3.21 29.07
C HIS A 340 -21.14 -3.47 28.08
N GLN A 341 -22.22 -2.69 28.23
CA GLN A 341 -23.38 -2.75 27.35
C GLN A 341 -24.00 -4.15 27.26
N ASN A 342 -23.89 -4.90 28.36
CA ASN A 342 -24.37 -6.28 28.46
C ASN A 342 -23.76 -7.26 27.44
N HIS A 343 -22.53 -6.97 26.97
CA HIS A 343 -21.91 -7.64 25.82
C HIS A 343 -20.54 -8.27 26.13
N TRP A 344 -20.41 -9.56 25.82
CA TRP A 344 -19.13 -10.30 25.91
C TRP A 344 -18.69 -10.69 24.50
N PRO A 345 -17.48 -10.30 24.07
CA PRO A 345 -16.88 -10.91 22.87
C PRO A 345 -16.02 -12.13 23.21
N LEU A 346 -16.51 -13.31 22.83
CA LEU A 346 -15.93 -14.58 23.28
C LEU A 346 -15.37 -15.39 22.14
N TRP A 347 -14.68 -16.47 22.50
CA TRP A 347 -14.27 -17.49 21.55
C TRP A 347 -14.26 -18.86 22.23
N ALA A 348 -14.36 -19.90 21.44
CA ALA A 348 -14.29 -21.28 21.95
C ALA A 348 -13.60 -22.19 20.96
N ALA A 349 -12.73 -23.05 21.49
CA ALA A 349 -12.21 -24.17 20.73
C ALA A 349 -13.29 -25.25 20.75
N VAL A 350 -13.53 -25.88 19.61
CA VAL A 350 -14.62 -26.84 19.47
C VAL A 350 -14.15 -28.14 18.82
N ASP A 351 -14.81 -29.24 19.17
CA ASP A 351 -14.62 -30.54 18.53
C ASP A 351 -15.91 -30.90 17.79
N TYR A 352 -15.82 -31.05 16.48
CA TYR A 352 -16.99 -31.29 15.65
C TYR A 352 -17.41 -32.77 15.72
N GLU A 353 -18.71 -33.01 15.90
CA GLU A 353 -19.31 -34.34 15.78
C GLU A 353 -20.37 -34.30 14.70
N VAL A 354 -20.44 -35.36 13.88
CA VAL A 354 -21.43 -35.46 12.81
C VAL A 354 -22.70 -36.10 13.36
N ARG A 355 -23.84 -35.43 13.16
CA ARG A 355 -25.12 -35.97 13.55
C ARG A 355 -25.65 -36.91 12.47
N ASP A 356 -26.57 -37.79 12.86
CA ASP A 356 -27.19 -38.75 11.95
C ASP A 356 -28.01 -38.07 10.87
N ASN A 357 -28.58 -36.90 11.16
CA ASN A 357 -29.30 -36.13 10.13
C ASN A 357 -28.42 -35.29 9.18
N GLY A 358 -27.11 -35.52 9.20
CA GLY A 358 -26.19 -34.85 8.28
C GLY A 358 -25.91 -33.40 8.66
N SER A 359 -25.84 -33.14 9.96
CA SER A 359 -25.50 -31.83 10.51
C SER A 359 -24.29 -31.99 11.46
N ILE A 360 -23.83 -30.88 12.02
CA ILE A 360 -22.61 -30.85 12.83
C ILE A 360 -22.91 -30.24 14.19
N GLU A 361 -22.50 -30.94 15.25
CA GLU A 361 -22.48 -30.36 16.59
C GLU A 361 -21.05 -29.92 16.89
N ALA A 362 -20.89 -28.66 17.27
CA ALA A 362 -19.60 -28.14 17.73
C ALA A 362 -19.58 -28.20 19.24
N VAL A 363 -18.87 -29.18 19.79
CA VAL A 363 -18.80 -29.39 21.22
C VAL A 363 -17.66 -28.52 21.75
N ILE A 364 -17.95 -27.62 22.69
CA ILE A 364 -16.96 -26.72 23.24
C ILE A 364 -15.92 -27.51 24.08
N ALA A 365 -14.65 -27.38 23.69
CA ALA A 365 -13.50 -28.03 24.37
C ALA A 365 -12.89 -27.13 25.44
N TYR A 366 -12.76 -25.85 25.11
CA TYR A 366 -12.41 -24.80 26.06
C TYR A 366 -12.85 -23.46 25.48
N SER A 367 -12.95 -22.46 26.35
CA SER A 367 -13.71 -21.24 26.03
C SER A 367 -13.09 -20.03 26.69
N GLY A 368 -12.85 -18.99 25.89
CA GLY A 368 -12.18 -17.79 26.37
C GLY A 368 -12.85 -16.48 25.93
N VAL A 369 -12.09 -15.40 26.10
CA VAL A 369 -12.54 -14.03 25.87
C VAL A 369 -11.60 -13.41 24.83
N GLN A 370 -12.19 -12.80 23.80
CA GLN A 370 -11.39 -12.19 22.73
C GLN A 370 -10.85 -10.82 23.15
N ASP A 371 -11.63 -10.08 23.93
CA ASP A 371 -11.22 -8.79 24.49
C ASP A 371 -12.04 -8.54 25.76
N TRP A 372 -11.37 -8.10 26.82
CA TRP A 372 -12.00 -7.95 28.14
C TRP A 372 -12.59 -6.57 28.41
N GLY A 373 -12.40 -5.62 27.48
CA GLY A 373 -12.85 -4.26 27.69
C GLY A 373 -14.05 -3.82 26.86
N ARG A 374 -14.04 -2.54 26.48
CA ARG A 374 -15.16 -1.91 25.77
C ARG A 374 -15.09 -2.15 24.26
N SER A 375 -15.09 -3.42 23.88
CA SER A 375 -15.15 -3.82 22.48
C SER A 375 -16.06 -5.00 22.29
N TYR A 376 -16.49 -5.18 21.03
CA TYR A 376 -17.53 -6.13 20.67
C TYR A 376 -17.55 -6.27 19.16
N ALA A 377 -18.29 -7.25 18.67
CA ALA A 377 -18.59 -7.40 17.25
C ALA A 377 -17.35 -7.69 16.45
N TYR A 378 -16.54 -8.63 16.94
CA TYR A 378 -15.35 -9.06 16.22
C TYR A 378 -15.76 -9.84 14.97
N ALA A 379 -15.11 -9.50 13.86
CA ALA A 379 -15.23 -10.19 12.59
C ALA A 379 -13.85 -10.71 12.22
N SER A 380 -13.77 -11.90 11.62
CA SER A 380 -12.50 -12.43 11.11
C SER A 380 -12.63 -12.80 9.63
N PHE A 381 -11.54 -12.66 8.91
CA PHE A 381 -11.52 -12.93 7.48
C PHE A 381 -10.18 -13.47 7.01
N PRO A 382 -10.19 -14.27 5.94
CA PRO A 382 -8.94 -14.88 5.46
C PRO A 382 -8.08 -13.90 4.70
N VAL A 383 -6.77 -14.02 4.88
CA VAL A 383 -5.80 -13.15 4.23
C VAL A 383 -4.71 -14.03 3.67
N GLU A 384 -4.20 -13.67 2.50
CA GLU A 384 -3.18 -14.46 1.82
C GLU A 384 -1.96 -14.72 2.69
N GLY A 385 -1.32 -15.84 2.43
CA GLY A 385 -0.24 -16.37 3.28
C GLY A 385 -0.72 -17.10 4.53
N TYR A 386 -1.87 -17.76 4.43
CA TYR A 386 -2.41 -18.60 5.49
C TYR A 386 -2.62 -17.82 6.78
N ARG A 387 -3.35 -16.70 6.66
CA ARG A 387 -3.68 -15.87 7.80
C ARG A 387 -5.19 -15.78 7.97
N GLN A 388 -5.59 -15.60 9.23
CA GLN A 388 -6.95 -15.22 9.58
C GLN A 388 -6.82 -13.97 10.44
N VAL A 389 -7.44 -12.87 9.99
CA VAL A 389 -7.30 -11.58 10.64
C VAL A 389 -8.62 -11.17 11.26
N SER A 390 -8.57 -10.70 12.50
CA SER A 390 -9.76 -10.36 13.28
C SER A 390 -9.70 -8.87 13.65
N VAL A 391 -10.87 -8.23 13.65
CA VAL A 391 -10.99 -6.83 14.04
C VAL A 391 -12.38 -6.61 14.64
N GLY A 392 -12.44 -5.75 15.64
CA GLY A 392 -13.69 -5.46 16.35
C GLY A 392 -13.98 -3.98 16.42
N TRP A 393 -15.03 -3.66 17.19
CA TRP A 393 -15.49 -2.29 17.40
C TRP A 393 -15.27 -1.90 18.86
N ILE A 394 -14.63 -0.75 19.06
CA ILE A 394 -14.46 -0.14 20.39
C ILE A 394 -15.49 0.99 20.50
N TYR A 395 -16.45 0.79 21.39
CA TYR A 395 -17.46 1.82 21.66
C TYR A 395 -16.86 2.88 22.60
N GLU A 396 -17.54 4.01 22.71
CA GLU A 396 -17.12 5.09 23.60
C GLU A 396 -17.48 4.70 25.04
N ASP A 397 -17.07 5.52 26.01
CA ASP A 397 -17.52 5.34 27.39
C ASP A 397 -18.33 6.57 27.83
N ASP A 398 -19.45 6.76 27.12
CA ASP A 398 -20.38 7.86 27.35
C ASP A 398 -21.78 7.29 27.16
N ASP A 399 -22.11 6.30 27.97
CA ASP A 399 -23.36 5.54 27.79
C ASP A 399 -24.64 6.34 28.00
N ASN A 400 -24.56 7.46 28.74
CA ASN A 400 -25.71 8.36 28.88
C ASN A 400 -25.79 9.45 27.81
N VAL A 401 -24.88 9.41 26.82
CA VAL A 401 -24.95 10.25 25.64
C VAL A 401 -24.89 11.73 26.02
N ILE A 402 -23.97 12.06 26.91
CA ILE A 402 -23.86 13.42 27.47
C ILE A 402 -23.06 14.34 26.56
N LEU A 403 -21.97 13.84 25.97
CA LEU A 403 -21.12 14.65 25.11
C LEU A 403 -21.00 14.13 23.66
N ALA A 404 -21.87 13.19 23.27
CA ALA A 404 -21.81 12.60 21.91
C ALA A 404 -21.99 13.65 20.82
N LYS A 405 -22.97 14.54 20.97
CA LYS A 405 -23.17 15.59 19.97
C LYS A 405 -21.98 16.53 19.86
N GLN A 406 -21.37 16.81 21.00
CA GLN A 406 -20.19 17.66 21.04
C GLN A 406 -18.99 16.98 20.35
N PHE A 407 -18.84 15.66 20.53
CA PHE A 407 -17.86 14.88 19.73
C PHE A 407 -18.15 15.00 18.23
N GLY A 408 -19.41 14.78 17.85
CA GLY A 408 -19.77 14.69 16.44
C GLY A 408 -19.48 13.35 15.77
N TYR A 409 -19.14 12.35 16.58
CA TYR A 409 -18.88 10.97 16.14
C TYR A 409 -18.97 10.05 17.35
N GLN A 410 -19.13 8.76 17.08
CA GLN A 410 -19.03 7.72 18.09
C GLN A 410 -18.39 6.48 17.46
N GLY A 411 -17.36 5.94 18.11
CA GLY A 411 -16.87 4.59 17.81
C GLY A 411 -15.60 4.59 16.99
N ALA A 412 -14.85 3.48 17.12
CA ALA A 412 -13.70 3.18 16.26
C ALA A 412 -13.54 1.68 16.15
N PHE A 413 -12.63 1.24 15.30
CA PHE A 413 -12.22 -0.16 15.30
C PHE A 413 -11.13 -0.39 16.35
N THR A 414 -10.94 -1.65 16.69
CA THR A 414 -9.71 -2.14 17.31
C THR A 414 -8.62 -2.14 16.26
N LEU A 415 -7.41 -2.51 16.65
CA LEU A 415 -6.39 -2.85 15.66
C LEU A 415 -6.75 -4.19 15.02
N PHE A 416 -6.17 -4.44 13.86
CA PHE A 416 -6.34 -5.70 13.17
C PHE A 416 -5.40 -6.73 13.79
N ARG A 417 -5.90 -7.93 14.03
CA ARG A 417 -5.16 -8.94 14.78
C ARG A 417 -5.01 -10.22 14.00
N ASP A 418 -3.79 -10.75 13.91
CA ASP A 418 -3.60 -12.11 13.39
C ASP A 418 -4.04 -13.10 14.46
N LEU A 419 -4.87 -14.05 14.07
CA LEU A 419 -5.23 -15.19 14.92
C LEU A 419 -4.33 -16.39 14.57
N PHE A 420 -4.02 -17.18 15.59
CA PHE A 420 -3.20 -18.36 15.45
C PHE A 420 -3.38 -19.22 16.70
N VAL A 421 -2.87 -20.45 16.67
CA VAL A 421 -2.87 -21.32 17.85
C VAL A 421 -1.61 -21.01 18.64
N LYS A 422 -1.77 -20.45 19.84
CA LYS A 422 -0.65 -20.19 20.74
C LYS A 422 -0.29 -21.49 21.44
N VAL A 423 0.96 -21.94 21.28
CA VAL A 423 1.48 -23.14 21.92
C VAL A 423 2.63 -22.73 22.84
N VAL A 424 2.53 -23.07 24.13
CA VAL A 424 3.60 -22.81 25.11
C VAL A 424 4.14 -24.17 25.52
N GLU A 425 5.43 -24.38 25.29
CA GLU A 425 6.08 -25.65 25.61
C GLU A 425 6.78 -25.60 26.94
N ASN A 426 7.01 -26.78 27.52
CA ASN A 426 7.77 -26.95 28.75
C ASN A 426 7.20 -26.15 29.90
N VAL A 427 5.87 -26.18 30.03
CA VAL A 427 5.21 -25.49 31.13
C VAL A 427 5.34 -26.36 32.39
N SER A 428 5.65 -25.71 33.51
CA SER A 428 5.76 -26.37 34.81
C SER A 428 4.37 -26.80 35.32
N PRO A 429 4.23 -28.08 35.74
CA PRO A 429 3.00 -28.54 36.39
C PRO A 429 2.60 -27.79 37.66
N SER A 430 3.52 -27.05 38.27
CA SER A 430 3.20 -26.26 39.46
C SER A 430 2.64 -24.86 39.16
N THR A 431 2.49 -24.51 37.89
CA THR A 431 1.78 -23.29 37.53
C THR A 431 0.40 -23.31 38.21
N PRO A 432 0.09 -22.31 39.04
CA PRO A 432 -1.20 -22.31 39.73
C PRO A 432 -2.39 -22.37 38.78
N GLY A 433 -3.37 -23.21 39.11
CA GLY A 433 -4.61 -23.35 38.32
C GLY A 433 -4.48 -23.99 36.94
N LEU A 434 -3.36 -24.61 36.63
CA LEU A 434 -3.07 -25.03 35.25
C LEU A 434 -4.01 -26.11 34.71
N PHE A 435 -4.46 -27.02 35.59
CA PHE A 435 -5.26 -28.17 35.15
C PHE A 435 -6.78 -27.96 35.20
N GLU A 436 -7.18 -26.72 35.48
CA GLU A 436 -8.54 -26.31 35.25
C GLU A 436 -8.84 -26.36 33.75
N GLN A 437 -7.83 -26.11 32.91
CA GLN A 437 -7.99 -26.10 31.44
C GLN A 437 -9.22 -25.23 31.00
N ALA A 438 -9.33 -24.07 31.61
CA ALA A 438 -10.52 -23.19 31.42
C ALA A 438 -10.62 -22.63 29.99
N SER A 439 -9.69 -21.77 29.62
CA SER A 439 -9.57 -21.23 28.26
C SER A 439 -8.30 -21.70 27.55
N TRP A 440 -7.79 -22.88 27.94
CA TRP A 440 -6.64 -23.50 27.30
C TRP A 440 -6.78 -25.01 27.44
N SER A 441 -5.98 -25.74 26.68
CA SER A 441 -5.85 -27.17 26.84
C SER A 441 -4.44 -27.48 27.34
N THR A 442 -4.30 -28.60 28.05
CA THR A 442 -3.01 -29.07 28.53
C THR A 442 -2.79 -30.49 28.05
N LYS A 443 -1.56 -30.77 27.66
CA LYS A 443 -1.14 -32.10 27.32
C LYS A 443 0.16 -32.42 28.05
N ASN A 444 0.13 -33.45 28.88
CA ASN A 444 1.32 -33.91 29.59
C ASN A 444 2.37 -34.53 28.68
N SER A 445 3.63 -34.33 29.05
CA SER A 445 4.72 -35.11 28.47
C SER A 445 4.59 -36.58 28.91
N THR A 446 5.22 -37.49 28.17
CA THR A 446 5.26 -38.91 28.54
C THR A 446 5.64 -39.15 30.02
N ASP A 447 6.67 -38.45 30.49
CA ASP A 447 7.14 -38.61 31.88
C ASP A 447 6.38 -37.81 32.94
N GLY A 448 5.43 -36.96 32.52
CA GLY A 448 4.62 -36.16 33.44
C GLY A 448 5.29 -34.97 34.12
N MET A 449 6.50 -34.61 33.67
CA MET A 449 7.29 -33.53 34.31
C MET A 449 7.08 -32.14 33.66
N SER A 450 6.50 -32.13 32.47
CA SER A 450 6.16 -30.89 31.78
C SER A 450 4.84 -31.01 31.03
N VAL A 451 4.33 -29.85 30.62
CA VAL A 451 3.02 -29.74 29.97
C VAL A 451 3.15 -28.84 28.75
N THR A 452 2.42 -29.18 27.69
CA THR A 452 2.24 -28.30 26.53
C THR A 452 0.88 -27.63 26.68
N VAL A 453 0.87 -26.29 26.63
CA VAL A 453 -0.36 -25.51 26.72
C VAL A 453 -0.75 -25.02 25.33
N THR A 454 -2.04 -25.14 24.99
CA THR A 454 -2.58 -24.66 23.72
C THR A 454 -3.75 -23.71 24.03
N THR A 455 -3.76 -22.55 23.38
CA THR A 455 -4.87 -21.61 23.47
C THR A 455 -4.97 -20.79 22.18
N LEU A 456 -5.92 -19.85 22.15
CA LEU A 456 -6.04 -18.92 21.01
C LEU A 456 -5.00 -17.83 21.16
N GLY A 457 -4.20 -17.61 20.12
CA GLY A 457 -3.26 -16.50 20.08
C GLY A 457 -3.86 -15.35 19.30
N GLN A 458 -3.56 -14.14 19.75
CA GLN A 458 -3.93 -12.90 19.06
C GLN A 458 -2.74 -11.97 19.11
N ARG A 459 -2.36 -11.40 17.97
CA ARG A 459 -1.31 -10.39 17.95
C ARG A 459 -1.63 -9.35 16.88
N VAL A 460 -1.18 -8.12 17.10
CA VAL A 460 -1.41 -7.05 16.14
C VAL A 460 -0.71 -7.45 14.85
N VAL A 461 -1.37 -7.25 13.72
CA VAL A 461 -0.79 -7.57 12.42
C VAL A 461 0.57 -6.88 12.25
N PRO A 462 1.57 -7.61 11.72
CA PRO A 462 2.93 -7.04 11.69
C PRO A 462 3.08 -5.79 10.84
N GLU A 463 2.23 -5.64 9.82
CA GLU A 463 2.21 -4.44 8.97
C GLU A 463 1.99 -3.18 9.80
N THR A 464 1.08 -3.26 10.78
CA THR A 464 0.76 -2.13 11.63
C THR A 464 1.88 -1.85 12.63
N LEU A 465 2.44 -2.89 13.23
CA LEU A 465 3.57 -2.73 14.16
C LEU A 465 4.76 -2.08 13.45
N ALA A 466 5.06 -2.52 12.24
CA ALA A 466 6.17 -1.97 11.46
C ALA A 466 5.95 -0.51 11.09
N ALA A 467 4.75 -0.20 10.58
CA ALA A 467 4.41 1.15 10.18
C ALA A 467 4.40 2.11 11.38
N TYR A 468 3.81 1.68 12.49
CA TYR A 468 3.78 2.47 13.74
C TYR A 468 5.19 2.84 14.21
N LYS A 469 6.04 1.82 14.33
CA LYS A 469 7.41 2.03 14.80
C LYS A 469 8.20 2.92 13.84
N GLY A 470 8.11 2.62 12.55
CA GLY A 470 8.89 3.37 11.55
C GLY A 470 8.50 4.83 11.37
N ASN A 471 7.25 5.15 11.68
CA ASN A 471 6.76 6.52 11.56
C ASN A 471 6.87 7.29 12.89
N SER A 472 7.17 6.60 13.98
CA SER A 472 7.28 7.22 15.30
C SER A 472 8.71 7.69 15.60
N THR A 473 8.82 8.61 16.55
CA THR A 473 10.09 8.83 17.25
C THR A 473 10.22 7.74 18.30
N VAL A 474 11.19 6.84 18.11
CA VAL A 474 11.35 5.68 18.97
C VAL A 474 12.41 5.95 20.04
N SER A 475 12.05 5.76 21.30
CA SER A 475 12.99 5.85 22.43
C SER A 475 13.16 4.49 23.06
N THR A 476 14.34 3.91 22.95
CA THR A 476 14.66 2.63 23.60
C THR A 476 15.12 2.98 25.00
N LEU A 477 14.43 2.45 26.01
CA LEU A 477 14.66 2.86 27.40
C LEU A 477 15.47 1.81 28.14
N ALA A 478 16.32 2.27 29.05
CA ALA A 478 17.13 1.38 29.89
C ALA A 478 16.22 0.52 30.78
N PRO A 479 16.63 -0.74 31.05
CA PRO A 479 15.86 -1.56 32.00
C PRO A 479 15.75 -0.90 33.37
N VAL A 480 14.65 -1.18 34.07
CA VAL A 480 14.39 -0.59 35.37
C VAL A 480 14.07 -1.71 36.34
N MET A 481 14.83 -1.77 37.43
CA MET A 481 14.58 -2.71 38.51
C MET A 481 13.70 -2.01 39.54
N LEU A 482 12.53 -2.56 39.80
CA LEU A 482 11.58 -2.01 40.78
C LEU A 482 11.74 -2.74 42.11
N ASN A 483 12.25 -2.03 43.12
CA ASN A 483 12.53 -2.61 44.44
C ASN A 483 12.06 -1.65 45.54
N GLU A 484 12.70 -1.66 46.69
CA GLU A 484 12.31 -0.79 47.82
C GLU A 484 12.38 0.70 47.51
N SER A 485 13.29 1.08 46.60
CA SER A 485 13.45 2.49 46.22
C SER A 485 12.45 2.99 45.16
N ALA A 486 11.62 2.10 44.63
CA ALA A 486 10.69 2.45 43.55
C ALA A 486 9.60 3.36 44.06
N ALA A 487 9.40 4.50 43.39
CA ALA A 487 8.24 5.35 43.67
C ALA A 487 6.97 4.67 43.12
N ALA A 488 5.80 5.14 43.55
CA ALA A 488 4.52 4.61 43.05
C ALA A 488 4.46 4.76 41.52
N TYR A 489 4.85 5.94 41.04
CA TYR A 489 4.92 6.26 39.62
C TYR A 489 6.30 6.81 39.26
N THR A 490 6.92 6.24 38.24
CA THR A 490 8.22 6.67 37.73
C THR A 490 8.10 7.00 36.24
N PRO A 491 8.05 8.29 35.87
CA PRO A 491 7.99 8.67 34.46
C PRO A 491 9.13 8.09 33.64
N PHE A 492 8.85 7.72 32.39
CA PHE A 492 9.91 7.27 31.49
C PHE A 492 10.88 8.41 31.21
N SER A 493 12.14 8.05 30.95
CA SER A 493 13.20 9.02 30.65
C SER A 493 12.95 9.84 29.39
N SER A 494 12.16 9.29 28.46
CA SER A 494 11.58 10.04 27.35
C SER A 494 10.06 10.02 27.47
N GLN A 495 9.44 11.13 27.11
CA GLN A 495 7.99 11.30 27.24
C GLN A 495 7.31 11.43 25.88
N PRO A 496 6.02 11.03 25.81
CA PRO A 496 5.24 11.28 24.60
C PRO A 496 5.06 12.77 24.37
N THR A 497 4.76 13.17 23.14
CA THR A 497 4.46 14.56 22.80
C THR A 497 2.97 14.83 22.54
N ASP A 498 2.14 13.78 22.56
CA ASP A 498 0.69 13.94 22.27
C ASP A 498 0.02 12.63 22.69
N ARG A 499 -1.25 12.42 22.33
CA ARG A 499 -2.01 11.25 22.77
C ARG A 499 -1.96 10.09 21.77
N PHE A 500 -0.82 9.92 21.09
CA PHE A 500 -0.66 8.92 20.04
C PHE A 500 0.69 8.27 20.22
N TYR A 501 0.69 7.14 20.91
CA TYR A 501 1.92 6.43 21.20
C TYR A 501 1.73 4.97 21.57
N ALA A 502 2.82 4.21 21.52
CA ALA A 502 2.83 2.83 21.96
C ALA A 502 3.95 2.61 22.98
N LEU A 503 3.70 1.68 23.88
CA LEU A 503 4.67 1.24 24.89
C LEU A 503 4.84 -0.26 24.78
N THR A 504 6.08 -0.73 24.94
CA THR A 504 6.36 -2.15 25.13
C THR A 504 7.12 -2.31 26.45
N GLY A 505 6.90 -3.43 27.13
CA GLY A 505 7.68 -3.78 28.32
C GLY A 505 7.51 -5.23 28.71
N SER A 506 8.57 -5.82 29.26
CA SER A 506 8.55 -7.18 29.79
C SER A 506 8.78 -7.08 31.29
N PHE A 507 7.82 -7.60 32.05
CA PHE A 507 7.82 -7.51 33.50
C PHE A 507 8.14 -8.88 34.08
N GLU A 508 9.29 -9.00 34.74
CA GLU A 508 9.73 -10.27 35.32
C GLU A 508 9.42 -10.28 36.82
N PHE A 509 8.57 -11.22 37.22
CA PHE A 509 8.11 -11.33 38.60
C PHE A 509 8.66 -12.60 39.25
N GLY A 510 8.89 -12.54 40.56
CA GLY A 510 9.15 -13.76 41.33
C GLY A 510 7.94 -14.66 41.35
N LEU A 511 8.16 -15.96 41.44
CA LEU A 511 7.07 -16.94 41.46
C LEU A 511 6.10 -16.80 42.64
N ASN A 512 6.53 -16.20 43.75
CA ASN A 512 5.64 -16.04 44.90
C ASN A 512 5.43 -14.57 45.22
N THR A 513 5.53 -13.73 44.19
CA THR A 513 5.39 -12.28 44.38
C THR A 513 4.01 -11.90 44.87
N THR A 514 3.95 -10.82 45.63
CA THR A 514 2.71 -10.09 45.91
C THR A 514 2.84 -8.65 45.44
N ALA A 515 3.84 -8.36 44.63
CA ALA A 515 4.03 -7.02 44.11
C ALA A 515 3.13 -6.84 42.87
N LYS A 516 2.83 -5.58 42.58
CA LYS A 516 2.07 -5.21 41.38
C LYS A 516 2.94 -4.25 40.59
N ALA A 517 2.85 -4.33 39.27
CA ALA A 517 3.52 -3.36 38.43
C ALA A 517 2.75 -3.17 37.11
N GLY A 518 3.09 -2.09 36.42
CA GLY A 518 2.49 -1.84 35.11
C GLY A 518 2.86 -0.50 34.54
N PHE A 519 1.93 0.10 33.80
CA PHE A 519 2.15 1.35 33.10
C PHE A 519 1.07 2.35 33.48
N ARG A 520 1.49 3.58 33.70
CA ARG A 520 0.58 4.72 33.75
C ARG A 520 0.68 5.44 32.42
N VAL A 521 -0.48 5.83 31.86
CA VAL A 521 -0.55 6.51 30.56
C VAL A 521 -1.52 7.70 30.62
N LEU A 522 -1.44 8.56 29.60
CA LEU A 522 -2.27 9.79 29.51
C LEU A 522 -2.26 10.56 30.83
N ALA A 523 -1.04 10.80 31.31
CA ALA A 523 -0.79 11.22 32.67
C ALA A 523 -0.24 12.65 32.78
N SER A 524 -0.90 13.42 33.64
CA SER A 524 -0.36 14.66 34.19
C SER A 524 -0.45 14.47 35.70
N GLU A 525 -0.19 15.52 36.47
CA GLU A 525 -0.33 15.44 37.93
C GLU A 525 -1.75 15.05 38.33
N GLU A 526 -2.76 15.62 37.68
CA GLU A 526 -4.15 15.48 38.08
C GLU A 526 -5.01 14.47 37.32
N GLU A 527 -4.56 14.04 36.16
CA GLU A 527 -5.30 13.06 35.36
C GLU A 527 -4.33 11.98 34.93
N TYR A 528 -4.76 10.73 35.05
CA TYR A 528 -3.92 9.60 34.63
C TYR A 528 -4.73 8.32 34.62
N THR A 529 -4.23 7.35 33.86
CA THR A 529 -4.87 6.05 33.73
C THR A 529 -3.82 5.00 34.07
N ASP A 530 -4.16 4.12 35.01
CA ASP A 530 -3.21 3.15 35.55
C ASP A 530 -3.52 1.75 35.09
N ILE A 531 -2.54 1.12 34.43
CA ILE A 531 -2.63 -0.26 33.97
C ILE A 531 -1.74 -1.12 34.87
N TRP A 532 -2.37 -1.98 35.67
CA TRP A 532 -1.68 -2.77 36.70
C TRP A 532 -1.79 -4.24 36.36
N PHE A 533 -0.73 -4.99 36.62
CA PHE A 533 -0.85 -6.44 36.70
C PHE A 533 -0.46 -6.89 38.11
N ASP A 534 -1.25 -7.83 38.63
CA ASP A 534 -1.13 -8.34 40.00
C ASP A 534 -1.07 -9.85 39.89
N PRO A 535 0.16 -10.39 39.77
CA PRO A 535 0.34 -11.83 39.57
C PRO A 535 -0.34 -12.73 40.62
N ALA A 536 -0.41 -12.26 41.87
CA ALA A 536 -1.02 -13.06 42.95
C ALA A 536 -2.50 -13.36 42.69
N SER A 537 -3.23 -12.37 42.17
CA SER A 537 -4.64 -12.54 41.79
C SER A 537 -4.88 -12.94 40.31
N GLU A 538 -3.84 -12.79 39.48
CA GLU A 538 -3.88 -13.05 38.02
C GLU A 538 -4.72 -12.03 37.26
N ASN A 539 -4.85 -10.84 37.82
CA ASN A 539 -5.73 -9.81 37.28
C ASN A 539 -4.92 -8.68 36.68
N LEU A 540 -5.22 -8.35 35.43
CA LEU A 540 -4.75 -7.15 34.76
C LEU A 540 -5.89 -6.15 34.85
N THR A 541 -5.63 -4.98 35.44
CA THR A 541 -6.67 -3.98 35.65
C THR A 541 -6.30 -2.66 35.02
N VAL A 542 -7.31 -1.88 34.65
CA VAL A 542 -7.16 -0.51 34.23
C VAL A 542 -8.01 0.33 35.17
N VAL A 543 -7.34 1.10 36.03
CA VAL A 543 -7.98 1.94 37.03
C VAL A 543 -8.16 3.32 36.44
N ARG A 544 -9.40 3.77 36.40
CA ARG A 544 -9.79 5.00 35.71
C ARG A 544 -10.47 6.03 36.60
N THR A 545 -10.31 5.88 37.91
CA THR A 545 -10.87 6.83 38.87
C THR A 545 -10.32 8.25 38.67
N ALA A 546 -9.11 8.37 38.13
CA ALA A 546 -8.51 9.65 37.83
C ALA A 546 -8.28 9.92 36.32
N SER A 547 -8.86 9.10 35.44
CA SER A 547 -8.61 9.23 33.99
C SER A 547 -8.95 10.61 33.45
N SER A 548 -10.01 11.23 33.97
CA SER A 548 -10.45 12.55 33.51
C SER A 548 -11.10 13.43 34.59
N LEU A 549 -10.86 14.72 34.50
CA LEU A 549 -11.62 15.74 35.26
C LEU A 549 -13.07 15.89 34.79
N ILE A 550 -13.38 15.41 33.58
CA ILE A 550 -14.75 15.44 33.07
C ILE A 550 -15.48 14.25 33.68
N LYS A 551 -16.48 14.53 34.52
CA LYS A 551 -17.09 13.47 35.36
C LYS A 551 -18.15 12.60 34.66
N SER A 552 -18.60 13.00 33.48
CA SER A 552 -19.68 12.26 32.80
C SER A 552 -19.23 10.98 32.09
N PHE A 553 -17.93 10.82 31.85
CA PHE A 553 -17.40 9.60 31.22
C PHE A 553 -17.28 8.45 32.20
N GLY A 554 -17.29 7.23 31.67
CA GLY A 554 -17.17 6.03 32.50
C GLY A 554 -15.84 5.99 33.24
N ASN A 555 -15.88 5.46 34.46
CA ASN A 555 -14.69 5.39 35.32
C ASN A 555 -14.51 4.07 36.04
N ASP A 556 -15.26 3.05 35.63
CA ASP A 556 -15.16 1.74 36.23
C ASP A 556 -13.83 1.08 35.88
N THR A 557 -13.37 0.22 36.78
CA THR A 557 -12.09 -0.47 36.63
C THR A 557 -12.25 -1.61 35.64
N GLU A 558 -11.40 -1.65 34.61
CA GLU A 558 -11.42 -2.76 33.66
C GLU A 558 -10.63 -3.92 34.27
N LEU A 559 -10.98 -5.15 33.90
CA LEU A 559 -10.32 -6.34 34.42
C LEU A 559 -10.22 -7.46 33.39
N ALA A 560 -9.01 -7.98 33.20
CA ALA A 560 -8.76 -9.20 32.46
C ALA A 560 -8.02 -10.22 33.31
N LYS A 561 -8.28 -11.49 33.10
CA LYS A 561 -7.50 -12.58 33.69
C LYS A 561 -6.35 -12.91 32.75
N VAL A 562 -5.14 -13.06 33.29
CA VAL A 562 -3.97 -13.45 32.50
C VAL A 562 -3.25 -14.57 33.23
N LYS A 563 -3.07 -15.70 32.55
CA LYS A 563 -2.35 -16.83 33.09
C LYS A 563 -0.90 -16.75 32.65
N LEU A 564 0.00 -16.51 33.61
CA LEU A 564 1.44 -16.60 33.33
C LEU A 564 1.85 -18.06 33.46
N TYR A 565 2.01 -18.71 32.31
CA TYR A 565 2.42 -20.11 32.26
C TYR A 565 3.90 -20.16 32.65
N GLU A 566 4.19 -20.81 33.79
CA GLU A 566 5.54 -20.84 34.35
C GLU A 566 6.31 -21.91 33.60
N ILE A 567 7.56 -21.63 33.23
CA ILE A 567 8.36 -22.55 32.42
C ILE A 567 9.26 -23.41 33.33
N VAL A 568 9.40 -24.69 32.98
CA VAL A 568 10.20 -25.65 33.76
C VAL A 568 11.62 -25.11 33.89
N GLY A 569 12.11 -25.02 35.13
CA GLY A 569 13.46 -24.53 35.40
C GLY A 569 13.56 -23.04 35.66
N ALA A 570 12.50 -22.27 35.37
CA ALA A 570 12.53 -20.83 35.55
C ALA A 570 12.28 -20.49 37.00
N GLU A 571 12.92 -19.42 37.47
CA GLU A 571 12.72 -18.94 38.83
C GLU A 571 11.93 -17.63 38.85
N SER A 572 11.25 -17.35 37.73
CA SER A 572 10.45 -16.15 37.59
C SER A 572 9.37 -16.40 36.53
N LYS A 573 8.47 -15.44 36.41
CA LYS A 573 7.39 -15.50 35.41
C LYS A 573 7.25 -14.11 34.80
N THR A 574 6.99 -14.08 33.49
CA THR A 574 7.09 -12.86 32.71
C THR A 574 5.76 -12.47 32.01
N LEU A 575 5.45 -11.18 32.10
CA LEU A 575 4.32 -10.55 31.41
C LEU A 575 4.90 -9.61 30.36
N ASN A 576 4.62 -9.87 29.09
CA ASN A 576 4.97 -8.97 28.00
C ASN A 576 3.76 -8.12 27.63
N LEU A 577 3.87 -6.83 27.87
CA LEU A 577 2.78 -5.89 27.64
C LEU A 577 3.11 -5.00 26.45
N THR A 578 2.13 -4.82 25.56
CA THR A 578 2.16 -3.80 24.52
C THR A 578 0.90 -2.94 24.70
N VAL A 579 1.08 -1.62 24.78
CA VAL A 579 -0.03 -0.70 24.99
C VAL A 579 -0.05 0.37 23.91
N PHE A 580 -1.23 0.55 23.30
CA PHE A 580 -1.45 1.60 22.30
C PHE A 580 -2.38 2.64 22.88
N VAL A 581 -1.94 3.88 22.81
CA VAL A 581 -2.68 5.05 23.21
C VAL A 581 -2.95 5.83 21.95
N ASP A 582 -4.23 6.06 21.65
CA ASP A 582 -4.64 6.63 20.38
C ASP A 582 -5.87 7.51 20.60
N GLY A 583 -5.63 8.77 20.90
CA GLY A 583 -6.69 9.70 21.27
C GLY A 583 -7.23 9.32 22.63
N SER A 584 -8.41 8.71 22.63
CA SER A 584 -9.06 8.19 23.83
C SER A 584 -8.98 6.67 23.97
N VAL A 585 -8.52 5.96 22.93
CA VAL A 585 -8.41 4.53 22.98
C VAL A 585 -7.14 4.15 23.75
N ILE A 586 -7.28 3.19 24.65
CA ILE A 586 -6.14 2.50 25.26
C ILE A 586 -6.36 1.03 24.94
N GLU A 587 -5.45 0.44 24.18
CA GLU A 587 -5.58 -0.94 23.74
C GLU A 587 -4.37 -1.71 24.23
N ILE A 588 -4.61 -2.74 25.04
CA ILE A 588 -3.58 -3.47 25.76
C ILE A 588 -3.52 -4.90 25.26
N TYR A 589 -2.31 -5.36 24.98
CA TYR A 589 -2.07 -6.72 24.58
C TYR A 589 -1.07 -7.36 25.54
N ALA A 590 -1.38 -8.56 26.03
CA ALA A 590 -0.46 -9.31 26.90
C ALA A 590 -0.12 -10.67 26.31
N ASN A 591 1.18 -10.93 26.17
CA ASN A 591 1.70 -12.24 25.78
C ASN A 591 1.10 -12.82 24.50
N ASP A 592 0.75 -11.96 23.54
CA ASP A 592 0.10 -12.40 22.29
C ASP A 592 -1.12 -13.31 22.52
N GLU A 593 -1.93 -12.93 23.50
CA GLU A 593 -3.01 -13.79 23.96
C GLU A 593 -4.19 -12.98 24.47
N VAL A 594 -3.92 -12.09 25.43
CA VAL A 594 -4.96 -11.35 26.12
C VAL A 594 -5.04 -9.93 25.55
N ALA A 595 -6.26 -9.46 25.29
CA ALA A 595 -6.48 -8.10 24.80
C ALA A 595 -7.51 -7.40 25.68
N LEU A 596 -7.30 -6.12 25.90
CA LEU A 596 -8.22 -5.30 26.68
C LEU A 596 -8.22 -3.90 26.08
N SER A 597 -9.38 -3.50 25.51
CA SER A 597 -9.55 -2.18 24.91
C SER A 597 -10.40 -1.34 25.85
N THR A 598 -10.00 -0.09 26.09
CA THR A 598 -10.83 0.79 26.92
C THR A 598 -10.67 2.23 26.47
N ARG A 599 -11.28 3.15 27.22
CA ARG A 599 -11.34 4.56 26.86
C ARG A 599 -10.94 5.46 28.03
N ALA A 600 -10.24 6.55 27.71
CA ALA A 600 -9.90 7.59 28.69
C ALA A 600 -9.95 8.94 28.01
N TYR A 601 -10.57 9.91 28.66
CA TYR A 601 -10.83 11.22 28.09
C TYR A 601 -10.33 12.38 28.98
N PRO A 602 -9.03 12.40 29.32
CA PRO A 602 -8.53 13.53 30.11
C PRO A 602 -8.69 14.86 29.38
N TRP A 603 -9.05 15.88 30.13
CA TRP A 603 -9.25 17.22 29.56
C TRP A 603 -7.96 17.99 29.31
N LEU A 604 -7.00 17.90 30.23
CA LEU A 604 -5.84 18.80 30.18
C LEU A 604 -4.91 18.44 29.02
N ALA A 605 -4.40 19.47 28.34
CA ALA A 605 -3.49 19.29 27.21
C ALA A 605 -2.24 18.50 27.56
N ASN A 606 -1.78 18.64 28.81
CA ASN A 606 -0.55 17.95 29.23
C ASN A 606 -0.79 16.58 29.90
N SER A 607 -2.01 16.05 29.87
CA SER A 607 -2.25 14.68 30.32
C SER A 607 -1.89 13.67 29.20
N THR A 608 -0.60 13.65 28.87
CA THR A 608 -0.06 12.79 27.82
C THR A 608 1.11 11.92 28.29
N GLY A 609 1.55 12.07 29.54
CA GLY A 609 2.75 11.40 30.03
C GLY A 609 2.56 9.93 30.31
N ALA A 610 3.68 9.24 30.48
CA ALA A 610 3.68 7.81 30.75
C ALA A 610 4.90 7.35 31.54
N GLY A 611 4.74 6.24 32.23
CA GLY A 611 5.82 5.66 33.03
C GLY A 611 5.42 4.38 33.71
N LEU A 612 6.25 3.97 34.67
CA LEU A 612 6.10 2.69 35.34
C LEU A 612 5.36 2.84 36.64
N LEU A 613 4.56 1.82 36.95
CA LEU A 613 3.83 1.73 38.19
C LEU A 613 4.42 0.61 39.02
N ALA A 614 4.47 0.83 40.33
CA ALA A 614 5.04 -0.13 41.27
C ALA A 614 4.28 -0.06 42.57
N ASP A 615 3.89 -1.24 43.08
CA ASP A 615 3.19 -1.35 44.37
C ASP A 615 3.67 -2.59 45.09
N GLY A 616 4.13 -2.41 46.33
CA GLY A 616 4.62 -3.52 47.13
C GLY A 616 5.91 -4.12 46.63
N THR A 617 6.71 -3.37 45.85
CA THR A 617 8.04 -3.82 45.49
C THR A 617 8.98 -3.48 46.66
N THR A 618 9.81 -4.44 47.00
CA THR A 618 10.74 -4.34 48.14
C THR A 618 12.12 -4.85 47.72
N ALA A 619 13.06 -4.80 48.66
CA ALA A 619 14.38 -5.39 48.46
C ALA A 619 14.31 -6.87 48.11
N GLY A 620 13.34 -7.57 48.68
CA GLY A 620 13.15 -9.01 48.45
C GLY A 620 12.18 -9.35 47.33
N ASP A 621 11.17 -8.51 47.13
CA ASP A 621 10.12 -8.77 46.13
C ASP A 621 10.28 -7.71 45.04
N VAL A 622 11.09 -8.05 44.04
CA VAL A 622 11.51 -7.11 43.02
C VAL A 622 10.81 -7.42 41.69
N VAL A 623 10.59 -6.39 40.89
CA VAL A 623 10.06 -6.58 39.54
C VAL A 623 11.06 -6.00 38.56
N GLY A 624 11.59 -6.86 37.69
CA GLY A 624 12.55 -6.47 36.69
C GLY A 624 11.82 -6.11 35.41
N VAL A 625 11.96 -4.86 34.98
CA VAL A 625 11.34 -4.38 33.74
C VAL A 625 12.43 -4.20 32.69
N SER A 626 12.25 -4.83 31.53
CA SER A 626 13.17 -4.74 30.40
C SER A 626 12.39 -4.69 29.09
N GLY A 627 13.11 -4.63 27.96
CA GLY A 627 12.49 -4.47 26.65
C GLY A 627 11.59 -3.24 26.55
N LEU A 628 11.95 -2.17 27.28
CA LEU A 628 11.15 -0.95 27.33
C LEU A 628 11.37 -0.07 26.11
N GLU A 629 10.28 0.36 25.49
CA GLU A 629 10.33 1.18 24.29
C GLU A 629 9.09 2.07 24.21
N LEU A 630 9.30 3.33 23.84
CA LEU A 630 8.25 4.29 23.55
C LEU A 630 8.28 4.58 22.06
N TRP A 631 7.14 4.41 21.38
CA TRP A 631 6.96 4.86 20.00
C TRP A 631 6.05 6.08 20.03
N ASP A 632 6.61 7.26 19.85
CA ASP A 632 5.84 8.49 19.87
C ASP A 632 5.39 8.93 18.46
N GLY A 633 4.07 8.94 18.25
CA GLY A 633 3.46 9.50 17.04
C GLY A 633 2.57 8.53 16.27
N LEU A 634 3.01 7.28 16.18
CA LEU A 634 2.33 6.25 15.39
C LEU A 634 2.19 6.72 13.93
N VAL A 635 1.08 6.39 13.27
CA VAL A 635 0.86 6.65 11.85
C VAL A 635 -0.40 7.47 11.72
N ASP A 636 -0.40 8.40 10.76
CA ASP A 636 -1.62 9.10 10.36
C ASP A 636 -2.42 8.13 9.46
N ALA A 637 -3.43 7.46 10.04
CA ALA A 637 -4.13 6.37 9.36
C ALA A 637 -5.04 6.81 8.19
N TRP A 638 -5.41 8.09 8.15
CA TRP A 638 -6.30 8.63 7.13
C TRP A 638 -5.66 9.88 6.51
N PRO A 639 -4.59 9.67 5.72
CA PRO A 639 -3.81 10.82 5.23
C PRO A 639 -4.58 11.79 4.35
N ALA A 640 -5.59 11.33 3.62
CA ALA A 640 -6.35 12.24 2.77
C ALA A 640 -7.40 13.04 3.51
N ARG A 641 -7.74 12.65 4.75
CA ARG A 641 -8.76 13.38 5.50
C ARG A 641 -8.16 14.62 6.16
N PRO A 642 -8.85 15.76 6.11
CA PRO A 642 -8.44 16.85 6.99
C PRO A 642 -8.69 16.52 8.47
N ALA A 643 -8.24 17.41 9.36
CA ALA A 643 -8.36 17.17 10.80
C ALA A 643 -9.82 17.07 11.24
N ASN A 644 -10.68 17.91 10.67
CA ASN A 644 -12.09 17.94 10.99
C ASN A 644 -12.91 17.49 9.80
N THR A 645 -13.41 16.25 9.85
CA THR A 645 -14.26 15.69 8.79
C THR A 645 -15.74 15.69 9.16
N SER A 646 -16.12 16.43 10.21
CA SER A 646 -17.54 16.61 10.52
C SER A 646 -18.27 17.27 9.35
N GLN A 647 -19.49 16.84 9.09
CA GLN A 647 -20.39 17.52 8.19
C GLN A 647 -21.60 18.06 8.92
N GLY A 648 -21.49 18.22 10.24
CA GLY A 648 -22.61 18.63 11.06
C GLY A 648 -23.48 17.44 11.41
N LEU A 649 -24.43 17.67 12.32
CA LEU A 649 -25.38 16.67 12.77
C LEU A 649 -26.78 17.11 12.42
N VAL A 650 -27.67 16.13 12.21
CA VAL A 650 -29.05 16.41 11.83
C VAL A 650 -29.99 15.61 12.71
N TRP A 651 -31.25 16.08 12.76
CA TRP A 651 -32.32 15.43 13.47
C TRP A 651 -33.33 14.89 12.46
N ASP A 652 -33.79 13.66 12.67
CA ASP A 652 -34.80 13.04 11.79
C ASP A 652 -36.18 13.71 11.93
N GLY A 653 -36.40 14.43 13.02
CA GLY A 653 -37.66 15.13 13.23
C GLY A 653 -38.65 14.27 13.99
N PRO A 654 -39.90 14.77 14.14
CA PRO A 654 -40.91 14.09 14.96
C PRO A 654 -41.31 12.70 14.46
N THR A 655 -41.11 12.39 13.17
CA THR A 655 -41.44 11.07 12.67
C THR A 655 -40.57 9.95 13.25
N ALA A 656 -39.38 10.27 13.76
CA ALA A 656 -38.51 9.24 14.31
C ALA A 656 -39.20 8.49 15.45
N ALA A 657 -39.84 9.24 16.35
CA ALA A 657 -40.60 8.66 17.45
C ALA A 657 -41.89 7.97 16.97
N MET A 658 -42.49 8.47 15.90
CA MET A 658 -43.67 7.81 15.31
C MET A 658 -43.33 6.44 14.74
N TYR A 659 -42.25 6.35 13.97
CA TYR A 659 -41.86 5.05 13.39
C TYR A 659 -41.31 4.12 14.46
N GLY A 660 -40.59 4.69 15.44
CA GLY A 660 -40.11 3.94 16.58
C GLY A 660 -38.93 3.02 16.32
N LEU A 661 -38.21 3.25 15.23
CA LEU A 661 -37.10 2.39 14.82
C LEU A 661 -35.74 2.89 15.25
N PHE A 662 -35.53 4.21 15.11
CA PHE A 662 -34.25 4.86 15.35
C PHE A 662 -34.45 6.00 16.34
N ALA A 663 -33.43 6.29 17.14
CA ALA A 663 -33.47 7.42 18.06
C ALA A 663 -33.79 8.72 17.34
N GLY A 664 -33.19 8.91 16.17
CA GLY A 664 -33.44 10.07 15.31
C GLY A 664 -32.35 11.12 15.31
N TYR A 665 -31.32 10.92 16.12
CA TYR A 665 -30.20 11.86 16.19
C TYR A 665 -28.91 11.07 16.33
N CYS B 42 1.75 -22.42 -36.38
CA CYS B 42 2.59 -21.81 -35.30
C CYS B 42 2.81 -22.78 -34.14
N SER B 43 4.08 -23.14 -33.92
CA SER B 43 4.45 -23.98 -32.77
C SER B 43 4.95 -23.09 -31.64
N LEU B 44 4.48 -23.36 -30.43
CA LEU B 44 4.94 -22.66 -29.23
C LEU B 44 5.83 -23.56 -28.36
N ASP B 45 6.49 -24.52 -29.00
CA ASP B 45 7.37 -25.46 -28.29
C ASP B 45 8.69 -24.74 -28.01
N GLN B 46 8.88 -24.38 -26.75
CA GLN B 46 10.10 -23.70 -26.31
C GLN B 46 11.20 -24.69 -25.85
N THR B 47 11.02 -25.99 -26.13
CA THR B 47 12.10 -26.99 -25.88
C THR B 47 12.92 -27.27 -27.14
N VAL B 48 12.51 -26.73 -28.28
CA VAL B 48 13.25 -26.86 -29.53
C VAL B 48 13.40 -25.48 -30.16
N ALA B 49 14.23 -25.39 -31.19
CA ALA B 49 14.50 -24.11 -31.85
C ALA B 49 13.21 -23.51 -32.43
N PRO B 50 13.13 -22.17 -32.48
CA PRO B 50 11.89 -21.53 -32.92
C PRO B 50 11.64 -21.71 -34.40
N GLY B 51 10.38 -21.93 -34.76
CA GLY B 51 9.96 -21.90 -36.14
C GLY B 51 9.79 -20.48 -36.66
N ASN B 52 8.92 -20.36 -37.63
CA ASN B 52 8.60 -19.07 -38.22
C ASN B 52 7.48 -18.48 -37.38
N LEU B 53 7.85 -17.60 -36.45
CA LEU B 53 6.88 -17.05 -35.51
C LEU B 53 5.95 -15.99 -36.10
N THR B 54 6.29 -15.46 -37.28
CA THR B 54 5.38 -14.56 -38.02
C THR B 54 4.08 -15.24 -38.47
N LEU B 55 4.06 -16.58 -38.48
CA LEU B 55 2.83 -17.31 -38.75
C LEU B 55 1.87 -17.37 -37.56
N CYS B 56 2.35 -17.02 -36.37
CA CYS B 56 1.52 -17.09 -35.17
C CYS B 56 0.45 -15.99 -35.17
N GLY B 57 -0.66 -16.28 -34.51
CA GLY B 57 -1.80 -15.37 -34.42
C GLY B 57 -1.55 -14.19 -33.47
N ASN B 58 -2.51 -13.28 -33.42
CA ASN B 58 -2.40 -12.07 -32.59
C ASN B 58 -2.34 -12.46 -31.13
N ALA B 59 -1.38 -11.89 -30.39
CA ALA B 59 -1.26 -12.12 -28.94
C ALA B 59 -1.01 -13.60 -28.53
N THR B 60 -0.58 -14.44 -29.48
CA THR B 60 -0.20 -15.82 -29.15
C THR B 60 1.11 -15.85 -28.37
N LEU B 61 1.94 -14.82 -28.50
CA LEU B 61 3.16 -14.71 -27.71
C LEU B 61 3.01 -13.69 -26.56
N PHE B 62 1.80 -13.52 -26.05
CA PHE B 62 1.53 -12.47 -25.05
C PHE B 62 2.37 -12.65 -23.78
N THR B 63 2.39 -13.87 -23.23
CA THR B 63 3.12 -14.12 -21.98
C THR B 63 4.60 -14.50 -22.16
N THR B 64 5.02 -14.83 -23.38
CA THR B 64 6.33 -15.45 -23.62
C THR B 64 7.50 -14.62 -23.12
N PHE B 65 7.48 -13.32 -23.43
CA PHE B 65 8.57 -12.40 -23.12
C PHE B 65 8.15 -11.26 -22.17
N ARG B 66 6.99 -11.39 -21.54
CA ARG B 66 6.32 -10.23 -20.93
C ARG B 66 6.82 -9.95 -19.51
N PRO B 67 7.21 -8.70 -19.22
CA PRO B 67 7.53 -8.37 -17.82
C PRO B 67 6.36 -8.62 -16.86
N LYS B 68 6.69 -9.06 -15.66
CA LYS B 68 5.72 -9.31 -14.58
C LYS B 68 5.90 -8.40 -13.34
N ALA B 69 7.07 -7.79 -13.17
CA ALA B 69 7.45 -7.13 -11.91
C ALA B 69 7.52 -5.61 -11.98
N ARG B 70 6.95 -5.04 -13.05
CA ARG B 70 7.07 -3.61 -13.31
C ARG B 70 5.78 -3.04 -13.89
N PHE B 71 5.74 -1.73 -14.01
CA PHE B 71 4.60 -1.03 -14.59
C PHE B 71 4.54 -1.32 -16.10
N ILE B 72 3.38 -1.76 -16.55
CA ILE B 72 3.11 -2.03 -17.97
C ILE B 72 1.60 -1.93 -18.16
N ALA B 73 1.18 -1.47 -19.34
CA ALA B 73 -0.24 -1.43 -19.68
C ALA B 73 -0.83 -2.85 -19.70
N PRO B 74 -2.17 -2.97 -19.53
CA PRO B 74 -2.78 -4.30 -19.65
C PRO B 74 -2.55 -4.97 -21.00
N GLU B 75 -2.50 -4.17 -22.06
CA GLU B 75 -2.29 -4.68 -23.42
C GLU B 75 -2.04 -3.52 -24.38
N GLY B 76 -1.61 -3.85 -25.59
CA GLY B 76 -1.47 -2.85 -26.64
C GLY B 76 -0.26 -1.97 -26.49
N TRP B 77 -0.34 -0.82 -27.16
CA TRP B 77 0.77 0.11 -27.24
C TRP B 77 0.81 1.03 -26.03
N MET B 78 2.00 1.20 -25.46
CA MET B 78 2.25 2.29 -24.52
C MET B 78 3.56 2.98 -24.85
N ASN B 79 3.65 4.26 -24.50
CA ASN B 79 4.94 4.93 -24.49
C ASN B 79 5.13 5.75 -23.20
N ALA B 80 5.30 7.07 -23.32
CA ALA B 80 5.79 7.90 -22.23
C ALA B 80 4.91 7.89 -20.97
N PRO B 81 5.54 7.87 -19.79
CA PRO B 81 4.83 8.21 -18.56
C PRO B 81 4.31 9.63 -18.63
N MET B 82 3.21 9.89 -17.93
CA MET B 82 2.60 11.21 -17.90
C MET B 82 1.72 11.35 -16.66
N GLY B 83 1.33 12.57 -16.36
CA GLY B 83 0.37 12.85 -15.28
C GLY B 83 0.72 12.26 -13.93
N LEU B 84 2.02 12.23 -13.61
CA LEU B 84 2.51 11.61 -12.38
C LEU B 84 2.30 12.52 -11.17
N TYR B 85 1.67 12.00 -10.12
CA TYR B 85 1.56 12.73 -8.86
C TYR B 85 1.24 11.83 -7.69
N GLN B 86 1.65 12.28 -6.51
CA GLN B 86 1.30 11.62 -5.28
C GLN B 86 -0.02 12.19 -4.81
N ARG B 87 -1.01 11.31 -4.67
CA ARG B 87 -2.37 11.73 -4.31
C ARG B 87 -2.45 12.05 -2.80
N ALA B 88 -3.56 12.63 -2.38
CA ALA B 88 -3.76 13.07 -0.99
C ALA B 88 -3.59 11.93 0.03
N ASP B 89 -3.96 10.71 -0.36
CA ASP B 89 -3.82 9.53 0.52
C ASP B 89 -2.41 8.92 0.55
N GLY B 90 -1.46 9.55 -0.14
CA GLY B 90 -0.09 9.06 -0.21
C GLY B 90 0.21 8.11 -1.36
N SER B 91 -0.83 7.61 -2.03
CA SER B 91 -0.63 6.70 -3.16
C SER B 91 -0.11 7.45 -4.39
N ILE B 92 0.43 6.69 -5.32
CA ILE B 92 1.03 7.24 -6.54
C ILE B 92 0.08 7.02 -7.70
N HIS B 93 -0.27 8.12 -8.40
CA HIS B 93 -1.01 8.05 -9.65
C HIS B 93 0.00 8.11 -10.80
N ALA B 94 -0.04 7.12 -11.68
CA ALA B 94 0.80 7.10 -12.87
C ALA B 94 -0.07 7.02 -14.10
N GLY B 95 0.11 7.98 -15.00
CA GLY B 95 -0.48 7.93 -16.32
C GLY B 95 0.55 7.47 -17.34
N TYR B 96 0.07 7.10 -18.51
CA TYR B 96 0.94 6.77 -19.63
C TYR B 96 0.26 6.95 -20.98
N GLN B 97 1.06 7.35 -21.96
CA GLN B 97 0.60 7.39 -23.35
C GLN B 97 0.21 5.98 -23.78
N SER B 98 -1.03 5.84 -24.27
CA SER B 98 -1.67 4.56 -24.45
C SER B 98 -2.49 4.49 -25.74
N HIS B 99 -2.37 3.37 -26.45
CA HIS B 99 -3.25 3.03 -27.60
C HIS B 99 -3.68 1.57 -27.49
N PRO B 100 -4.77 1.33 -26.74
CA PRO B 100 -5.25 -0.04 -26.55
C PRO B 100 -5.64 -0.74 -27.85
N LYS B 101 -5.47 -2.06 -27.87
CA LYS B 101 -5.89 -2.93 -28.98
C LYS B 101 -5.18 -2.61 -30.32
N HIS B 102 -4.04 -1.92 -30.21
CA HIS B 102 -3.16 -1.63 -31.34
C HIS B 102 -1.73 -1.90 -30.86
N ILE B 103 -0.80 -2.10 -31.80
CA ILE B 103 0.62 -2.26 -31.46
C ILE B 103 1.55 -1.21 -32.08
N GLN B 104 0.93 -0.17 -32.66
CA GLN B 104 1.63 1.06 -33.01
C GLN B 104 0.90 2.24 -32.40
N TRP B 105 1.62 3.36 -32.30
CA TRP B 105 1.12 4.61 -31.75
C TRP B 105 -0.09 5.14 -32.52
N GLY B 106 -1.00 5.80 -31.80
CA GLY B 106 -2.14 6.49 -32.43
C GLY B 106 -3.22 6.78 -31.40
N ASN B 107 -4.15 7.66 -31.79
CA ASN B 107 -5.25 8.14 -30.91
C ASN B 107 -4.78 8.29 -29.49
N ILE B 108 -3.64 8.93 -29.31
CA ILE B 108 -2.90 8.68 -28.09
C ILE B 108 -3.65 9.29 -26.89
N SER B 109 -3.72 8.51 -25.83
CA SER B 109 -4.59 8.78 -24.68
C SER B 109 -3.80 8.54 -23.41
N GLN B 110 -4.35 8.98 -22.29
CA GLN B 110 -3.79 8.66 -20.98
C GLN B 110 -4.42 7.40 -20.42
N GLY B 111 -3.63 6.34 -20.32
CA GLY B 111 -3.99 5.17 -19.49
C GLY B 111 -3.49 5.44 -18.08
N ALA B 112 -4.09 4.83 -17.06
CA ALA B 112 -3.70 5.14 -15.70
C ALA B 112 -3.86 4.00 -14.71
N ALA B 113 -3.09 4.09 -13.64
CA ALA B 113 -3.12 3.12 -12.54
C ALA B 113 -2.56 3.79 -11.29
N TYR B 114 -2.73 3.12 -10.15
CA TYR B 114 -2.25 3.64 -8.89
C TYR B 114 -1.59 2.55 -8.03
N SER B 115 -0.76 3.01 -7.09
CA SER B 115 0.00 2.14 -6.21
C SER B 115 0.30 2.84 -4.90
N SER B 116 0.33 2.09 -3.81
CA SER B 116 0.77 2.68 -2.55
C SER B 116 2.29 2.54 -2.30
N ASP B 117 3.02 1.82 -3.15
CA ASP B 117 4.44 1.54 -2.91
C ASP B 117 5.35 1.54 -4.15
N PHE B 118 4.91 2.19 -5.22
CA PHE B 118 5.57 2.18 -6.54
C PHE B 118 5.68 0.82 -7.24
N THR B 119 5.19 -0.26 -6.60
CA THR B 119 5.60 -1.61 -6.96
C THR B 119 4.44 -2.53 -7.33
N SER B 120 3.41 -2.56 -6.48
CA SER B 120 2.17 -3.28 -6.74
C SER B 120 1.11 -2.28 -7.17
N TRP B 121 0.55 -2.50 -8.38
CA TRP B 121 -0.34 -1.54 -9.04
C TRP B 121 -1.73 -2.07 -9.26
N THR B 122 -2.69 -1.15 -9.40
CA THR B 122 -4.06 -1.45 -9.74
C THR B 122 -4.53 -0.52 -10.85
N ASP B 123 -5.14 -1.09 -11.89
CA ASP B 123 -5.67 -0.31 -13.00
C ASP B 123 -6.91 0.49 -12.59
N PHE B 124 -7.06 1.70 -13.11
CA PHE B 124 -8.37 2.35 -13.14
C PHE B 124 -9.27 1.59 -14.10
N ASN B 125 -10.58 1.56 -13.81
CA ASN B 125 -11.58 0.95 -14.69
C ASN B 125 -12.80 1.86 -14.74
N GLY B 126 -13.04 2.46 -15.90
CA GLY B 126 -14.15 3.37 -16.09
C GLY B 126 -14.83 3.07 -17.40
N SER B 127 -15.57 4.05 -17.92
CA SER B 127 -16.33 3.85 -19.16
C SER B 127 -15.42 3.58 -20.36
N GLU B 128 -14.17 4.05 -20.30
CA GLU B 128 -13.18 3.78 -21.35
C GLU B 128 -12.09 2.82 -20.89
N GLY B 129 -12.48 1.83 -20.08
CA GLY B 129 -11.53 0.84 -19.59
C GLY B 129 -10.50 1.46 -18.68
N TYR B 130 -9.22 1.33 -19.04
CA TYR B 130 -8.14 1.88 -18.24
C TYR B 130 -7.68 3.26 -18.70
N LYS B 131 -8.32 3.80 -19.73
CA LYS B 131 -8.08 5.18 -20.14
C LYS B 131 -8.81 6.14 -19.23
N THR B 132 -8.21 7.30 -19.00
CA THR B 132 -8.87 8.39 -18.25
C THR B 132 -8.88 9.75 -18.96
N ILE B 133 -8.07 9.94 -19.99
CA ILE B 133 -8.16 11.09 -20.87
C ILE B 133 -7.93 10.59 -22.31
N TRP B 134 -8.72 11.08 -23.25
CA TRP B 134 -8.67 10.64 -24.66
C TRP B 134 -9.01 11.81 -25.57
N PRO B 135 -8.58 11.74 -26.85
CA PRO B 135 -8.98 12.74 -27.84
C PRO B 135 -10.51 12.86 -27.93
N SER B 136 -11.01 14.08 -27.77
CA SER B 136 -12.46 14.33 -27.79
C SER B 136 -12.93 15.69 -28.33
N GLN B 137 -12.00 16.60 -28.64
CA GLN B 137 -12.31 17.98 -28.98
C GLN B 137 -11.46 18.36 -30.17
N ILE B 138 -11.88 19.38 -30.92
CA ILE B 138 -11.09 19.82 -32.08
C ILE B 138 -9.62 20.09 -31.73
N TYR B 139 -9.39 20.63 -30.54
CA TYR B 139 -8.04 21.01 -30.11
C TYR B 139 -7.14 19.85 -29.69
N ASP B 140 -7.71 18.69 -29.32
CA ASP B 140 -6.92 17.51 -28.96
C ASP B 140 -7.26 16.21 -29.71
N ILE B 141 -8.04 16.30 -30.80
CA ILE B 141 -8.52 15.11 -31.50
C ILE B 141 -7.41 14.25 -32.13
N ARG B 142 -6.26 14.86 -32.40
CA ARG B 142 -5.14 14.17 -32.99
C ARG B 142 -4.29 13.44 -31.96
N GLY B 143 -4.53 13.70 -30.67
CA GLY B 143 -3.79 13.02 -29.60
C GLY B 143 -3.71 13.87 -28.34
N VAL B 144 -3.91 13.21 -27.20
CA VAL B 144 -3.64 13.76 -25.89
C VAL B 144 -2.21 13.34 -25.54
N PHE B 145 -1.29 14.26 -25.79
CA PHE B 145 0.14 14.03 -25.62
C PHE B 145 0.50 14.18 -24.13
N ASP B 146 1.80 14.16 -23.82
CA ASP B 146 2.32 14.26 -22.46
C ASP B 146 1.80 15.49 -21.72
N GLY B 147 1.65 15.34 -20.41
CA GLY B 147 1.28 16.43 -19.52
C GLY B 147 1.72 16.14 -18.09
N SER B 148 1.63 17.17 -17.25
CA SER B 148 2.08 17.11 -15.86
C SER B 148 1.06 17.79 -14.96
N ILE B 149 1.25 17.60 -13.66
CA ILE B 149 0.19 17.87 -12.68
C ILE B 149 0.45 19.12 -11.85
N ILE B 150 -0.57 19.96 -11.78
CA ILE B 150 -0.70 21.04 -10.82
C ILE B 150 -1.50 20.46 -9.67
N LYS B 151 -0.87 20.23 -8.53
CA LYS B 151 -1.57 19.52 -7.46
C LYS B 151 -2.74 20.28 -6.85
N GLU B 152 -2.61 21.59 -6.72
CA GLU B 152 -3.68 22.47 -6.26
C GLU B 152 -4.08 23.40 -7.39
N GLY B 153 -4.98 22.92 -8.25
CA GLY B 153 -5.31 23.60 -9.48
C GLY B 153 -6.73 24.13 -9.48
N ILE B 154 -7.44 23.84 -10.57
CA ILE B 154 -8.78 24.39 -10.80
C ILE B 154 -9.68 23.98 -9.65
N ASP B 155 -10.30 24.96 -8.99
CA ASP B 155 -11.17 24.74 -7.82
C ASP B 155 -10.50 23.90 -6.71
N GLY B 156 -9.18 24.01 -6.59
CA GLY B 156 -8.40 23.24 -5.64
C GLY B 156 -8.09 21.79 -6.00
N TYR B 157 -8.54 21.33 -7.16
CA TYR B 157 -8.37 19.91 -7.55
C TYR B 157 -7.07 19.69 -8.33
N PRO B 158 -6.54 18.46 -8.27
CA PRO B 158 -5.42 18.13 -9.14
C PRO B 158 -5.79 18.38 -10.59
N THR B 159 -4.88 19.02 -11.32
CA THR B 159 -5.13 19.56 -12.64
C THR B 159 -3.95 19.18 -13.53
N ILE B 160 -4.23 18.69 -14.72
CA ILE B 160 -3.19 18.33 -15.68
C ILE B 160 -3.11 19.43 -16.75
N LEU B 161 -1.90 19.85 -17.06
CA LEU B 161 -1.61 20.70 -18.22
C LEU B 161 -0.93 19.76 -19.20
N TYR B 162 -1.55 19.58 -20.38
CA TYR B 162 -1.11 18.58 -21.36
C TYR B 162 -1.07 19.16 -22.76
N THR B 163 -0.30 18.52 -23.63
CA THR B 163 -0.27 18.94 -25.02
C THR B 163 -1.47 18.35 -25.78
N SER B 164 -2.33 19.26 -26.21
CA SER B 164 -3.50 18.95 -27.03
C SER B 164 -3.11 19.15 -28.48
N THR B 165 -3.22 18.09 -29.28
CA THR B 165 -2.83 18.15 -30.68
C THR B 165 -4.03 18.10 -31.63
N SER B 166 -3.93 18.85 -32.73
CA SER B 166 -4.91 18.86 -33.79
C SER B 166 -4.22 18.50 -35.14
N PHE B 167 -4.88 18.81 -36.25
N PHE B 167 -4.89 18.78 -36.26
CA PHE B 167 -4.43 18.39 -37.55
CA PHE B 167 -4.46 18.38 -37.59
C PHE B 167 -3.19 19.16 -38.02
C PHE B 167 -3.22 19.18 -38.04
N GLY B 168 -2.52 18.62 -39.03
CA GLY B 168 -1.39 19.28 -39.70
C GLY B 168 -0.11 18.50 -39.52
N PRO B 169 0.92 18.79 -40.35
CA PRO B 169 2.22 18.16 -40.13
C PRO B 169 2.71 18.39 -38.71
N LEU B 170 3.20 17.33 -38.07
CA LEU B 170 3.67 17.39 -36.69
C LEU B 170 4.97 16.62 -36.60
N GLY B 171 6.06 17.34 -36.30
CA GLY B 171 7.36 16.71 -36.17
C GLY B 171 8.51 17.66 -36.38
N ALA B 172 9.64 17.31 -35.77
CA ALA B 172 10.84 18.13 -35.82
C ALA B 172 11.48 18.15 -37.22
N THR B 173 11.22 17.13 -38.02
CA THR B 173 11.73 17.07 -39.41
C THR B 173 10.69 17.51 -40.45
N LEU B 174 9.52 17.96 -40.01
CA LEU B 174 8.44 18.42 -40.90
C LEU B 174 8.25 19.92 -40.76
N ASN B 175 7.34 20.47 -41.56
CA ASN B 175 7.01 21.89 -41.50
C ASN B 175 5.73 22.10 -40.68
N GLU B 176 5.88 22.02 -39.36
CA GLU B 176 4.75 22.20 -38.44
C GLU B 176 4.36 23.67 -38.37
N ALA B 177 3.08 23.90 -38.14
CA ALA B 177 2.53 25.25 -37.99
C ALA B 177 1.88 25.38 -36.64
N GLU B 178 1.76 26.64 -36.23
CA GLU B 178 1.11 27.05 -35.00
C GLU B 178 -0.32 26.49 -34.94
N GLY B 179 -0.72 26.00 -33.77
CA GLY B 179 -2.05 25.42 -33.57
C GLY B 179 -2.10 23.90 -33.55
N THR B 180 -1.20 23.26 -34.30
CA THR B 180 -1.13 21.81 -34.32
C THR B 180 -0.83 21.23 -32.93
N GLU B 181 0.04 21.89 -32.18
CA GLU B 181 0.31 21.53 -30.79
C GLU B 181 -0.01 22.72 -29.91
N THR B 182 -0.96 22.55 -29.01
CA THR B 182 -1.33 23.56 -28.03
C THR B 182 -1.30 22.91 -26.65
N GLN B 183 -1.52 23.70 -25.60
CA GLN B 183 -1.51 23.19 -24.24
C GLN B 183 -2.85 23.49 -23.57
N SER B 184 -3.43 22.46 -22.95
CA SER B 184 -4.78 22.51 -22.42
C SER B 184 -4.84 21.98 -20.99
N LEU B 185 -5.89 22.35 -20.29
CA LEU B 185 -6.10 21.95 -18.90
C LEU B 185 -7.29 20.99 -18.72
N ALA B 186 -7.14 20.08 -17.77
CA ALA B 186 -8.25 19.29 -17.25
C ALA B 186 -8.02 19.03 -15.78
N TYR B 187 -9.09 18.78 -15.02
CA TYR B 187 -8.95 18.54 -13.59
C TYR B 187 -9.78 17.33 -13.17
N THR B 188 -9.43 16.76 -12.02
CA THR B 188 -10.10 15.57 -11.51
C THR B 188 -10.73 15.83 -10.15
N THR B 189 -12.01 15.44 -10.02
CA THR B 189 -12.72 15.52 -8.73
C THR B 189 -12.80 14.17 -8.04
N ASP B 190 -12.20 13.14 -8.63
CA ASP B 190 -12.29 11.78 -8.08
C ASP B 190 -10.93 11.08 -8.09
N ASP B 191 -9.88 11.84 -7.81
CA ASP B 191 -8.54 11.31 -7.60
C ASP B 191 -7.99 10.52 -8.79
N GLY B 192 -8.31 10.98 -10.00
CA GLY B 192 -7.76 10.41 -11.21
C GLY B 192 -8.62 9.37 -11.91
N ALA B 193 -9.78 9.03 -11.36
CA ALA B 193 -10.70 8.10 -12.07
C ALA B 193 -11.25 8.73 -13.35
N SER B 194 -11.44 10.05 -13.33
CA SER B 194 -11.85 10.78 -14.53
C SER B 194 -11.30 12.21 -14.51
N TRP B 195 -11.28 12.83 -15.69
CA TRP B 195 -10.82 14.21 -15.82
C TRP B 195 -11.86 15.01 -16.61
N ILE B 196 -12.05 16.27 -16.21
CA ILE B 196 -12.96 17.19 -16.86
C ILE B 196 -12.11 18.27 -17.52
N LYS B 197 -12.22 18.40 -18.84
CA LYS B 197 -11.49 19.43 -19.57
C LYS B 197 -12.21 20.74 -19.42
N LEU B 198 -11.46 21.85 -19.40
CA LEU B 198 -12.08 23.15 -19.57
C LEU B 198 -12.74 23.19 -20.94
N GLY B 199 -13.72 24.07 -21.12
CA GLY B 199 -14.38 24.22 -22.41
C GLY B 199 -13.44 24.72 -23.50
N TYR B 200 -13.81 24.48 -24.75
CA TYR B 200 -13.10 25.06 -25.89
C TYR B 200 -13.52 26.52 -26.05
N GLY B 201 -12.53 27.41 -26.15
CA GLY B 201 -12.81 28.78 -26.59
C GLY B 201 -11.95 29.85 -25.97
N ALA B 202 -12.34 31.10 -26.24
CA ALA B 202 -11.59 32.28 -25.78
C ALA B 202 -11.59 32.32 -24.26
N GLY B 203 -10.40 32.42 -23.68
CA GLY B 203 -10.26 32.44 -22.22
C GLY B 203 -10.41 31.08 -21.55
N GLN B 204 -10.47 30.01 -22.35
N GLN B 204 -10.45 30.01 -22.35
CA GLN B 204 -10.59 28.64 -21.85
CA GLN B 204 -10.60 28.65 -21.86
C GLN B 204 -9.55 27.80 -22.61
C GLN B 204 -9.57 27.81 -22.64
N ASN B 205 -9.85 26.53 -22.92
CA ASN B 205 -8.90 25.68 -23.67
C ASN B 205 -8.84 26.00 -25.16
N PRO B 206 -7.67 25.85 -25.77
CA PRO B 206 -6.37 25.63 -25.11
C PRO B 206 -5.88 26.93 -24.48
N VAL B 207 -5.12 26.79 -23.39
CA VAL B 207 -4.63 27.94 -22.63
C VAL B 207 -3.31 28.51 -23.14
N ILE B 208 -2.48 27.68 -23.78
CA ILE B 208 -1.25 28.15 -24.43
C ILE B 208 -1.28 27.68 -25.87
N TYR B 209 -1.27 28.62 -26.80
CA TYR B 209 -1.38 28.31 -28.22
C TYR B 209 -0.42 29.09 -29.13
N GLU B 210 -0.06 30.30 -28.73
CA GLU B 210 0.91 31.10 -29.49
C GLU B 210 2.32 30.57 -29.34
N TRP B 211 2.96 30.36 -30.47
CA TRP B 211 4.38 30.02 -30.49
C TRP B 211 5.23 31.19 -29.98
N PRO B 212 6.16 30.93 -29.04
CA PRO B 212 7.02 31.99 -28.52
C PRO B 212 8.04 32.51 -29.53
N GLU B 213 8.42 31.70 -30.51
CA GLU B 213 9.27 32.12 -31.63
C GLU B 213 8.80 31.37 -32.86
N THR B 214 9.23 31.82 -34.04
CA THR B 214 8.82 31.18 -35.30
C THR B 214 9.62 29.94 -35.60
N ASN B 215 9.12 29.15 -36.54
CA ASN B 215 9.77 27.96 -37.08
C ASN B 215 10.20 26.95 -36.02
N LEU B 216 9.29 26.65 -35.10
CA LEU B 216 9.55 25.64 -34.09
C LEU B 216 9.61 24.25 -34.69
N THR B 217 10.50 23.43 -34.15
CA THR B 217 10.56 22.02 -34.45
C THR B 217 9.55 21.24 -33.60
N GLY B 218 9.09 21.84 -32.50
CA GLY B 218 8.16 21.17 -31.58
C GLY B 218 7.72 22.13 -30.50
N PHE B 219 6.59 21.82 -29.86
CA PHE B 219 6.01 22.69 -28.85
C PHE B 219 5.09 21.84 -27.97
N ARG B 220 5.70 21.09 -27.07
CA ARG B 220 4.96 20.09 -26.31
C ARG B 220 5.59 19.73 -24.97
N ASP B 221 4.83 18.92 -24.22
CA ASP B 221 5.27 18.28 -22.99
C ASP B 221 5.44 19.28 -21.85
N PRO B 222 4.35 20.01 -21.53
CA PRO B 222 4.43 21.02 -20.49
C PRO B 222 4.76 20.40 -19.13
N TYR B 223 5.79 20.94 -18.48
CA TYR B 223 6.22 20.47 -17.18
C TYR B 223 5.99 21.58 -16.20
N VAL B 224 5.01 21.37 -15.31
CA VAL B 224 4.63 22.36 -14.33
C VAL B 224 5.27 22.07 -12.98
N PHE B 225 5.84 23.10 -12.37
CA PHE B 225 6.57 22.93 -11.11
C PHE B 225 6.58 24.22 -10.30
N GLN B 226 6.68 24.07 -8.98
CA GLN B 226 6.91 25.19 -8.08
C GLN B 226 8.40 25.30 -7.85
N SER B 227 8.87 26.51 -7.58
CA SER B 227 10.31 26.74 -7.42
C SER B 227 10.56 28.01 -6.63
N PRO B 228 10.69 27.88 -5.29
CA PRO B 228 11.18 28.99 -4.46
C PRO B 228 12.49 29.61 -5.00
N ARG B 229 13.36 28.76 -5.54
CA ARG B 229 14.60 29.19 -6.21
C ARG B 229 14.35 30.19 -7.35
N LEU B 230 13.51 29.80 -8.31
CA LEU B 230 13.23 30.69 -9.45
C LEU B 230 12.45 31.93 -9.01
N GLU B 231 11.54 31.77 -8.05
CA GLU B 231 10.81 32.93 -7.51
C GLU B 231 11.76 34.00 -6.90
N ALA B 232 12.73 33.55 -6.12
CA ALA B 232 13.72 34.47 -5.49
C ALA B 232 14.57 35.16 -6.54
N LEU B 233 15.01 34.41 -7.55
CA LEU B 233 15.79 34.98 -8.65
C LEU B 233 15.03 36.01 -9.47
N LEU B 234 13.73 35.82 -9.64
CA LEU B 234 12.92 36.71 -10.46
C LEU B 234 12.23 37.83 -9.67
N ALA B 235 12.28 37.78 -8.34
CA ALA B 235 11.49 38.67 -7.47
C ALA B 235 11.69 40.16 -7.73
N ASN B 236 12.89 40.56 -8.12
CA ASN B 236 13.16 41.98 -8.42
C ASN B 236 12.90 42.39 -9.86
N THR B 237 12.41 41.46 -10.69
CA THR B 237 12.06 41.73 -12.10
C THR B 237 10.56 41.62 -12.41
N THR B 238 9.72 41.32 -11.42
CA THR B 238 8.29 41.07 -11.69
C THR B 238 7.53 42.32 -12.17
N SER B 239 8.05 43.51 -11.89
CA SER B 239 7.52 44.75 -12.48
C SER B 239 7.71 44.82 -13.99
N ILE B 240 8.69 44.11 -14.53
CA ILE B 240 8.92 44.10 -15.99
C ILE B 240 7.87 43.24 -16.71
N THR B 241 7.59 42.05 -16.17
CA THR B 241 6.75 41.05 -16.85
C THR B 241 5.33 40.94 -16.28
N ASN B 242 5.14 41.39 -15.04
CA ASN B 242 3.91 41.20 -14.26
C ASN B 242 3.52 39.76 -13.92
N ALA B 243 4.42 38.81 -14.14
CA ALA B 243 4.15 37.39 -13.84
C ALA B 243 4.62 37.11 -12.42
N THR B 244 3.67 36.84 -11.53
CA THR B 244 3.94 36.67 -10.09
C THR B 244 3.41 35.36 -9.51
N GLY B 245 2.95 34.45 -10.34
CA GLY B 245 2.40 33.17 -9.84
C GLY B 245 3.46 32.27 -9.22
N ASP B 246 2.99 31.28 -8.47
CA ASP B 246 3.86 30.30 -7.81
C ASP B 246 4.15 29.02 -8.61
N HIS B 247 3.61 28.91 -9.83
CA HIS B 247 3.92 27.80 -10.73
C HIS B 247 4.65 28.29 -11.96
N PHE B 248 5.68 27.53 -12.34
CA PHE B 248 6.36 27.71 -13.63
C PHE B 248 6.00 26.53 -14.52
N ALA B 249 6.18 26.71 -15.82
CA ALA B 249 6.01 25.62 -16.78
C ALA B 249 7.04 25.73 -17.88
N THR B 250 7.70 24.61 -18.19
CA THR B 250 8.52 24.55 -19.40
C THR B 250 7.78 23.85 -20.50
N ILE B 251 8.05 24.26 -21.74
CA ILE B 251 7.58 23.57 -22.93
C ILE B 251 8.77 23.20 -23.79
N SER B 252 8.81 21.95 -24.25
CA SER B 252 9.94 21.39 -24.96
C SER B 252 9.82 21.57 -26.47
N GLY B 253 10.91 21.96 -27.11
CA GLY B 253 10.91 22.10 -28.55
C GLY B 253 12.28 22.43 -29.11
N GLY B 254 12.30 23.36 -30.05
CA GLY B 254 13.52 23.76 -30.74
C GLY B 254 13.17 24.66 -31.90
N VAL B 255 14.19 25.04 -32.67
CA VAL B 255 14.04 25.95 -33.80
C VAL B 255 14.71 25.33 -35.01
N HIS B 256 14.00 25.32 -36.14
CA HIS B 256 14.49 24.68 -37.36
C HIS B 256 15.88 25.18 -37.73
N GLY B 257 16.79 24.23 -37.92
CA GLY B 257 18.18 24.52 -38.26
C GLY B 257 19.07 25.03 -37.15
N ASP B 258 18.52 25.32 -35.96
CA ASP B 258 19.26 26.04 -34.93
C ASP B 258 19.24 25.42 -33.52
N GLY B 259 18.86 24.14 -33.43
CA GLY B 259 18.97 23.40 -32.19
C GLY B 259 17.72 23.42 -31.33
N ALA B 260 17.81 22.67 -30.23
CA ALA B 260 16.71 22.49 -29.29
C ALA B 260 16.53 23.69 -28.38
N ARG B 261 15.33 23.80 -27.82
CA ARG B 261 14.97 24.86 -26.88
C ARG B 261 14.04 24.32 -25.79
N LEU B 262 14.26 24.77 -24.57
CA LEU B 262 13.29 24.59 -23.50
C LEU B 262 12.78 25.97 -23.13
N PHE B 263 11.48 26.21 -23.37
CA PHE B 263 10.86 27.51 -23.15
C PHE B 263 10.28 27.60 -21.75
N LEU B 264 10.54 28.71 -21.05
CA LEU B 264 10.05 28.90 -19.68
C LEU B 264 8.88 29.88 -19.63
N TYR B 265 7.79 29.43 -18.98
CA TYR B 265 6.60 30.23 -18.72
C TYR B 265 6.44 30.36 -17.23
N ARG B 266 5.78 31.44 -16.81
CA ARG B 266 5.38 31.58 -15.43
C ARG B 266 3.91 31.90 -15.38
N GLN B 267 3.21 31.20 -14.49
CA GLN B 267 1.83 31.47 -14.17
C GLN B 267 1.70 32.94 -13.84
N HIS B 268 0.76 33.62 -14.49
CA HIS B 268 0.68 35.06 -14.36
C HIS B 268 0.27 35.50 -12.96
N THR B 269 -0.74 34.83 -12.41
CA THR B 269 -1.27 35.19 -11.09
C THR B 269 -1.54 33.93 -10.28
N THR B 270 -1.11 33.94 -9.03
CA THR B 270 -1.35 32.83 -8.10
C THR B 270 -2.84 32.52 -8.02
N GLY B 271 -3.16 31.23 -8.01
CA GLY B 271 -4.56 30.77 -7.92
C GLY B 271 -5.38 30.87 -9.20
N GLU B 272 -4.76 31.30 -10.30
CA GLU B 272 -5.45 31.43 -11.59
C GLU B 272 -4.63 30.69 -12.63
N PHE B 273 -5.30 29.88 -13.47
CA PHE B 273 -4.60 28.87 -14.29
C PHE B 273 -4.72 29.03 -15.78
N ILE B 274 -5.37 30.10 -16.23
CA ILE B 274 -5.58 30.34 -17.66
C ILE B 274 -4.40 31.07 -18.27
N LYS B 275 -3.89 32.09 -17.60
CA LYS B 275 -2.85 32.95 -18.18
C LYS B 275 -1.44 32.54 -17.71
N TRP B 276 -0.62 32.19 -18.70
CA TRP B 276 0.78 31.79 -18.51
C TRP B 276 1.62 32.74 -19.36
N THR B 277 2.61 33.38 -18.74
CA THR B 277 3.43 34.40 -19.42
C THR B 277 4.76 33.79 -19.85
N TYR B 278 5.06 33.90 -21.14
CA TYR B 278 6.34 33.46 -21.67
C TYR B 278 7.43 34.40 -21.17
N LEU B 279 8.41 33.85 -20.46
CA LEU B 279 9.56 34.62 -20.00
C LEU B 279 10.68 34.61 -21.03
N GLY B 280 11.08 33.42 -21.44
CA GLY B 280 12.17 33.26 -22.40
C GLY B 280 12.68 31.84 -22.45
N PRO B 281 13.66 31.57 -23.34
CA PRO B 281 14.29 30.25 -23.40
C PRO B 281 15.15 29.99 -22.16
N LEU B 282 14.96 28.83 -21.56
CA LEU B 282 15.68 28.43 -20.36
C LEU B 282 16.95 27.72 -20.77
N VAL B 283 16.81 26.74 -21.66
CA VAL B 283 17.94 25.99 -22.20
C VAL B 283 17.96 26.16 -23.71
N THR B 284 19.12 26.53 -24.22
CA THR B 284 19.35 26.70 -25.65
C THR B 284 20.59 25.91 -25.97
N THR B 285 20.48 24.95 -26.88
CA THR B 285 21.62 24.16 -27.34
C THR B 285 21.70 24.26 -28.85
N GLY B 286 22.87 23.88 -29.38
CA GLY B 286 23.14 23.97 -30.81
C GLY B 286 22.64 22.78 -31.59
N TYR B 287 22.48 22.97 -32.90
CA TYR B 287 22.08 21.90 -33.83
C TYR B 287 23.05 20.71 -33.79
N LYS B 288 22.57 19.59 -33.26
CA LYS B 288 23.37 18.39 -33.02
C LYS B 288 24.67 18.62 -32.24
N GLU B 289 24.67 19.60 -31.33
CA GLU B 289 25.77 19.88 -30.42
C GLU B 289 25.94 18.70 -29.47
N SER B 290 27.20 18.35 -29.16
CA SER B 290 27.48 17.35 -28.13
C SER B 290 28.42 17.94 -27.10
N TYR B 291 28.09 17.76 -25.82
CA TYR B 291 28.98 18.12 -24.72
C TYR B 291 30.17 17.15 -24.59
N GLY B 292 30.08 15.97 -25.20
CA GLY B 292 31.18 15.00 -25.20
C GLY B 292 30.74 13.56 -25.05
N GLU B 293 31.73 12.68 -24.94
CA GLU B 293 31.53 11.21 -24.92
C GLU B 293 30.65 10.71 -23.75
N TRP B 294 30.63 11.48 -22.66
CA TRP B 294 29.87 11.16 -21.45
C TRP B 294 28.46 11.78 -21.42
N SER B 295 28.06 12.45 -22.50
CA SER B 295 26.91 13.35 -22.46
C SER B 295 25.92 13.21 -23.63
N GLY B 296 26.03 12.14 -24.43
CA GLY B 296 25.18 11.95 -25.60
C GLY B 296 25.28 13.10 -26.60
N ASN B 297 24.14 13.50 -27.15
CA ASN B 297 24.07 14.55 -28.16
C ASN B 297 22.74 15.31 -28.01
N TYR B 298 22.80 16.63 -28.12
CA TYR B 298 21.62 17.47 -27.88
C TYR B 298 20.62 17.52 -29.06
N GLY B 299 20.93 16.86 -30.17
CA GLY B 299 19.98 16.69 -31.27
C GLY B 299 19.45 18.01 -31.83
N ILE B 300 18.21 17.97 -32.30
CA ILE B 300 17.58 19.12 -32.96
C ILE B 300 16.32 19.62 -32.25
N ASN B 301 15.85 18.90 -31.24
CA ASN B 301 14.55 19.14 -30.63
C ASN B 301 14.52 18.41 -29.29
N PHE B 302 13.97 19.06 -28.26
CA PHE B 302 13.76 18.44 -26.94
C PHE B 302 12.34 17.88 -26.83
N GLU B 303 12.23 16.81 -26.06
CA GLU B 303 10.96 16.22 -25.64
C GLU B 303 11.02 15.89 -24.15
N THR B 304 9.83 15.89 -23.53
CA THR B 304 9.61 15.51 -22.14
C THR B 304 10.61 16.12 -21.14
N ALA B 305 10.95 17.39 -21.34
CA ALA B 305 11.89 18.05 -20.43
C ALA B 305 11.26 18.38 -19.09
N GLY B 306 12.05 18.28 -18.02
CA GLY B 306 11.64 18.70 -16.67
C GLY B 306 12.75 19.45 -15.96
N VAL B 307 12.37 20.12 -14.86
CA VAL B 307 13.25 20.96 -14.05
C VAL B 307 13.10 20.52 -12.61
N THR B 308 14.22 20.32 -11.94
CA THR B 308 14.20 19.96 -10.52
C THR B 308 15.37 20.63 -9.78
N ARG B 309 15.39 20.45 -8.47
CA ARG B 309 16.47 20.95 -7.62
C ARG B 309 16.67 19.89 -6.54
N LEU B 310 17.91 19.47 -6.35
CA LEU B 310 18.24 18.32 -5.54
C LEU B 310 19.37 18.67 -4.60
N ASN B 311 19.48 17.91 -3.52
CA ASN B 311 20.62 17.96 -2.64
C ASN B 311 20.99 16.52 -2.31
N PRO B 312 22.02 16.29 -1.47
CA PRO B 312 22.41 14.90 -1.26
C PRO B 312 21.32 13.95 -0.75
N ALA B 313 20.34 14.46 -0.02
CA ALA B 313 19.26 13.62 0.54
C ALA B 313 18.10 13.35 -0.43
N GLY B 314 17.95 14.17 -1.47
CA GLY B 314 16.81 14.03 -2.40
C GLY B 314 16.42 15.37 -3.00
N ALA B 315 15.13 15.71 -2.92
CA ALA B 315 14.61 16.96 -3.43
C ALA B 315 14.92 18.12 -2.49
N ALA B 316 15.24 19.27 -3.06
CA ALA B 316 15.52 20.49 -2.31
C ALA B 316 14.52 21.56 -2.72
N TRP B 317 13.89 22.19 -1.72
CA TRP B 317 12.88 23.23 -1.96
C TRP B 317 13.30 24.61 -1.38
N ASP B 318 14.61 24.80 -1.19
CA ASP B 318 15.15 26.05 -0.69
C ASP B 318 15.15 27.11 -1.79
N ASN B 319 15.33 28.37 -1.38
CA ASN B 319 15.35 29.50 -2.32
C ASN B 319 16.72 29.85 -2.88
N GLY B 320 17.70 28.96 -2.70
CA GLY B 320 19.09 29.23 -3.06
C GLY B 320 20.04 29.17 -1.87
N SER B 321 19.49 29.27 -0.66
CA SER B 321 20.26 29.29 0.58
C SER B 321 20.99 27.98 0.91
N ASP B 322 20.53 26.85 0.37
CA ASP B 322 21.21 25.58 0.57
C ASP B 322 22.37 25.45 -0.41
N THR B 323 23.59 25.61 0.10
CA THR B 323 24.80 25.53 -0.72
C THR B 323 25.12 24.12 -1.22
N THR B 324 24.47 23.09 -0.65
CA THR B 324 24.61 21.72 -1.13
C THR B 324 23.64 21.35 -2.28
N ALA B 325 22.68 22.23 -2.58
CA ALA B 325 21.67 21.96 -3.61
C ALA B 325 22.16 22.32 -5.01
N VAL B 326 21.70 21.56 -6.00
CA VAL B 326 22.07 21.74 -7.40
C VAL B 326 20.79 21.77 -8.24
N ASP B 327 20.73 22.68 -9.21
CA ASP B 327 19.61 22.78 -10.16
C ASP B 327 19.87 21.84 -11.34
N PHE B 328 18.86 21.06 -11.70
CA PHE B 328 18.98 20.11 -12.81
C PHE B 328 17.83 20.27 -13.80
N VAL B 329 18.12 19.98 -15.07
CA VAL B 329 17.10 19.81 -16.11
C VAL B 329 17.29 18.41 -16.68
N THR B 330 16.19 17.69 -16.90
CA THR B 330 16.23 16.40 -17.59
C THR B 330 15.46 16.59 -18.89
N PHE B 331 15.88 15.91 -19.95
CA PHE B 331 15.29 16.13 -21.27
C PHE B 331 15.67 15.03 -22.24
N GLY B 332 14.73 14.69 -23.13
CA GLY B 332 15.02 13.83 -24.27
C GLY B 332 15.44 14.71 -25.44
N THR B 333 16.29 14.16 -26.30
CA THR B 333 16.65 14.84 -27.55
C THR B 333 16.40 13.90 -28.69
N GLU B 334 16.09 14.46 -29.86
CA GLU B 334 15.93 13.65 -31.04
C GLU B 334 16.82 14.07 -32.21
N GLN B 335 17.09 13.09 -33.06
CA GLN B 335 17.91 13.21 -34.28
C GLN B 335 19.39 13.53 -34.01
N GLY B 336 19.87 13.24 -32.80
CA GLY B 336 21.30 13.33 -32.47
C GLY B 336 21.94 11.97 -32.25
N ARG B 337 21.32 10.91 -32.74
CA ARG B 337 21.79 9.56 -32.46
C ARG B 337 21.51 8.65 -33.65
N ALA B 338 22.47 7.79 -33.98
CA ALA B 338 22.37 6.91 -35.15
C ALA B 338 21.47 5.69 -34.94
N ASP B 339 21.14 5.39 -33.69
CA ASP B 339 20.36 4.20 -33.35
C ASP B 339 19.52 4.54 -32.11
N HIS B 340 18.94 3.55 -31.43
CA HIS B 340 18.05 3.81 -30.27
C HIS B 340 16.95 4.80 -30.64
N GLN B 341 16.35 4.56 -31.80
CA GLN B 341 15.23 5.38 -32.31
C GLN B 341 15.57 6.87 -32.38
N ASN B 342 16.85 7.17 -32.65
CA ASN B 342 17.38 8.53 -32.71
C ASN B 342 17.19 9.37 -31.43
N HIS B 343 17.11 8.70 -30.28
CA HIS B 343 16.68 9.32 -29.01
C HIS B 343 17.69 9.16 -27.86
N TRP B 344 18.05 10.27 -27.23
CA TRP B 344 18.90 10.32 -26.03
C TRP B 344 18.06 10.85 -24.87
N PRO B 345 17.97 10.11 -23.74
CA PRO B 345 17.47 10.70 -22.50
C PRO B 345 18.60 11.27 -21.64
N LEU B 346 18.65 12.59 -21.54
CA LEU B 346 19.77 13.29 -20.94
C LEU B 346 19.40 14.05 -19.69
N TRP B 347 20.42 14.57 -19.01
CA TRP B 347 20.24 15.53 -17.93
C TRP B 347 21.42 16.49 -17.89
N ALA B 348 21.21 17.66 -17.29
CA ALA B 348 22.28 18.63 -17.09
C ALA B 348 22.13 19.36 -15.78
N ALA B 349 23.26 19.56 -15.09
CA ALA B 349 23.31 20.49 -13.98
C ALA B 349 23.44 21.86 -14.57
N VAL B 350 22.72 22.84 -14.02
CA VAL B 350 22.70 24.19 -14.59
C VAL B 350 22.90 25.25 -13.52
N ASP B 351 23.48 26.38 -13.94
CA ASP B 351 23.57 27.58 -13.11
C ASP B 351 22.67 28.65 -13.71
N TYR B 352 21.69 29.10 -12.94
CA TYR B 352 20.70 30.04 -13.44
C TYR B 352 21.27 31.46 -13.42
N GLU B 353 21.07 32.20 -14.53
CA GLU B 353 21.37 33.63 -14.61
C GLU B 353 20.10 34.37 -14.96
N VAL B 354 19.88 35.52 -14.32
CA VAL B 354 18.69 36.35 -14.57
C VAL B 354 18.98 37.31 -15.72
N ARG B 355 18.11 37.29 -16.73
CA ARG B 355 18.21 38.21 -17.85
C ARG B 355 17.58 39.55 -17.50
N ASP B 356 17.96 40.58 -18.26
CA ASP B 356 17.47 41.94 -18.06
C ASP B 356 15.96 42.03 -18.29
N ASN B 357 15.44 41.22 -19.21
CA ASN B 357 13.99 41.20 -19.47
C ASN B 357 13.16 40.34 -18.48
N GLY B 358 13.76 39.93 -17.36
CA GLY B 358 13.04 39.18 -16.32
C GLY B 358 12.77 37.74 -16.70
N SER B 359 13.75 37.12 -17.37
CA SER B 359 13.74 35.70 -17.71
C SER B 359 15.01 35.04 -17.16
N ILE B 360 15.14 33.73 -17.36
CA ILE B 360 16.21 32.93 -16.78
C ILE B 360 16.96 32.18 -17.87
N GLU B 361 18.29 32.30 -17.89
CA GLU B 361 19.12 31.43 -18.69
C GLU B 361 19.69 30.34 -17.79
N ALA B 362 19.50 29.08 -18.18
CA ALA B 362 20.10 27.94 -17.49
C ALA B 362 21.38 27.57 -18.19
N VAL B 363 22.51 27.96 -17.60
CA VAL B 363 23.82 27.72 -18.20
C VAL B 363 24.29 26.33 -17.76
N ILE B 364 24.56 25.45 -18.72
CA ILE B 364 24.93 24.08 -18.43
C ILE B 364 26.32 24.03 -17.77
N ALA B 365 26.38 23.46 -16.56
CA ALA B 365 27.62 23.31 -15.77
C ALA B 365 28.30 21.98 -16.03
N TYR B 366 27.49 20.92 -16.13
CA TYR B 366 27.92 19.60 -16.60
C TYR B 366 26.69 18.83 -17.06
N SER B 367 26.90 17.77 -17.83
CA SER B 367 25.82 17.19 -18.63
C SER B 367 26.01 15.70 -18.77
N GLY B 368 24.96 14.94 -18.49
CA GLY B 368 25.03 13.48 -18.51
C GLY B 368 23.86 12.79 -19.20
N VAL B 369 23.78 11.50 -18.94
CA VAL B 369 22.84 10.59 -19.57
C VAL B 369 22.03 9.92 -18.45
N GLN B 370 20.70 9.96 -18.59
CA GLN B 370 19.83 9.38 -17.57
C GLN B 370 19.77 7.84 -17.69
N ASP B 371 19.81 7.34 -18.93
CA ASP B 371 19.87 5.90 -19.21
C ASP B 371 20.51 5.72 -20.59
N TRP B 372 21.42 4.75 -20.69
CA TRP B 372 22.22 4.57 -21.92
C TRP B 372 21.61 3.57 -22.91
N GLY B 373 20.49 2.93 -22.56
CA GLY B 373 19.92 1.89 -23.40
C GLY B 373 18.62 2.27 -24.09
N ARG B 374 17.74 1.27 -24.25
CA ARG B 374 16.48 1.42 -24.99
C ARG B 374 15.37 2.01 -24.11
N SER B 375 15.62 3.20 -23.57
CA SER B 375 14.61 3.94 -22.82
C SER B 375 14.66 5.41 -23.15
N TYR B 376 13.57 6.09 -22.81
CA TYR B 376 13.33 7.47 -23.23
C TYR B 376 12.13 8.00 -22.46
N ALA B 377 11.91 9.31 -22.55
CA ALA B 377 10.71 9.98 -22.05
C ALA B 377 10.63 9.89 -20.55
N TYR B 378 11.74 10.21 -19.89
CA TYR B 378 11.77 10.23 -18.43
C TYR B 378 10.96 11.41 -17.91
N ALA B 379 10.13 11.13 -16.91
CA ALA B 379 9.38 12.13 -16.18
C ALA B 379 9.80 12.05 -14.72
N SER B 380 9.85 13.19 -14.02
CA SER B 380 10.11 13.22 -12.58
C SER B 380 9.02 13.99 -11.85
N PHE B 381 8.75 13.58 -10.62
CA PHE B 381 7.70 14.19 -9.82
C PHE B 381 8.04 14.18 -8.33
N PRO B 382 7.52 15.16 -7.57
CA PRO B 382 7.84 15.24 -6.15
C PRO B 382 7.07 14.23 -5.33
N VAL B 383 7.74 13.69 -4.30
CA VAL B 383 7.16 12.69 -3.42
C VAL B 383 7.49 13.12 -1.99
N GLU B 384 6.55 12.88 -1.08
CA GLU B 384 6.71 13.27 0.31
C GLU B 384 7.97 12.73 0.94
N GLY B 385 8.50 13.50 1.90
CA GLY B 385 9.79 13.21 2.52
C GLY B 385 10.98 13.71 1.70
N TYR B 386 10.77 14.82 0.98
CA TYR B 386 11.84 15.48 0.24
C TYR B 386 12.47 14.57 -0.81
N ARG B 387 11.61 13.98 -1.65
CA ARG B 387 12.05 13.11 -2.73
C ARG B 387 11.63 13.64 -4.07
N GLN B 388 12.43 13.33 -5.10
CA GLN B 388 12.06 13.53 -6.50
C GLN B 388 12.25 12.17 -7.15
N VAL B 389 11.18 11.63 -7.75
CA VAL B 389 11.19 10.29 -8.30
C VAL B 389 11.05 10.37 -9.81
N SER B 390 11.87 9.60 -10.52
CA SER B 390 11.93 9.62 -11.97
C SER B 390 11.59 8.23 -12.53
N VAL B 391 10.91 8.21 -13.66
CA VAL B 391 10.56 6.96 -14.33
C VAL B 391 10.47 7.22 -15.83
N GLY B 392 10.87 6.24 -16.62
CA GLY B 392 10.86 6.37 -18.08
C GLY B 392 10.16 5.21 -18.76
N TRP B 393 10.27 5.18 -20.09
CA TRP B 393 9.66 4.18 -20.94
C TRP B 393 10.75 3.35 -21.61
N ILE B 394 10.64 2.03 -21.49
CA ILE B 394 11.50 1.07 -22.18
C ILE B 394 10.75 0.54 -23.39
N TYR B 395 11.23 0.90 -24.57
CA TYR B 395 10.65 0.39 -25.81
C TYR B 395 11.15 -1.03 -26.09
N GLU B 396 10.50 -1.71 -27.02
CA GLU B 396 10.89 -3.07 -27.42
C GLU B 396 12.13 -2.97 -28.33
N ASP B 397 12.70 -4.12 -28.69
CA ASP B 397 13.76 -4.15 -29.71
C ASP B 397 13.28 -4.95 -30.93
N ASP B 398 12.22 -4.43 -31.54
CA ASP B 398 11.59 -5.02 -32.72
C ASP B 398 11.19 -3.85 -33.63
N ASP B 399 12.17 -3.05 -34.03
CA ASP B 399 11.90 -1.80 -34.75
C ASP B 399 11.27 -1.97 -36.13
N ASN B 400 11.41 -3.13 -36.74
CA ASN B 400 10.71 -3.46 -38.00
C ASN B 400 9.31 -4.05 -37.81
N VAL B 401 8.85 -4.16 -36.56
CA VAL B 401 7.47 -4.53 -36.24
C VAL B 401 7.14 -5.92 -36.79
N ILE B 402 8.07 -6.87 -36.58
CA ILE B 402 7.95 -8.21 -37.13
C ILE B 402 7.08 -9.11 -36.26
N LEU B 403 7.20 -9.01 -34.94
CA LEU B 403 6.43 -9.84 -34.01
C LEU B 403 5.52 -9.04 -33.06
N ALA B 404 5.30 -7.75 -33.33
CA ALA B 404 4.47 -6.92 -32.45
C ALA B 404 3.04 -7.43 -32.32
N LYS B 405 2.42 -7.80 -33.45
CA LYS B 405 1.06 -8.34 -33.39
C LYS B 405 0.98 -9.64 -32.62
N GLN B 406 2.01 -10.47 -32.76
CA GLN B 406 2.09 -11.73 -32.03
C GLN B 406 2.24 -11.49 -30.51
N PHE B 407 3.02 -10.47 -30.13
CA PHE B 407 3.07 -10.03 -28.71
C PHE B 407 1.68 -9.60 -28.23
N GLY B 408 1.02 -8.74 -29.01
CA GLY B 408 -0.24 -8.13 -28.58
C GLY B 408 -0.07 -6.93 -27.65
N TYR B 409 1.16 -6.45 -27.51
CA TYR B 409 1.50 -5.27 -26.71
C TYR B 409 2.88 -4.76 -27.13
N GLN B 410 3.18 -3.52 -26.78
CA GLN B 410 4.51 -2.94 -26.91
C GLN B 410 4.76 -2.01 -25.73
N GLY B 411 5.91 -2.19 -25.07
CA GLY B 411 6.45 -1.19 -24.16
C GLY B 411 6.23 -1.52 -22.70
N ALA B 412 7.09 -0.96 -21.85
CA ALA B 412 6.93 -0.98 -20.38
C ALA B 412 7.58 0.26 -19.79
N PHE B 413 7.40 0.47 -18.49
CA PHE B 413 8.16 1.46 -17.78
C PHE B 413 9.52 0.89 -17.35
N THR B 414 10.42 1.80 -17.02
CA THR B 414 11.58 1.49 -16.19
C THR B 414 11.10 1.28 -14.76
N LEU B 415 12.03 0.96 -13.86
CA LEU B 415 11.72 1.07 -12.44
C LEU B 415 11.68 2.55 -12.05
N PHE B 416 11.04 2.82 -10.92
CA PHE B 416 10.99 4.16 -10.38
C PHE B 416 12.28 4.44 -9.62
N ARG B 417 12.83 5.63 -9.83
CA ARG B 417 14.17 5.95 -9.33
C ARG B 417 14.15 7.21 -8.48
N ASP B 418 14.73 7.14 -7.29
CA ASP B 418 14.98 8.34 -6.50
C ASP B 418 16.15 9.09 -7.11
N LEU B 419 15.96 10.40 -7.33
CA LEU B 419 17.04 11.30 -7.73
C LEU B 419 17.59 12.01 -6.50
N PHE B 420 18.90 12.28 -6.53
CA PHE B 420 19.59 12.98 -5.45
C PHE B 420 20.95 13.45 -6.00
N VAL B 421 21.63 14.29 -5.23
CA VAL B 421 22.99 14.71 -5.60
C VAL B 421 23.97 13.67 -5.03
N LYS B 422 24.64 12.94 -5.91
CA LYS B 422 25.67 11.99 -5.51
C LYS B 422 26.96 12.77 -5.23
N VAL B 423 27.49 12.64 -4.00
CA VAL B 423 28.75 13.28 -3.60
C VAL B 423 29.73 12.19 -3.23
N VAL B 424 30.91 12.18 -3.87
CA VAL B 424 31.98 11.23 -3.54
C VAL B 424 33.12 12.05 -2.96
N GLU B 425 33.51 11.73 -1.73
CA GLU B 425 34.58 12.46 -1.04
C GLU B 425 35.91 11.74 -1.18
N ASN B 426 36.99 12.50 -0.99
CA ASN B 426 38.36 11.98 -0.97
C ASN B 426 38.72 11.21 -2.23
N VAL B 427 38.35 11.77 -3.37
CA VAL B 427 38.69 11.17 -4.65
C VAL B 427 40.15 11.51 -4.99
N SER B 428 40.88 10.52 -5.47
CA SER B 428 42.29 10.68 -5.89
C SER B 428 42.38 11.51 -7.17
N PRO B 429 43.24 12.55 -7.19
CA PRO B 429 43.54 13.30 -8.41
C PRO B 429 44.10 12.47 -9.57
N SER B 430 44.59 11.26 -9.30
CA SER B 430 45.11 10.39 -10.34
C SER B 430 44.03 9.54 -11.01
N THR B 431 42.77 9.66 -10.59
CA THR B 431 41.68 9.03 -11.32
C THR B 431 41.76 9.44 -12.79
N PRO B 432 41.89 8.47 -13.71
CA PRO B 432 42.02 8.83 -15.12
C PRO B 432 40.81 9.62 -15.63
N GLY B 433 41.09 10.67 -16.40
CA GLY B 433 40.05 11.51 -17.03
C GLY B 433 39.16 12.32 -16.10
N LEU B 434 39.60 12.53 -14.86
CA LEU B 434 38.71 13.13 -13.85
C LEU B 434 38.35 14.60 -14.17
N PHE B 435 39.25 15.31 -14.82
CA PHE B 435 39.11 16.75 -15.07
C PHE B 435 38.64 17.08 -16.48
N GLU B 436 38.29 16.05 -17.24
CA GLU B 436 37.65 16.21 -18.54
C GLU B 436 36.19 16.72 -18.44
N GLN B 437 35.71 17.33 -19.53
CA GLN B 437 34.35 17.85 -19.61
C GLN B 437 33.37 16.66 -19.75
N ALA B 438 32.62 16.39 -18.69
CA ALA B 438 31.79 15.21 -18.65
C ALA B 438 30.57 15.48 -17.75
N SER B 439 30.15 14.49 -16.96
CA SER B 439 28.89 14.54 -16.24
C SER B 439 29.04 14.70 -14.73
N TRP B 440 30.10 15.36 -14.30
CA TRP B 440 30.33 15.64 -12.87
C TRP B 440 31.09 16.94 -12.71
N SER B 441 31.08 17.45 -11.48
CA SER B 441 31.92 18.58 -11.13
C SER B 441 32.95 18.09 -10.12
N THR B 442 34.07 18.81 -10.06
CA THR B 442 35.16 18.54 -9.14
C THR B 442 35.44 19.79 -8.34
N LYS B 443 35.72 19.59 -7.06
CA LYS B 443 36.21 20.64 -6.21
C LYS B 443 37.46 20.13 -5.49
N ASN B 444 38.57 20.78 -5.78
CA ASN B 444 39.86 20.42 -5.16
C ASN B 444 39.91 20.81 -3.70
N SER B 445 40.60 19.99 -2.91
CA SER B 445 40.88 20.35 -1.52
C SER B 445 41.89 21.51 -1.50
N THR B 446 41.95 22.23 -0.38
CA THR B 446 42.94 23.30 -0.21
C THR B 446 44.37 22.86 -0.55
N ASP B 447 44.77 21.67 -0.07
CA ASP B 447 46.12 21.16 -0.31
C ASP B 447 46.35 20.49 -1.68
N GLY B 448 45.29 20.33 -2.47
CA GLY B 448 45.38 19.75 -3.81
C GLY B 448 45.56 18.24 -3.87
N MET B 449 45.48 17.53 -2.75
CA MET B 449 45.73 16.08 -2.68
C MET B 449 44.46 15.23 -2.78
N SER B 450 43.29 15.86 -2.70
CA SER B 450 42.01 15.17 -2.91
C SER B 450 41.00 16.05 -3.63
N VAL B 451 39.94 15.42 -4.10
CA VAL B 451 38.86 16.07 -4.84
C VAL B 451 37.52 15.59 -4.29
N THR B 452 36.54 16.50 -4.23
CA THR B 452 35.15 16.12 -4.00
C THR B 452 34.42 16.10 -5.35
N VAL B 453 33.80 14.98 -5.68
CA VAL B 453 33.07 14.83 -6.95
C VAL B 453 31.56 14.94 -6.68
N THR B 454 30.88 15.70 -7.53
CA THR B 454 29.42 15.87 -7.46
C THR B 454 28.82 15.48 -8.80
N THR B 455 27.75 14.68 -8.77
CA THR B 455 27.01 14.32 -9.99
C THR B 455 25.53 14.02 -9.63
N LEU B 456 24.75 13.67 -10.65
CA LEU B 456 23.37 13.22 -10.43
C LEU B 456 23.39 11.78 -9.95
N GLY B 457 22.74 11.53 -8.82
CA GLY B 457 22.54 10.17 -8.34
C GLY B 457 21.17 9.65 -8.76
N GLN B 458 21.11 8.36 -9.06
CA GLN B 458 19.87 7.65 -9.36
C GLN B 458 19.93 6.30 -8.67
N ARG B 459 18.87 5.96 -7.94
CA ARG B 459 18.77 4.64 -7.34
C ARG B 459 17.32 4.17 -7.35
N VAL B 460 17.12 2.86 -7.42
CA VAL B 460 15.77 2.30 -7.45
C VAL B 460 15.14 2.68 -6.10
N VAL B 461 13.89 3.11 -6.14
CA VAL B 461 13.17 3.49 -4.92
C VAL B 461 13.22 2.33 -3.90
N PRO B 462 13.46 2.65 -2.62
CA PRO B 462 13.66 1.58 -1.64
C PRO B 462 12.45 0.66 -1.42
N GLU B 463 11.26 1.19 -1.66
CA GLU B 463 10.02 0.41 -1.59
C GLU B 463 10.05 -0.80 -2.52
N THR B 464 10.57 -0.59 -3.73
CA THR B 464 10.67 -1.64 -4.74
C THR B 464 11.76 -2.64 -4.37
N LEU B 465 12.92 -2.15 -3.94
CA LEU B 465 14.00 -3.05 -3.52
C LEU B 465 13.55 -3.95 -2.37
N ALA B 466 12.85 -3.38 -1.38
CA ALA B 466 12.37 -4.13 -0.23
C ALA B 466 11.33 -5.18 -0.63
N ALA B 467 10.36 -4.77 -1.44
CA ALA B 467 9.30 -5.66 -1.90
C ALA B 467 9.85 -6.80 -2.76
N TYR B 468 10.75 -6.47 -3.68
CA TYR B 468 11.41 -7.48 -4.54
C TYR B 468 12.15 -8.54 -3.71
N LYS B 469 13.00 -8.08 -2.80
CA LYS B 469 13.79 -8.99 -1.98
C LYS B 469 12.88 -9.85 -1.07
N GLY B 470 11.92 -9.20 -0.42
CA GLY B 470 11.04 -9.91 0.51
C GLY B 470 10.11 -10.93 -0.11
N ASN B 471 9.76 -10.74 -1.37
CA ASN B 471 8.91 -11.66 -2.09
C ASN B 471 9.69 -12.72 -2.87
N SER B 472 11.00 -12.56 -2.98
CA SER B 472 11.83 -13.50 -3.74
C SER B 472 12.37 -14.63 -2.84
N THR B 473 12.79 -15.72 -3.48
CA THR B 473 13.70 -16.66 -2.84
C THR B 473 15.10 -16.09 -2.98
N VAL B 474 15.70 -15.69 -1.85
CA VAL B 474 16.97 -15.00 -1.83
C VAL B 474 18.09 -16.00 -1.57
N SER B 475 19.10 -16.01 -2.43
CA SER B 475 20.31 -16.80 -2.24
C SER B 475 21.49 -15.84 -2.06
N THR B 476 22.07 -15.83 -0.86
CA THR B 476 23.27 -15.07 -0.57
C THR B 476 24.43 -15.96 -0.98
N LEU B 477 25.25 -15.48 -1.91
CA LEU B 477 26.30 -16.30 -2.50
C LEU B 477 27.65 -15.96 -1.92
N ALA B 478 28.51 -16.96 -1.80
CA ALA B 478 29.88 -16.77 -1.30
C ALA B 478 30.67 -15.86 -2.23
N PRO B 479 31.58 -15.02 -1.67
CA PRO B 479 32.44 -14.21 -2.55
C PRO B 479 33.27 -15.09 -3.48
N VAL B 480 33.58 -14.55 -4.66
CA VAL B 480 34.32 -15.29 -5.68
C VAL B 480 35.49 -14.44 -6.09
N MET B 481 36.69 -15.02 -5.97
CA MET B 481 37.90 -14.38 -6.46
C MET B 481 38.14 -14.90 -7.89
N LEU B 482 38.19 -13.96 -8.85
CA LEU B 482 38.42 -14.29 -10.26
C LEU B 482 39.89 -14.08 -10.57
N ASN B 483 40.60 -15.19 -10.82
CA ASN B 483 42.03 -15.17 -11.07
C ASN B 483 42.35 -16.11 -12.23
N GLU B 484 43.55 -16.69 -12.25
CA GLU B 484 43.96 -17.59 -13.33
C GLU B 484 43.08 -18.84 -13.47
N SER B 485 42.46 -19.28 -12.38
CA SER B 485 41.56 -20.44 -12.40
C SER B 485 40.13 -20.15 -12.89
N ALA B 486 39.80 -18.87 -13.10
CA ALA B 486 38.43 -18.47 -13.45
C ALA B 486 38.06 -18.92 -14.85
N ALA B 487 36.94 -19.61 -14.98
CA ALA B 487 36.37 -19.91 -16.29
C ALA B 487 35.78 -18.63 -16.92
N ALA B 488 35.52 -18.66 -18.22
CA ALA B 488 34.93 -17.52 -18.93
C ALA B 488 33.56 -17.21 -18.34
N TYR B 489 32.76 -18.26 -18.14
CA TYR B 489 31.44 -18.18 -17.51
C TYR B 489 31.37 -19.18 -16.35
N THR B 490 30.97 -18.68 -15.19
CA THR B 490 30.82 -19.49 -13.98
C THR B 490 29.39 -19.32 -13.44
N PRO B 491 28.51 -20.32 -13.66
CA PRO B 491 27.15 -20.25 -13.12
C PRO B 491 27.14 -20.04 -11.61
N PHE B 492 26.17 -19.27 -11.12
CA PHE B 492 26.01 -19.11 -9.67
C PHE B 492 25.64 -20.43 -9.04
N SER B 493 26.04 -20.61 -7.78
CA SER B 493 25.74 -21.83 -7.01
C SER B 493 24.25 -22.08 -6.81
N SER B 494 23.45 -21.00 -6.84
CA SER B 494 21.99 -21.09 -6.97
C SER B 494 21.54 -20.43 -8.27
N GLN B 495 20.53 -21.01 -8.90
CA GLN B 495 20.05 -20.53 -10.20
C GLN B 495 18.64 -19.97 -10.14
N PRO B 496 18.32 -19.03 -11.04
CA PRO B 496 16.92 -18.58 -11.16
C PRO B 496 16.02 -19.72 -11.62
N THR B 497 14.72 -19.59 -11.37
CA THR B 497 13.71 -20.56 -11.82
C THR B 497 12.86 -20.06 -12.99
N ASP B 498 13.04 -18.80 -13.40
CA ASP B 498 12.21 -18.20 -14.46
C ASP B 498 12.90 -16.89 -14.87
N ARG B 499 12.25 -16.06 -15.69
CA ARG B 499 12.85 -14.83 -16.20
C ARG B 499 12.57 -13.59 -15.36
N PHE B 500 12.49 -13.77 -14.04
CA PHE B 500 12.12 -12.71 -13.11
C PHE B 500 13.05 -12.81 -11.91
N TYR B 501 14.13 -12.04 -11.96
CA TYR B 501 15.12 -12.05 -10.89
C TYR B 501 16.00 -10.83 -10.85
N ALA B 502 16.69 -10.65 -9.72
CA ALA B 502 17.66 -9.58 -9.53
C ALA B 502 19.00 -10.16 -9.09
N LEU B 503 20.07 -9.48 -9.49
CA LEU B 503 21.43 -9.80 -9.09
C LEU B 503 22.07 -8.57 -8.50
N THR B 504 22.86 -8.76 -7.43
CA THR B 504 23.72 -7.72 -6.89
C THR B 504 25.16 -8.26 -6.85
N GLY B 505 26.12 -7.38 -7.07
CA GLY B 505 27.54 -7.75 -6.91
C GLY B 505 28.41 -6.52 -6.84
N SER B 506 29.51 -6.62 -6.06
CA SER B 506 30.54 -5.59 -5.99
C SER B 506 31.81 -6.20 -6.59
N PHE B 507 32.33 -5.54 -7.62
CA PHE B 507 33.50 -6.02 -8.37
C PHE B 507 34.68 -5.12 -8.02
N GLU B 508 35.68 -5.69 -7.35
CA GLU B 508 36.86 -4.93 -6.94
C GLU B 508 38.00 -5.19 -7.93
N PHE B 509 38.46 -4.13 -8.59
CA PHE B 509 39.49 -4.20 -9.63
C PHE B 509 40.77 -3.52 -9.16
N GLY B 510 41.92 -4.01 -9.62
CA GLY B 510 43.18 -3.28 -9.46
C GLY B 510 43.16 -1.98 -10.24
N LEU B 511 43.88 -0.98 -9.75
CA LEU B 511 43.91 0.33 -10.41
C LEU B 511 44.45 0.34 -11.84
N ASN B 512 45.29 -0.63 -12.20
CA ASN B 512 45.82 -0.69 -13.57
C ASN B 512 45.41 -1.98 -14.25
N THR B 513 44.23 -2.49 -13.88
CA THR B 513 43.72 -3.74 -14.44
C THR B 513 43.46 -3.60 -15.94
N THR B 514 43.58 -4.72 -16.65
CA THR B 514 43.06 -4.86 -18.00
C THR B 514 42.10 -6.05 -18.05
N ALA B 515 41.66 -6.51 -16.88
CA ALA B 515 40.70 -7.61 -16.83
C ALA B 515 39.28 -7.04 -17.01
N LYS B 516 38.37 -7.89 -17.45
CA LYS B 516 36.95 -7.56 -17.58
C LYS B 516 36.17 -8.54 -16.74
N ALA B 517 35.06 -8.08 -16.15
CA ALA B 517 34.17 -8.99 -15.45
C ALA B 517 32.74 -8.47 -15.49
N GLY B 518 31.80 -9.35 -15.17
CA GLY B 518 30.39 -8.96 -15.08
C GLY B 518 29.46 -10.12 -14.86
N PHE B 519 28.25 -10.03 -15.44
CA PHE B 519 27.21 -11.02 -15.25
C PHE B 519 26.70 -11.51 -16.59
N ARG B 520 26.48 -12.81 -16.70
CA ARG B 520 25.71 -13.39 -17.80
C ARG B 520 24.32 -13.70 -17.25
N VAL B 521 23.28 -13.38 -18.03
CA VAL B 521 21.87 -13.59 -17.64
C VAL B 521 21.06 -14.21 -18.78
N LEU B 522 19.87 -14.71 -18.46
CA LEU B 522 18.95 -15.34 -19.42
C LEU B 522 19.68 -16.38 -20.28
N ALA B 523 20.41 -17.26 -19.57
CA ALA B 523 21.42 -18.11 -20.18
C ALA B 523 21.05 -19.58 -20.18
N SER B 524 21.16 -20.18 -21.35
CA SER B 524 21.23 -21.63 -21.53
C SER B 524 22.51 -21.87 -22.33
N GLU B 525 22.73 -23.10 -22.80
CA GLU B 525 23.86 -23.37 -23.70
C GLU B 525 23.84 -22.52 -24.96
N GLU B 526 22.65 -22.35 -25.55
CA GLU B 526 22.52 -21.75 -26.88
C GLU B 526 22.11 -20.27 -26.91
N GLU B 527 21.58 -19.75 -25.80
CA GLU B 527 21.17 -18.35 -25.71
C GLU B 527 21.68 -17.77 -24.42
N TYR B 528 22.20 -16.55 -24.48
CA TYR B 528 22.64 -15.85 -23.28
C TYR B 528 22.92 -14.40 -23.59
N THR B 529 22.90 -13.58 -22.53
CA THR B 529 23.17 -12.16 -22.64
C THR B 529 24.28 -11.79 -21.66
N ASP B 530 25.32 -11.14 -22.17
CA ASP B 530 26.53 -10.87 -21.39
C ASP B 530 26.66 -9.40 -21.03
N ILE B 531 26.73 -9.13 -19.72
CA ILE B 531 26.93 -7.78 -19.19
C ILE B 531 28.36 -7.68 -18.69
N TRP B 532 29.18 -6.86 -19.37
CA TRP B 532 30.61 -6.75 -19.09
C TRP B 532 30.92 -5.36 -18.59
N PHE B 533 31.85 -5.24 -17.64
CA PHE B 533 32.52 -3.98 -17.41
C PHE B 533 34.02 -4.16 -17.68
N ASP B 534 34.60 -3.16 -18.34
CA ASP B 534 35.99 -3.14 -18.80
C ASP B 534 36.60 -1.85 -18.28
N PRO B 535 37.19 -1.89 -17.06
CA PRO B 535 37.71 -0.69 -16.44
C PRO B 535 38.72 0.10 -17.29
N ALA B 536 39.53 -0.60 -18.10
CA ALA B 536 40.55 0.05 -18.93
C ALA B 536 39.95 1.03 -19.95
N SER B 537 38.82 0.64 -20.56
CA SER B 537 38.07 1.50 -21.50
C SER B 537 36.95 2.34 -20.85
N GLU B 538 36.57 1.99 -19.62
CA GLU B 538 35.47 2.63 -18.86
C GLU B 538 34.10 2.33 -19.45
N ASN B 539 33.97 1.21 -20.14
CA ASN B 539 32.76 0.86 -20.85
C ASN B 539 32.04 -0.30 -20.16
N LEU B 540 30.77 -0.08 -19.86
CA LEU B 540 29.84 -1.13 -19.45
C LEU B 540 29.06 -1.51 -20.69
N THR B 541 29.11 -2.78 -21.07
CA THR B 541 28.46 -3.24 -22.31
C THR B 541 27.49 -4.36 -22.05
N VAL B 542 26.49 -4.46 -22.92
CA VAL B 542 25.60 -5.61 -22.96
C VAL B 542 25.71 -6.19 -24.37
N VAL B 543 26.32 -7.37 -24.45
CA VAL B 543 26.55 -8.06 -25.70
C VAL B 543 25.40 -9.02 -25.93
N ARG B 544 24.71 -8.84 -27.06
CA ARG B 544 23.48 -9.54 -27.35
C ARG B 544 23.51 -10.37 -28.64
N THR B 545 24.72 -10.69 -29.11
CA THR B 545 24.90 -11.51 -30.31
C THR B 545 24.31 -12.91 -30.15
N ALA B 546 24.23 -13.41 -28.91
CA ALA B 546 23.62 -14.70 -28.64
C ALA B 546 22.32 -14.62 -27.79
N SER B 547 21.77 -13.42 -27.59
CA SER B 547 20.61 -13.24 -26.69
C SER B 547 19.41 -14.10 -27.08
N SER B 548 19.19 -14.28 -28.38
CA SER B 548 18.06 -15.07 -28.87
C SER B 548 18.35 -15.82 -30.18
N LEU B 549 17.77 -17.01 -30.30
CA LEU B 549 17.70 -17.75 -31.57
C LEU B 549 16.73 -17.11 -32.57
N ILE B 550 15.82 -16.24 -32.09
CA ILE B 550 14.91 -15.51 -32.97
C ILE B 550 15.67 -14.33 -33.56
N LYS B 551 15.89 -14.35 -34.88
CA LYS B 551 16.82 -13.42 -35.53
C LYS B 551 16.27 -12.02 -35.82
N SER B 552 14.96 -11.83 -35.71
CA SER B 552 14.35 -10.54 -36.05
C SER B 552 14.51 -9.46 -34.96
N PHE B 553 14.83 -9.85 -33.74
CA PHE B 553 15.06 -8.88 -32.65
C PHE B 553 16.42 -8.22 -32.73
N GLY B 554 16.54 -7.03 -32.15
CA GLY B 554 17.79 -6.31 -32.12
C GLY B 554 18.90 -7.07 -31.40
N ASN B 555 20.13 -6.95 -31.91
CA ASN B 555 21.27 -7.64 -31.31
C ASN B 555 22.52 -6.77 -31.15
N ASP B 556 22.37 -5.46 -31.30
CA ASP B 556 23.47 -4.54 -31.18
C ASP B 556 23.95 -4.45 -29.72
N THR B 557 25.24 -4.15 -29.56
CA THR B 557 25.86 -4.08 -28.24
C THR B 557 25.49 -2.77 -27.57
N GLU B 558 24.94 -2.84 -26.36
CA GLU B 558 24.64 -1.62 -25.60
C GLU B 558 25.93 -1.15 -24.94
N LEU B 559 26.03 0.16 -24.72
CA LEU B 559 27.24 0.75 -24.12
C LEU B 559 26.92 1.94 -23.23
N ALA B 560 27.46 1.89 -22.01
CA ALA B 560 27.47 3.03 -21.10
C ALA B 560 28.89 3.32 -20.64
N LYS B 561 29.19 4.59 -20.42
CA LYS B 561 30.44 5.01 -19.79
C LYS B 561 30.22 5.03 -18.27
N VAL B 562 31.16 4.47 -17.51
CA VAL B 562 31.11 4.51 -16.05
C VAL B 562 32.47 4.95 -15.51
N LYS B 563 32.47 6.02 -14.73
CA LYS B 563 33.66 6.52 -14.09
C LYS B 563 33.79 5.93 -12.70
N LEU B 564 34.79 5.06 -12.51
CA LEU B 564 35.13 4.59 -11.17
C LEU B 564 36.02 5.64 -10.51
N TYR B 565 35.43 6.43 -9.61
CA TYR B 565 36.17 7.47 -8.90
C TYR B 565 37.06 6.76 -7.86
N GLU B 566 38.37 6.88 -8.05
CA GLU B 566 39.34 6.17 -7.20
C GLU B 566 39.50 6.96 -5.91
N ILE B 567 39.53 6.27 -4.77
CA ILE B 567 39.60 6.93 -3.47
C ILE B 567 41.05 7.04 -2.98
N VAL B 568 41.39 8.17 -2.37
CA VAL B 568 42.74 8.44 -1.87
C VAL B 568 43.12 7.33 -0.89
N GLY B 569 44.27 6.70 -1.12
CA GLY B 569 44.77 5.63 -0.25
C GLY B 569 44.35 4.23 -0.66
N ALA B 570 43.38 4.10 -1.58
CA ALA B 570 42.90 2.80 -2.02
C ALA B 570 43.84 2.22 -3.05
N GLU B 571 43.99 0.90 -3.05
CA GLU B 571 44.76 0.21 -4.07
C GLU B 571 43.85 -0.57 -5.02
N SER B 572 42.57 -0.21 -5.03
CA SER B 572 41.60 -0.84 -5.91
C SER B 572 40.46 0.14 -6.20
N LYS B 573 39.62 -0.25 -7.15
CA LYS B 573 38.45 0.55 -7.52
C LYS B 573 37.28 -0.42 -7.70
N THR B 574 36.09 0.01 -7.28
CA THR B 574 34.94 -0.87 -7.13
C THR B 574 33.73 -0.44 -7.98
N LEU B 575 33.13 -1.44 -8.64
CA LEU B 575 31.89 -1.30 -9.40
C LEU B 575 30.81 -2.08 -8.65
N ASN B 576 29.78 -1.37 -8.18
CA ASN B 576 28.61 -2.01 -7.59
C ASN B 576 27.51 -2.10 -8.62
N LEU B 577 27.15 -3.31 -9.00
CA LEU B 577 26.19 -3.58 -10.05
C LEU B 577 24.91 -4.16 -9.42
N THR B 578 23.75 -3.66 -9.85
CA THR B 578 22.46 -4.29 -9.59
C THR B 578 21.80 -4.51 -10.95
N VAL B 579 21.33 -5.72 -11.21
CA VAL B 579 20.70 -6.09 -12.48
C VAL B 579 19.32 -6.70 -12.23
N PHE B 580 18.32 -6.18 -12.94
CA PHE B 580 16.96 -6.71 -12.91
C PHE B 580 16.65 -7.35 -14.24
N VAL B 581 16.21 -8.59 -14.18
CA VAL B 581 15.76 -9.37 -15.32
C VAL B 581 14.27 -9.58 -15.11
N ASP B 582 13.48 -9.12 -16.07
CA ASP B 582 12.02 -9.08 -15.93
C ASP B 582 11.37 -9.33 -17.29
N GLY B 583 11.14 -10.61 -17.59
CA GLY B 583 10.64 -11.02 -18.89
C GLY B 583 11.72 -10.83 -19.93
N SER B 584 11.57 -9.78 -20.73
CA SER B 584 12.56 -9.37 -21.72
C SER B 584 13.38 -8.15 -21.31
N VAL B 585 12.99 -7.47 -20.23
CA VAL B 585 13.74 -6.29 -19.78
C VAL B 585 14.98 -6.74 -19.01
N ILE B 586 16.10 -6.11 -19.32
CA ILE B 586 17.32 -6.19 -18.51
C ILE B 586 17.63 -4.76 -18.12
N GLU B 587 17.59 -4.47 -16.82
CA GLU B 587 17.80 -3.11 -16.34
C GLU B 587 18.96 -3.10 -15.36
N ILE B 588 20.00 -2.33 -15.70
CA ILE B 588 21.28 -2.36 -15.01
C ILE B 588 21.54 -1.03 -14.34
N TYR B 589 21.95 -1.10 -13.07
CA TYR B 589 22.31 0.07 -12.30
C TYR B 589 23.73 -0.07 -11.78
N ALA B 590 24.53 0.98 -11.93
CA ALA B 590 25.92 0.98 -11.43
C ALA B 590 26.18 2.15 -10.50
N ASN B 591 26.66 1.84 -9.30
CA ASN B 591 27.10 2.84 -8.32
C ASN B 591 26.09 3.94 -8.01
N ASP B 592 24.79 3.61 -8.05
CA ASP B 592 23.73 4.60 -7.82
C ASP B 592 23.89 5.85 -8.71
N GLU B 593 24.24 5.64 -9.96
CA GLU B 593 24.60 6.73 -10.85
C GLU B 593 24.24 6.42 -12.30
N VAL B 594 24.73 5.29 -12.80
CA VAL B 594 24.58 4.92 -14.19
C VAL B 594 23.45 3.89 -14.34
N ALA B 595 22.60 4.09 -15.35
CA ALA B 595 21.52 3.15 -15.67
C ALA B 595 21.57 2.76 -17.14
N LEU B 596 21.26 1.51 -17.43
CA LEU B 596 21.19 1.02 -18.79
C LEU B 596 20.07 -0.02 -18.87
N SER B 597 19.03 0.30 -19.65
CA SER B 597 17.89 -0.60 -19.87
C SER B 597 17.99 -1.20 -21.26
N THR B 598 17.77 -2.49 -21.39
CA THR B 598 17.77 -3.12 -22.72
C THR B 598 16.80 -4.28 -22.76
N ARG B 599 16.78 -5.00 -23.89
CA ARG B 599 15.85 -6.09 -24.14
C ARG B 599 16.54 -7.36 -24.64
N ALA B 600 16.06 -8.50 -24.18
CA ALA B 600 16.52 -9.81 -24.66
C ALA B 600 15.34 -10.76 -24.74
N TYR B 601 15.23 -11.48 -25.85
CA TYR B 601 14.08 -12.32 -26.12
C TYR B 601 14.46 -13.77 -26.47
N PRO B 602 15.17 -14.48 -25.57
CA PRO B 602 15.50 -15.87 -25.86
C PRO B 602 14.25 -16.73 -25.99
N TRP B 603 14.27 -17.65 -26.95
CA TRP B 603 13.15 -18.55 -27.17
C TRP B 603 13.05 -19.71 -26.19
N LEU B 604 14.18 -20.31 -25.82
CA LEU B 604 14.15 -21.58 -25.10
C LEU B 604 13.70 -21.39 -23.65
N ALA B 605 12.85 -22.30 -23.18
CA ALA B 605 12.32 -22.23 -21.81
C ALA B 605 13.41 -22.21 -20.74
N ASN B 606 14.53 -22.89 -21.02
CA ASN B 606 15.62 -22.96 -20.04
C ASN B 606 16.70 -21.88 -20.20
N SER B 607 16.49 -20.87 -21.04
CA SER B 607 17.39 -19.72 -21.11
C SER B 607 17.08 -18.72 -19.99
N THR B 608 17.27 -19.19 -18.75
CA THR B 608 17.00 -18.41 -17.54
C THR B 608 18.20 -18.32 -16.58
N GLY B 609 19.30 -19.01 -16.91
CA GLY B 609 20.44 -19.09 -15.98
C GLY B 609 21.26 -17.83 -15.88
N ALA B 610 22.11 -17.78 -14.86
CA ALA B 610 22.95 -16.63 -14.61
C ALA B 610 24.24 -16.98 -13.87
N GLY B 611 25.25 -16.12 -14.03
CA GLY B 611 26.54 -16.33 -13.37
C GLY B 611 27.53 -15.23 -13.68
N LEU B 612 28.79 -15.49 -13.34
CA LEU B 612 29.85 -14.51 -13.44
C LEU B 612 30.60 -14.66 -14.74
N LEU B 613 31.01 -13.52 -15.29
CA LEU B 613 31.83 -13.44 -16.48
C LEU B 613 33.22 -12.95 -16.07
N ALA B 614 34.24 -13.50 -16.73
CA ALA B 614 35.63 -13.17 -16.44
C ALA B 614 36.42 -13.25 -17.73
N ASP B 615 37.21 -12.22 -18.00
CA ASP B 615 38.09 -12.18 -19.16
C ASP B 615 39.41 -11.52 -18.78
N GLY B 616 40.51 -12.21 -19.06
CA GLY B 616 41.83 -11.71 -18.76
C GLY B 616 42.15 -11.66 -17.27
N THR B 617 41.45 -12.46 -16.46
CA THR B 617 41.82 -12.55 -15.04
C THR B 617 42.97 -13.54 -14.91
N THR B 618 43.98 -13.16 -14.14
CA THR B 618 45.20 -13.96 -13.94
C THR B 618 45.58 -13.98 -12.46
N ALA B 619 46.67 -14.67 -12.14
CA ALA B 619 47.23 -14.62 -10.78
C ALA B 619 47.59 -13.20 -10.36
N GLY B 620 48.05 -12.40 -11.31
CA GLY B 620 48.46 -11.01 -11.06
C GLY B 620 47.40 -9.95 -11.30
N ASP B 621 46.37 -10.25 -12.09
CA ASP B 621 45.28 -9.31 -12.38
C ASP B 621 43.99 -10.00 -11.94
N VAL B 622 43.61 -9.77 -10.68
CA VAL B 622 42.48 -10.48 -10.08
C VAL B 622 41.27 -9.55 -9.92
N VAL B 623 40.09 -10.13 -9.98
CA VAL B 623 38.86 -9.37 -9.72
C VAL B 623 38.15 -10.04 -8.55
N GLY B 624 38.00 -9.29 -7.46
CA GLY B 624 37.34 -9.79 -6.26
C GLY B 624 35.86 -9.45 -6.31
N VAL B 625 35.01 -10.47 -6.34
CA VAL B 625 33.57 -10.27 -6.38
C VAL B 625 32.98 -10.64 -5.01
N SER B 626 32.23 -9.70 -4.44
CA SER B 626 31.59 -9.89 -3.14
C SER B 626 30.21 -9.22 -3.14
N GLY B 627 29.50 -9.33 -2.01
CA GLY B 627 28.11 -8.84 -1.92
C GLY B 627 27.20 -9.48 -2.95
N LEU B 628 27.46 -10.74 -3.31
CA LEU B 628 26.69 -11.44 -4.34
C LEU B 628 25.38 -11.97 -3.79
N GLU B 629 24.30 -11.68 -4.51
CA GLU B 629 22.97 -12.09 -4.11
C GLU B 629 22.08 -12.29 -5.33
N LEU B 630 21.30 -13.37 -5.32
CA LEU B 630 20.26 -13.65 -6.30
C LEU B 630 18.91 -13.52 -5.61
N TRP B 631 18.03 -12.69 -6.16
CA TRP B 631 16.63 -12.63 -5.73
C TRP B 631 15.78 -13.27 -6.83
N ASP B 632 15.31 -14.50 -6.59
CA ASP B 632 14.49 -15.21 -7.56
C ASP B 632 12.99 -15.00 -7.33
N GLY B 633 12.34 -14.37 -8.33
CA GLY B 633 10.88 -14.24 -8.37
C GLY B 633 10.37 -12.80 -8.45
N LEU B 634 11.03 -11.91 -7.72
CA LEU B 634 10.59 -10.51 -7.58
C LEU B 634 9.13 -10.45 -7.09
N VAL B 635 8.34 -9.50 -7.59
CA VAL B 635 6.98 -9.25 -7.12
C VAL B 635 6.04 -9.36 -8.32
N ASP B 636 4.85 -9.88 -8.10
CA ASP B 636 3.76 -9.82 -9.08
C ASP B 636 3.18 -8.40 -9.04
N ALA B 637 3.61 -7.54 -9.97
CA ALA B 637 3.27 -6.11 -9.92
C ALA B 637 1.81 -5.77 -10.21
N TRP B 638 1.07 -6.68 -10.83
CA TRP B 638 -0.32 -6.47 -11.19
C TRP B 638 -1.17 -7.65 -10.69
N PRO B 639 -1.33 -7.75 -9.35
CA PRO B 639 -1.97 -8.93 -8.77
C PRO B 639 -3.39 -9.19 -9.22
N ALA B 640 -4.16 -8.14 -9.54
CA ALA B 640 -5.53 -8.34 -9.98
C ALA B 640 -5.66 -8.76 -11.45
N ARG B 641 -4.61 -8.61 -12.24
CA ARG B 641 -4.67 -8.97 -13.66
C ARG B 641 -4.46 -10.46 -13.84
N PRO B 642 -5.25 -11.10 -14.70
CA PRO B 642 -4.88 -12.47 -15.09
C PRO B 642 -3.61 -12.49 -15.95
N ALA B 643 -3.11 -13.68 -16.26
CA ALA B 643 -1.87 -13.82 -17.03
C ALA B 643 -1.99 -13.20 -18.44
N ASN B 644 -3.15 -13.38 -19.06
CA ASN B 644 -3.40 -12.86 -20.40
C ASN B 644 -4.49 -11.78 -20.34
N THR B 645 -4.06 -10.52 -20.44
CA THR B 645 -4.98 -9.38 -20.46
C THR B 645 -5.20 -8.82 -21.87
N SER B 646 -4.81 -9.57 -22.90
CA SER B 646 -5.14 -9.17 -24.27
C SER B 646 -6.65 -9.07 -24.45
N GLN B 647 -7.09 -8.08 -25.21
CA GLN B 647 -8.47 -8.00 -25.67
C GLN B 647 -8.55 -8.14 -27.20
N GLY B 648 -7.49 -8.69 -27.81
CA GLY B 648 -7.39 -8.75 -29.26
C GLY B 648 -6.90 -7.43 -29.83
N LEU B 649 -6.61 -7.45 -31.12
CA LEU B 649 -6.12 -6.30 -31.85
C LEU B 649 -7.10 -5.96 -32.96
N VAL B 650 -7.17 -4.67 -33.29
CA VAL B 650 -8.09 -4.19 -34.31
C VAL B 650 -7.37 -3.31 -35.33
N TRP B 651 -8.00 -3.18 -36.50
CA TRP B 651 -7.51 -2.32 -37.57
C TRP B 651 -8.47 -1.15 -37.74
N ASP B 652 -7.92 0.05 -37.88
CA ASP B 652 -8.72 1.27 -38.10
C ASP B 652 -9.42 1.29 -39.48
N GLY B 653 -8.93 0.48 -40.41
CA GLY B 653 -9.51 0.39 -41.74
C GLY B 653 -8.88 1.35 -42.71
N PRO B 654 -9.43 1.44 -43.94
CA PRO B 654 -8.86 2.27 -45.00
C PRO B 654 -8.77 3.76 -44.70
N THR B 655 -9.61 4.27 -43.80
CA THR B 655 -9.56 5.70 -43.46
C THR B 655 -8.27 6.11 -42.74
N ALA B 656 -7.58 5.17 -42.10
CA ALA B 656 -6.33 5.53 -41.40
C ALA B 656 -5.32 6.17 -42.35
N ALA B 657 -5.15 5.57 -43.52
CA ALA B 657 -4.28 6.12 -44.57
C ALA B 657 -4.83 7.41 -45.18
N MET B 658 -6.15 7.55 -45.26
CA MET B 658 -6.78 8.78 -45.74
C MET B 658 -6.50 9.96 -44.80
N TYR B 659 -6.71 9.76 -43.51
CA TYR B 659 -6.47 10.84 -42.55
C TYR B 659 -4.96 11.11 -42.38
N GLY B 660 -4.17 10.04 -42.47
CA GLY B 660 -2.71 10.16 -42.45
C GLY B 660 -2.09 10.47 -41.10
N LEU B 661 -2.82 10.25 -40.02
CA LEU B 661 -2.34 10.60 -38.67
C LEU B 661 -1.73 9.44 -37.91
N PHE B 662 -2.35 8.26 -38.04
CA PHE B 662 -1.98 7.07 -37.28
C PHE B 662 -1.75 5.91 -38.25
N ALA B 663 -0.85 5.00 -37.88
CA ALA B 663 -0.61 3.79 -38.69
C ALA B 663 -1.90 3.02 -38.93
N GLY B 664 -2.74 2.91 -37.90
CA GLY B 664 -4.03 2.26 -37.98
C GLY B 664 -4.10 0.88 -37.35
N TYR B 665 -2.97 0.37 -36.88
CA TYR B 665 -2.93 -0.96 -36.25
C TYR B 665 -1.99 -0.91 -35.05
C1 NAG C . -26.82 20.03 16.24
C2 NAG C . -27.46 20.95 15.24
C3 NAG C . -28.97 20.86 15.39
C4 NAG C . -29.41 19.41 15.13
C5 NAG C . -28.66 18.47 16.09
C6 NAG C . -28.96 17.02 15.69
C7 NAG C . -26.48 23.11 14.50
C8 NAG C . -26.19 24.53 14.89
N2 NAG C . -27.07 22.35 15.44
O3 NAG C . -29.59 21.72 14.43
O4 NAG C . -30.82 19.28 15.19
O5 NAG C . -27.28 18.68 15.99
O6 NAG C . -28.63 16.21 16.79
O7 NAG C . -26.16 22.70 13.40
C1 NAG C . -31.47 19.33 16.48
C2 NAG C . -32.91 19.79 16.33
C3 NAG C . -33.62 19.78 17.67
C4 NAG C . -33.46 18.40 18.31
C5 NAG C . -32.01 17.95 18.36
C6 NAG C . -31.82 16.51 18.82
C7 NAG C . -33.11 21.44 14.50
C8 NAG C . -33.46 20.40 13.52
N2 NAG C . -32.89 21.13 15.77
O3 NAG C . -34.97 20.15 17.45
O4 NAG C . -33.89 18.42 19.67
O5 NAG C . -31.43 18.05 17.08
O6 NAG C . -30.42 16.21 18.96
O7 NAG C . -33.06 22.61 14.11
C1 BMA C . -35.20 17.90 19.86
C2 BMA C . -35.25 17.37 21.29
C3 BMA C . -36.67 16.93 21.63
C4 BMA C . -37.68 17.99 21.27
C5 BMA C . -37.51 18.60 19.90
C6 BMA C . -38.36 19.87 19.84
O2 BMA C . -34.84 18.45 22.17
O3 BMA C . -36.77 16.73 23.04
O4 BMA C . -38.98 17.42 21.35
O5 BMA C . -36.13 18.93 19.62
O6 BMA C . -38.24 20.33 18.49
C1 MAN C . -36.36 15.45 23.51
C2 MAN C . -37.08 15.22 24.83
C3 MAN C . -36.66 16.27 25.86
C4 MAN C . -35.14 16.23 26.04
C5 MAN C . -34.39 16.25 24.70
C6 MAN C . -32.88 16.00 24.84
O2 MAN C . -36.66 13.99 25.42
O3 MAN C . -37.32 16.04 27.11
O4 MAN C . -34.76 17.37 26.82
O5 MAN C . -34.96 15.31 23.75
O6 MAN C . -32.59 14.64 25.19
C1 MAN C . -37.11 12.80 24.76
C2 MAN C . -38.57 12.59 25.16
C3 MAN C . -38.80 11.15 25.62
C4 MAN C . -38.03 10.20 24.70
C5 MAN C . -36.52 10.40 24.87
C6 MAN C . -35.71 9.90 23.67
O2 MAN C . -39.43 12.93 24.05
O3 MAN C . -40.21 10.85 25.66
O4 MAN C . -38.37 8.85 25.00
O5 MAN C . -36.18 11.77 25.13
O6 MAN C . -35.86 10.75 22.53
C1 MAN C . -38.91 21.58 18.22
C2 MAN C . -38.84 21.85 16.68
C3 MAN C . -37.46 22.35 16.25
C4 MAN C . -37.00 23.51 17.14
C5 MAN C . -37.06 23.08 18.61
C6 MAN C . -36.55 24.17 19.57
O2 MAN C . -39.82 22.81 16.28
O3 MAN C . -37.44 22.79 14.86
O4 MAN C . -35.69 23.91 16.75
O5 MAN C . -38.40 22.68 18.98
O6 MAN C . -37.23 25.41 19.38
C1 MAN C . -36.85 21.84 13.95
C2 MAN C . -36.48 22.50 12.62
C3 MAN C . -37.75 22.89 11.86
C4 MAN C . -38.67 21.67 11.69
C5 MAN C . -38.94 21.01 13.04
C6 MAN C . -39.72 19.70 12.93
O2 MAN C . -35.69 21.61 11.80
O3 MAN C . -37.40 23.42 10.57
O4 MAN C . -39.89 22.05 11.02
O5 MAN C . -37.70 20.71 13.69
O6 MAN C . -40.34 19.45 14.20
C1 NAG D . -30.70 6.20 4.83
C2 NAG D . -31.62 7.47 4.84
C3 NAG D . -31.98 7.92 3.45
C4 NAG D . -30.73 8.02 2.60
C5 NAG D . -29.99 6.68 2.62
C6 NAG D . -28.73 6.67 1.75
C7 NAG D . -33.01 7.54 6.86
C8 NAG D . -34.28 7.08 7.48
N2 NAG D . -32.82 7.16 5.59
O3 NAG D . -32.68 9.18 3.48
O4 NAG D . -31.16 8.35 1.27
O5 NAG D . -29.60 6.34 3.94
O6 NAG D . -27.76 7.54 2.34
O7 NAG D . -32.19 8.24 7.48
C1 NAG D . -30.40 9.44 0.70
C2 NAG D . -30.69 9.54 -0.78
C3 NAG D . -29.98 10.75 -1.38
C4 NAG D . -30.20 12.01 -0.54
C5 NAG D . -29.88 11.75 0.93
C6 NAG D . -30.13 12.94 1.86
C7 NAG D . -30.96 7.24 -1.69
C8 NAG D . -30.26 6.16 -2.47
N2 NAG D . -30.23 8.35 -1.50
O3 NAG D . -30.42 10.93 -2.71
O4 NAG D . -29.29 13.02 -0.99
O5 NAG D . -30.72 10.68 1.36
O6 NAG D . -31.48 13.39 1.69
O7 NAG D . -32.09 7.09 -1.24
C1 BMA D . -29.94 14.06 -1.72
C2 BMA D . -29.19 15.37 -1.43
C3 BMA D . -29.74 16.48 -2.31
C4 BMA D . -29.78 16.07 -3.77
C5 BMA D . -30.49 14.72 -3.93
C6 BMA D . -30.33 14.25 -5.37
O2 BMA D . -27.82 15.19 -1.78
O3 BMA D . -28.85 17.60 -2.22
O4 BMA D . -30.44 17.06 -4.53
O5 BMA D . -29.85 13.77 -3.09
O6 BMA D . -31.13 13.06 -5.53
C1 MAN D . -29.58 18.78 -1.89
C2 MAN D . -28.64 19.96 -2.06
C3 MAN D . -27.52 19.95 -1.03
C4 MAN D . -28.13 19.89 0.36
C5 MAN D . -29.08 18.69 0.46
C6 MAN D . -29.78 18.61 1.82
O2 MAN D . -29.50 21.09 -1.92
O3 MAN D . -26.69 21.11 -1.18
O4 MAN D . -27.08 19.77 1.33
O5 MAN D . -30.09 18.77 -0.56
O6 MAN D . -30.73 19.68 1.94
C1 MAN D . -29.25 22.06 -2.95
C2 MAN D . -29.81 23.39 -2.48
C3 MAN D . -31.33 23.36 -2.49
C4 MAN D . -31.83 23.04 -3.91
C5 MAN D . -31.17 21.78 -4.48
C6 MAN D . -31.49 21.67 -5.97
O2 MAN D . -29.32 24.41 -3.35
O3 MAN D . -31.84 24.62 -2.06
O4 MAN D . -33.26 22.88 -3.89
O5 MAN D . -29.75 21.77 -4.28
O6 MAN D . -30.41 21.07 -6.70
C1 MAN D . -27.92 24.68 -3.09
C2 MAN D . -27.89 25.94 -2.25
C3 MAN D . -28.25 27.12 -3.15
C4 MAN D . -27.40 27.17 -4.42
C5 MAN D . -27.37 25.84 -5.18
C6 MAN D . -26.30 25.85 -6.27
O2 MAN D . -26.60 26.07 -1.64
O3 MAN D . -28.07 28.33 -2.39
O4 MAN D . -27.94 28.17 -5.29
O5 MAN D . -27.10 24.75 -4.27
O6 MAN D . -26.77 25.21 -7.45
C1 MAN D . -31.12 12.57 -6.88
C2 MAN D . -31.91 11.25 -6.90
C3 MAN D . -31.15 10.11 -6.20
C4 MAN D . -29.75 10.02 -6.76
C5 MAN D . -29.07 11.38 -6.57
C6 MAN D . -27.62 11.37 -7.03
O2 MAN D . -32.18 10.87 -8.24
O3 MAN D . -31.82 8.85 -6.41
O4 MAN D . -29.01 9.00 -6.10
O5 MAN D . -29.80 12.34 -7.34
O6 MAN D . -27.67 11.10 -8.42
C1 MAN D . -26.38 10.77 -8.94
C2 MAN D . -26.42 10.93 -10.46
C3 MAN D . -27.41 9.93 -11.06
C4 MAN D . -27.13 8.51 -10.56
C5 MAN D . -26.95 8.45 -9.04
C6 MAN D . -26.53 7.06 -8.55
O2 MAN D . -25.13 10.61 -11.03
O3 MAN D . -27.33 9.96 -12.48
O4 MAN D . -28.21 7.65 -10.93
O5 MAN D . -25.97 9.43 -8.61
O6 MAN D . -25.26 6.75 -9.10
C1 MAN D . -24.25 11.73 -11.17
C2 MAN D . -23.14 11.25 -12.10
C3 MAN D . -22.24 10.22 -11.41
C4 MAN D . -21.76 10.69 -10.02
C5 MAN D . -22.93 11.22 -9.19
C6 MAN D . -22.44 11.78 -7.85
O2 MAN D . -22.41 12.40 -12.55
O3 MAN D . -21.09 9.93 -12.24
O4 MAN D . -21.15 9.61 -9.30
O5 MAN D . -23.67 12.21 -9.94
O6 MAN D . -23.54 12.24 -7.08
C1 MAN D . -32.43 8.38 -5.21
C2 MAN D . -32.86 6.94 -5.39
C3 MAN D . -33.99 6.83 -6.41
C4 MAN D . -35.15 7.73 -5.98
C5 MAN D . -34.66 9.17 -5.77
C6 MAN D . -35.76 10.09 -5.25
O2 MAN D . -33.26 6.41 -4.12
O3 MAN D . -34.43 5.46 -6.48
O4 MAN D . -36.21 7.71 -6.95
O5 MAN D . -33.57 9.17 -4.83
O6 MAN D . -35.21 11.43 -5.12
C1 NAG E . 8.19 -12.14 26.09
C2 NAG E . 7.91 -13.64 25.91
C3 NAG E . 9.19 -14.38 25.66
C4 NAG E . 10.05 -13.67 24.62
C5 NAG E . 10.17 -12.16 24.81
C6 NAG E . 10.81 -11.36 23.65
C7 NAG E . 5.97 -14.40 27.24
C8 NAG E . 5.58 -14.90 28.60
N2 NAG E . 7.27 -14.14 27.12
O3 NAG E . 8.91 -15.70 25.20
O4 NAG E . 11.34 -14.28 24.77
O5 NAG E . 8.86 -11.65 24.95
O6 NAG E . 10.20 -11.72 22.40
O7 NAG E . 5.14 -14.23 26.33
C1 NAG E . 11.88 -14.58 23.48
C2 NAG E . 13.34 -15.00 23.64
C3 NAG E . 13.90 -15.33 22.25
C4 NAG E . 12.97 -16.27 21.49
C5 NAG E . 11.57 -15.67 21.41
C6 NAG E . 10.55 -16.47 20.59
C7 NAG E . 14.38 -13.82 25.60
C8 NAG E . 14.10 -14.97 26.53
N2 NAG E . 14.03 -13.89 24.30
O3 NAG E . 15.19 -15.92 22.36
O4 NAG E . 13.50 -16.55 20.18
O5 NAG E . 11.12 -15.57 22.77
O6 NAG E . 10.20 -17.69 21.25
O7 NAG E . 14.94 -12.82 26.03
C1 NAG F . -5.26 -9.50 -35.72
C2 NAG F . -6.71 -9.76 -36.08
C3 NAG F . -7.14 -9.01 -37.33
C4 NAG F . -6.84 -7.53 -37.11
C5 NAG F . -5.38 -7.30 -36.71
C6 NAG F . -5.17 -5.84 -36.34
C7 NAG F . -7.81 -11.87 -35.50
C8 NAG F . -7.94 -13.32 -35.85
N2 NAG F . -6.96 -11.17 -36.27
O3 NAG F . -8.54 -9.16 -37.53
O4 NAG F . -7.30 -6.77 -38.24
O5 NAG F . -5.08 -8.09 -35.55
O6 NAG F . -3.81 -5.46 -36.50
O7 NAG F . -8.44 -11.38 -34.57
C1 NAG F . -6.51 -6.82 -39.43
C2 NAG F . -7.36 -6.54 -40.67
C3 NAG F . -6.47 -6.56 -41.91
C4 NAG F . -5.27 -5.63 -41.73
C5 NAG F . -4.55 -5.90 -40.41
C6 NAG F . -3.50 -4.85 -40.05
C7 NAG F . -9.68 -7.33 -40.33
C8 NAG F . -10.61 -8.51 -40.47
N2 NAG F . -8.42 -7.54 -40.75
O3 NAG F . -7.26 -6.15 -43.03
O4 NAG F . -4.31 -5.85 -42.78
O5 NAG F . -5.46 -5.89 -39.34
O6 NAG F . -2.75 -5.36 -38.93
O7 NAG F . -10.07 -6.26 -39.87
C1 BMA F . -4.38 -4.87 -43.84
C2 BMA F . -3.01 -4.83 -44.50
C3 BMA F . -3.04 -3.80 -45.63
C4 BMA F . -4.15 -4.12 -46.62
C5 BMA F . -5.50 -4.35 -45.94
C6 BMA F . -6.47 -4.95 -46.95
O2 BMA F . -2.76 -6.15 -45.00
O3 BMA F . -1.81 -3.80 -46.39
O4 BMA F . -4.29 -3.01 -47.51
O5 BMA F . -5.40 -5.21 -44.78
O6 BMA F . -7.65 -5.29 -46.22
C1 MAN F . -8.71 -5.85 -47.01
C2 MAN F . -10.02 -5.69 -46.22
C3 MAN F . -10.10 -6.66 -45.03
C4 MAN F . -9.76 -8.09 -45.45
C5 MAN F . -8.43 -8.14 -46.24
C6 MAN F . -8.08 -9.55 -46.74
O2 MAN F . -11.14 -5.91 -47.09
O3 MAN F . -11.42 -6.68 -44.45
O4 MAN F . -9.68 -8.91 -44.28
O5 MAN F . -8.46 -7.23 -47.36
O6 MAN F . -9.20 -10.14 -47.41
C1 MAN F . -11.50 -5.93 -43.21
C2 MAN F . -12.76 -6.35 -42.46
C3 MAN F . -13.99 -5.91 -43.24
C4 MAN F . -13.96 -4.40 -43.47
C5 MAN F . -12.62 -3.92 -44.06
C6 MAN F . -12.46 -2.41 -43.90
O2 MAN F . -12.75 -5.80 -41.13
O3 MAN F . -15.18 -6.27 -42.52
O4 MAN F . -15.03 -4.02 -44.34
O5 MAN F . -11.49 -4.52 -43.41
O6 MAN F . -12.46 -1.78 -45.18
C1 MAN F . -0.74 -3.03 -45.83
C2 MAN F . 0.20 -2.67 -46.98
C3 MAN F . 0.77 -3.96 -47.60
C4 MAN F . 1.35 -4.91 -46.55
C5 MAN F . 0.48 -5.04 -45.28
C6 MAN F . 1.19 -5.79 -44.14
O2 MAN F . 1.24 -1.78 -46.54
O3 MAN F . 1.78 -3.63 -48.56
O4 MAN F . 1.46 -6.21 -47.15
O5 MAN F . 0.02 -3.74 -44.84
O6 MAN F . 2.26 -5.04 -43.56
C1 NAG G . -9.87 7.22 -29.42
C2 NAG G . -10.76 6.56 -30.51
C3 NAG G . -12.25 6.70 -30.23
C4 NAG G . -12.51 6.22 -28.80
C5 NAG G . -11.61 7.00 -27.84
C6 NAG G . -11.87 6.70 -26.37
C7 NAG G . -9.63 6.49 -32.69
C8 NAG G . -9.33 7.28 -33.93
N2 NAG G . -10.40 7.13 -31.79
O3 NAG G . -13.02 5.90 -31.15
O4 NAG G . -13.91 6.45 -28.54
O5 NAG G . -10.23 6.71 -28.15
O6 NAG G . -11.48 5.35 -26.09
O7 NAG G . -9.19 5.36 -32.52
C1 NAG G . -14.56 5.34 -27.94
C2 NAG G . -15.95 5.81 -27.44
C3 NAG G . -16.73 4.64 -26.88
C4 NAG G . -16.72 3.45 -27.84
C5 NAG G . -15.29 3.11 -28.25
C6 NAG G . -15.19 1.91 -29.19
C7 NAG G . -15.81 8.15 -26.61
C8 NAG G . -15.72 8.98 -25.35
N2 NAG G . -15.83 6.84 -26.41
O3 NAG G . -18.08 5.04 -26.56
O4 NAG G . -17.19 2.28 -27.15
O5 NAG G . -14.68 4.26 -28.85
O6 NAG G . -15.92 2.17 -30.38
O7 NAG G . -15.83 8.67 -27.72
C1 BMA G . -18.50 1.85 -27.53
C2 BMA G . -18.58 0.34 -27.40
C3 BMA G . -19.99 -0.14 -27.69
C4 BMA G . -21.01 0.61 -26.85
C5 BMA G . -20.80 2.10 -27.00
C6 BMA G . -21.71 2.82 -26.04
O2 BMA G . -18.22 -0.01 -26.06
O3 BMA G . -20.09 -1.52 -27.33
O4 BMA G . -22.33 0.25 -27.25
O5 BMA G . -19.45 2.45 -26.65
O6 BMA G . -21.46 4.21 -26.20
C1 MAN G . -20.58 -2.32 -28.42
C2 MAN G . -20.94 -3.68 -27.86
C3 MAN G . -19.67 -4.43 -27.45
C4 MAN G . -18.73 -4.51 -28.65
C5 MAN G . -18.42 -3.09 -29.17
C6 MAN G . -17.54 -3.16 -30.41
O2 MAN G . -21.63 -4.38 -28.89
O3 MAN G . -20.00 -5.73 -26.96
O4 MAN G . -17.54 -5.21 -28.30
O5 MAN G . -19.64 -2.43 -29.48
O6 MAN G . -17.57 -1.96 -31.21
C1 MAN G . -22.80 -5.06 -28.40
C2 MAN G . -23.26 -6.03 -29.50
C3 MAN G . -23.81 -5.25 -30.68
C4 MAN G . -24.91 -4.29 -30.24
C5 MAN G . -24.43 -3.40 -29.10
C6 MAN G . -25.55 -2.51 -28.55
O2 MAN G . -24.28 -6.92 -29.01
O3 MAN G . -24.32 -6.18 -31.65
O4 MAN G . -25.30 -3.51 -31.39
O5 MAN G . -23.88 -4.19 -28.03
O6 MAN G . -26.29 -3.17 -27.52
C1 MAN G . -23.89 -8.30 -29.11
C2 MAN G . -25.12 -9.19 -29.01
C3 MAN G . -25.71 -9.20 -27.59
C4 MAN G . -24.68 -9.21 -26.46
C5 MAN G . -23.38 -8.45 -26.76
C6 MAN G . -22.28 -8.81 -25.75
O2 MAN G . -24.75 -10.51 -29.41
O3 MAN G . -26.58 -10.33 -27.42
O4 MAN G . -25.27 -8.62 -25.29
O5 MAN G . -22.95 -8.69 -28.11
O6 MAN G . -21.21 -9.57 -26.32
C1 MAN G . -22.38 5.00 -25.44
C2 MAN G . -22.15 6.48 -25.74
C3 MAN G . -20.79 6.93 -25.19
C4 MAN G . -20.69 6.55 -23.72
C5 MAN G . -20.87 5.03 -23.61
C6 MAN G . -20.70 4.51 -22.20
O2 MAN G . -23.17 7.25 -25.14
O3 MAN G . -20.63 8.36 -25.28
O4 MAN G . -19.43 7.00 -23.19
O5 MAN G . -22.20 4.73 -24.05
O6 MAN G . -21.76 5.09 -21.46
C1 MAN G . -21.55 4.97 -20.05
C2 MAN G . -22.89 5.21 -19.36
C3 MAN G . -23.33 6.66 -19.56
C4 MAN G . -22.21 7.63 -19.19
C5 MAN G . -20.86 7.27 -19.84
C6 MAN G . -19.69 8.15 -19.43
O2 MAN G . -22.76 5.04 -17.94
O3 MAN G . -24.50 6.88 -18.78
O4 MAN G . -22.57 8.93 -19.66
O5 MAN G . -20.55 5.90 -19.56
O6 MAN G . -19.52 8.10 -18.00
C1 MAN G . -22.97 3.70 -17.45
C2 MAN G . -23.10 3.86 -15.93
C3 MAN G . -21.74 4.27 -15.31
C4 MAN G . -20.58 3.37 -15.77
C5 MAN G . -20.62 3.15 -17.29
C6 MAN G . -19.57 2.14 -17.76
O2 MAN G . -23.61 2.64 -15.37
O3 MAN G . -21.83 4.29 -13.88
O4 MAN G . -19.33 3.97 -15.43
O5 MAN G . -21.93 2.75 -17.74
O6 MAN G . -19.70 1.93 -19.18
C1 MAN G . -19.69 8.75 -26.29
C2 MAN G . -19.38 10.22 -26.13
C3 MAN G . -20.59 11.07 -26.49
C4 MAN G . -21.05 10.73 -27.92
C5 MAN G . -21.32 9.22 -28.02
C6 MAN G . -21.73 8.77 -29.42
O2 MAN G . -18.26 10.52 -26.97
O3 MAN G . -20.25 12.46 -26.36
O4 MAN G . -22.22 11.48 -28.26
O5 MAN G . -20.14 8.49 -27.64
O6 MAN G . -21.95 7.36 -29.41
C1 NAG H . 29.64 -0.14 -3.13
C2 NAG H . 30.00 1.31 -2.85
C3 NAG H . 30.53 1.53 -1.43
C4 NAG H . 29.63 0.86 -0.39
C5 NAG H . 29.30 -0.59 -0.77
C6 NAG H . 28.24 -1.22 0.13
C7 NAG H . 30.78 2.45 -4.90
C8 NAG H . 31.97 2.59 -5.81
N2 NAG H . 30.99 1.65 -3.86
O3 NAG H . 30.60 2.93 -1.18
O4 NAG H . 30.31 0.84 0.89
O5 NAG H . 28.77 -0.65 -2.10
O6 NAG H . 27.00 -0.51 -0.01
O7 NAG H . 29.74 3.04 -5.13
C1 NAG H . 29.56 1.45 1.96
C2 NAG H . 30.12 0.91 3.28
C3 NAG H . 29.55 1.68 4.47
C4 NAG H . 29.76 3.18 4.27
C5 NAG H . 29.05 3.61 2.98
C6 NAG H . 29.17 5.13 2.79
C7 NAG H . 30.60 -1.51 3.12
C8 NAG H . 29.99 -2.87 3.30
N2 NAG H . 29.78 -0.49 3.40
O3 NAG H . 30.17 1.25 5.69
O4 NAG H . 29.26 3.91 5.40
O5 NAG H . 29.61 2.88 1.88
O6 NAG H . 29.28 5.48 1.40
O7 NAG H . 31.76 -1.38 2.73
C1 FRU I . -23.59 -6.26 16.97
C2 FRU I . -24.79 -5.98 16.07
C3 FRU I . -25.03 -7.10 15.07
C4 FRU I . -25.91 -6.38 14.07
C5 FRU I . -25.37 -4.95 14.08
C6 FRU I . -26.46 -3.91 13.82
O1 FRU I . -23.41 -5.11 17.80
O2 FRU I . -25.94 -5.84 16.89
O3 FRU I . -25.63 -8.27 15.66
O4 FRU I . -25.82 -6.95 12.76
O5 FRU I . -24.74 -4.74 15.34
O6 FRU I . -25.91 -2.59 13.63
C1 GLC J . -27.85 -3.31 17.35
C2 GLC J . -29.20 -2.57 17.61
C3 GLC J . -30.33 -3.48 18.16
C4 GLC J . -29.86 -4.84 18.74
C5 GLC J . -28.46 -4.62 19.31
C6 GLC J . -27.87 -5.72 20.20
O1 GLC J . -26.68 -2.49 17.51
O2 GLC J . -29.02 -1.42 18.46
O3 GLC J . -31.24 -3.73 17.10
O4 GLC J . -30.78 -5.36 19.74
O5 GLC J . -27.65 -4.49 18.14
O6 GLC J . -26.43 -5.70 20.02
C1 GLC K . -10.33 -17.86 0.39
C2 GLC K . -10.57 -19.37 0.68
C3 GLC K . -9.32 -20.06 1.21
C4 GLC K . -8.06 -19.32 0.73
C5 GLC K . -8.04 -17.92 1.34
C6 GLC K . -6.93 -17.03 0.79
O1 GLC K . -11.53 -17.11 0.62
O2 GLC K . -11.67 -19.62 1.57
O3 GLC K . -9.29 -21.43 0.80
O4 GLC K . -6.90 -20.03 1.15
O5 GLC K . -9.29 -17.25 1.19
O6 GLC K . -6.12 -16.54 1.88
C1 GLC L . -24.54 -36.65 18.06
C2 GLC L . -23.50 -37.81 18.14
C3 GLC L . -23.73 -38.95 17.15
C4 GLC L . -25.22 -39.28 17.06
C5 GLC L . -25.92 -38.07 16.45
C6 GLC L . -27.44 -38.30 16.24
O1 GLC L . -23.89 -35.43 17.63
O2 GLC L . -22.17 -37.33 17.97
O3 GLC L . -23.00 -40.12 17.58
O4 GLC L . -25.40 -40.47 16.27
O5 GLC L . -25.71 -36.86 17.22
O6 GLC L . -28.25 -37.41 17.00
C1 EDO M . -45.33 -4.77 14.14
O1 EDO M . -45.16 -6.20 13.94
C2 EDO M . -45.08 -4.16 15.52
O2 EDO M . -44.11 -3.03 15.46
C1 EDO N . -12.18 -29.21 30.78
O1 EDO N . -12.21 -28.32 31.94
C2 EDO N . -13.55 -29.63 30.20
O2 EDO N . -13.50 -30.14 28.85
C1 EDO O . -31.82 22.01 20.16
O1 EDO O . -31.43 20.93 21.04
C2 EDO O . -33.19 22.65 20.48
O2 EDO O . -34.29 21.77 20.86
C1 EDO P . -25.65 -12.22 34.05
O1 EDO P . -25.24 -13.59 33.79
C2 EDO P . -27.02 -12.01 33.44
O2 EDO P . -27.42 -10.64 33.34
C1 EDO Q . -2.25 -18.10 0.63
O1 EDO Q . -1.92 -18.77 -0.58
C2 EDO Q . -3.52 -18.67 1.24
O2 EDO Q . -4.00 -17.99 2.42
C1 NAG R . -24.66 22.52 32.23
C2 NAG R . -25.34 22.66 33.57
C3 NAG R . -26.71 22.00 33.53
C4 NAG R . -27.53 22.70 32.46
C5 NAG R . -26.77 22.53 31.14
C6 NAG R . -27.46 23.10 29.91
C7 NAG R . -24.07 22.82 35.70
C8 NAG R . -24.47 24.25 35.88
N2 NAG R . -24.49 22.12 34.63
O3 NAG R . -27.36 22.08 34.79
O4 NAG R . -28.82 22.11 32.39
O5 NAG R . -25.49 23.15 31.24
O6 NAG R . -26.92 22.42 28.77
O7 NAG R . -23.36 22.27 36.52
C1 NAG S . -16.73 13.23 -2.79
C2 NAG S . -16.09 14.48 -2.15
C3 NAG S . -16.99 15.74 -2.34
C4 NAG S . -17.63 15.85 -3.71
C5 NAG S . -18.33 14.52 -4.01
C6 NAG S . -19.29 14.50 -5.24
C7 NAG S . -14.79 14.27 -0.02
C8 NAG S . -14.95 14.22 1.47
N2 NAG S . -15.94 14.38 -0.70
O3 NAG S . -16.26 16.93 -2.03
O4 NAG S . -18.56 16.95 -3.71
O5 NAG S . -17.28 13.53 -4.09
O6 NAG S . -18.64 14.08 -6.44
O7 NAG S . -13.70 14.21 -0.55
C1 NAG T . -43.58 -18.33 20.26
C2 NAG T . -44.32 -16.99 20.20
C3 NAG T . -45.80 -17.25 19.99
C4 NAG T . -45.98 -17.89 18.62
C5 NAG T . -45.19 -19.21 18.59
C6 NAG T . -45.23 -19.92 17.23
C7 NAG T . -44.39 -16.44 22.62
C8 NAG T . -44.16 -15.35 23.63
N2 NAG T . -44.13 -16.10 21.36
O3 NAG T . -46.57 -16.05 20.12
O4 NAG T . -47.38 -18.10 18.36
O5 NAG T . -43.82 -18.99 18.99
O6 NAG T . -44.35 -19.31 16.27
O7 NAG T . -44.79 -17.54 22.97
C1 NAG U . -16.81 -41.75 5.22
C2 NAG U . -15.92 -41.72 6.47
C3 NAG U . -14.55 -42.27 6.09
C4 NAG U . -14.67 -43.64 5.43
C5 NAG U . -15.67 -43.66 4.27
C6 NAG U . -15.94 -45.07 3.73
C7 NAG U . -16.56 -39.99 8.11
C8 NAG U . -16.39 -38.55 8.57
N2 NAG U . -15.85 -40.37 7.03
O3 NAG U . -13.75 -42.42 7.28
O4 NAG U . -13.39 -44.07 4.97
O5 NAG U . -16.90 -43.12 4.77
O6 NAG U . -16.65 -45.83 4.72
O7 NAG U . -17.30 -40.73 8.73
C1 NAG V . -32.89 -35.36 -1.67
C2 NAG V . -34.19 -35.20 -0.89
C3 NAG V . -35.08 -36.42 -1.11
C4 NAG V . -35.34 -36.62 -2.60
C5 NAG V . -34.05 -36.63 -3.39
C6 NAG V . -34.38 -36.57 -4.87
C7 NAG V . -34.60 -34.04 1.26
C8 NAG V . -34.40 -34.06 2.74
N2 NAG V . -34.06 -35.05 0.56
O3 NAG V . -36.32 -36.23 -0.42
O4 NAG V . -36.02 -37.86 -2.81
O5 NAG V . -33.21 -35.51 -3.05
O6 NAG V . -33.15 -36.53 -5.60
O7 NAG V . -35.22 -33.11 0.73
C1 NAG W . -7.69 -35.38 3.53
C2 NAG W . -8.31 -36.69 3.01
C3 NAG W . -7.24 -37.71 2.59
C4 NAG W . -6.14 -36.97 1.81
C5 NAG W . -5.51 -35.97 2.81
C6 NAG W . -4.12 -35.45 2.45
C7 NAG W . -10.43 -36.94 4.28
C8 NAG W . -11.00 -37.38 5.59
N2 NAG W . -9.10 -37.11 4.17
O3 NAG W . -7.83 -38.72 1.77
O4 NAG W . -5.22 -37.89 1.23
O5 NAG W . -6.49 -34.94 2.89
O6 NAG W . -4.06 -34.01 2.52
O7 NAG W . -11.14 -36.46 3.40
C1 NAG X . -30.73 -32.35 13.09
C2 NAG X . -31.83 -31.29 12.98
C3 NAG X . -31.61 -30.20 14.02
C4 NAG X . -31.54 -30.82 15.40
C5 NAG X . -30.44 -31.88 15.42
C6 NAG X . -30.33 -32.58 16.78
C7 NAG X . -32.91 -30.59 10.88
C8 NAG X . -34.26 -30.90 11.43
N2 NAG X . -31.84 -30.78 11.64
O3 NAG X . -32.69 -29.26 13.99
O4 NAG X . -31.29 -29.82 16.39
O5 NAG X . -30.74 -32.85 14.42
O6 NAG X . -31.60 -33.16 17.10
O7 NAG X . -32.78 -30.16 9.74
C1 NAG Y . -0.58 -34.83 33.99
C2 NAG Y . -1.29 -36.06 34.57
C3 NAG Y . -1.76 -35.76 35.99
C4 NAG Y . -0.53 -35.28 36.79
C5 NAG Y . 0.19 -34.10 36.14
C6 NAG Y . 1.51 -33.79 36.85
C7 NAG Y . -2.40 -37.51 32.92
C8 NAG Y . -3.62 -37.68 32.06
N2 NAG Y . -2.39 -36.42 33.68
O3 NAG Y . -2.37 -36.96 36.54
O4 NAG Y . -0.92 -34.88 38.10
O5 NAG Y . 0.50 -34.39 34.79
O6 NAG Y . 2.49 -34.79 36.54
O7 NAG Y . -1.49 -38.33 32.89
C1 NAG Z . 4.83 4.78 7.79
C2 NAG Z . 5.78 3.69 7.32
C3 NAG Z . 5.41 3.18 5.92
C4 NAG Z . 3.93 2.85 5.88
C5 NAG Z . 3.11 4.06 6.31
C6 NAG Z . 1.60 3.87 6.23
C7 NAG Z . 8.20 3.61 7.82
C8 NAG Z . 8.06 2.25 8.42
N2 NAG Z . 7.13 4.22 7.32
O3 NAG Z . 6.14 2.00 5.57
O4 NAG Z . 3.58 2.44 4.56
O5 NAG Z . 3.47 4.35 7.65
O6 NAG Z . 1.21 2.69 6.95
O7 NAG Z . 9.31 4.13 7.75
C1 NAG AA . 16.99 -0.98 43.23
C2 NAG AA . 18.33 -1.51 42.72
C3 NAG AA . 19.28 -0.37 42.39
C4 NAG AA . 18.60 0.60 41.41
C5 NAG AA . 17.22 1.04 41.92
C6 NAG AA . 16.48 1.85 40.87
C7 NAG AA . 19.53 -3.54 43.37
C8 NAG AA . 20.03 -4.36 44.51
N2 NAG AA . 18.90 -2.41 43.70
O3 NAG AA . 20.47 -0.93 41.80
O4 NAG AA . 19.42 1.76 41.23
O5 NAG AA . 16.43 -0.11 42.24
O6 NAG AA . 16.16 1.00 39.75
O7 NAG AA . 19.71 -3.88 42.20
C1 NAG BA . 5.02 -20.36 45.56
C2 NAG BA . 3.94 -21.01 46.42
C3 NAG BA . 3.74 -22.46 45.99
C4 NAG BA . 3.49 -22.56 44.49
C5 NAG BA . 4.53 -21.80 43.67
C6 NAG BA . 4.10 -21.75 42.21
C7 NAG BA . 3.76 -20.18 48.79
C8 NAG BA . 2.81 -19.07 48.46
N2 NAG BA . 4.25 -21.00 47.84
O3 NAG BA . 2.61 -22.96 46.71
O4 NAG BA . 3.49 -23.94 44.12
O5 NAG BA . 4.69 -20.47 44.16
O6 NAG BA . 5.18 -21.27 41.41
O7 NAG BA . 4.12 -20.34 49.94
C1 NAG CA . -9.31 -10.77 40.57
C2 NAG CA . -9.84 -10.22 41.90
C3 NAG CA . -11.04 -10.97 42.45
C4 NAG CA . -12.15 -11.09 41.40
C5 NAG CA . -11.57 -11.67 40.11
C6 NAG CA . -12.59 -11.65 38.98
C7 NAG CA . -8.26 -9.03 43.38
C8 NAG CA . -7.29 -9.14 44.52
N2 NAG CA . -8.84 -10.17 42.98
O3 NAG CA . -11.59 -10.25 43.56
O4 NAG CA . -13.24 -11.88 41.94
O5 NAG CA . -10.43 -10.91 39.66
O6 NAG CA . -12.22 -12.66 38.03
O7 NAG CA . -8.49 -7.94 42.87
C1 NAG DA . -17.20 7.59 38.88
C2 NAG DA . -16.83 8.65 39.91
C3 NAG DA . -17.88 8.64 41.01
C4 NAG DA . -19.19 9.02 40.33
C5 NAG DA . -19.50 7.95 39.26
C6 NAG DA . -20.84 8.10 38.54
C7 NAG DA . -14.59 9.49 40.57
C8 NAG DA . -15.09 10.92 40.54
N2 NAG DA . -15.42 8.48 40.30
O3 NAG DA . -17.56 9.53 42.07
O4 NAG DA . -20.25 9.15 41.29
O5 NAG DA . -18.46 7.94 38.29
O6 NAG DA . -21.13 6.85 37.91
O7 NAG DA . -13.43 9.28 40.86
C1 NAG EA . -0.22 20.53 33.44
C2 NAG EA . 0.92 20.93 34.37
C3 NAG EA . 0.37 21.52 35.69
C4 NAG EA . -0.81 22.48 35.43
C5 NAG EA . -1.86 21.83 34.53
C6 NAG EA . -3.04 22.74 34.23
C7 NAG EA . 1.54 18.56 35.05
C8 NAG EA . 2.59 17.49 34.91
N2 NAG EA . 1.81 19.74 34.44
O3 NAG EA . 1.41 22.26 36.35
O4 NAG EA . -1.43 22.85 36.66
O5 NAG EA . -1.22 21.52 33.29
O6 NAG EA . -2.60 23.81 33.38
O7 NAG EA . 0.51 18.32 35.65
C1 NAG FA . -15.78 20.82 12.67
C2 NAG FA . -15.91 21.99 13.67
C3 NAG FA . -17.37 22.29 13.99
C4 NAG FA . -18.17 22.47 12.70
C5 NAG FA . -17.99 21.20 11.86
C6 NAG FA . -18.82 21.25 10.58
C7 NAG FA . -13.94 21.97 15.11
C8 NAG FA . -13.36 21.46 16.40
N2 NAG FA . -15.21 21.60 14.87
O3 NAG FA . -17.44 23.46 14.80
O4 NAG FA . -19.55 22.69 13.01
O5 NAG FA . -16.60 21.06 11.53
O6 NAG FA . -18.35 22.30 9.74
O7 NAG FA . -13.28 22.68 14.35
C1 FRU GA . 8.10 11.35 -26.26
C2 FRU GA . 6.85 11.87 -26.95
C3 FRU GA . 6.42 13.18 -26.32
C4 FRU GA . 4.97 13.23 -26.71
C5 FRU GA . 4.54 11.78 -26.65
C6 FRU GA . 3.48 11.48 -27.70
O1 FRU GA . 8.45 10.12 -26.89
O2 FRU GA . 7.07 12.08 -28.35
O3 FRU GA . 7.18 14.29 -26.80
O4 FRU GA . 4.19 14.06 -25.85
O5 FRU GA . 5.73 10.98 -26.85
O6 FRU GA . 3.04 10.13 -27.61
C1 GLC HA . 5.40 10.27 -31.27
C2 GLC HA . 4.80 10.62 -32.66
C3 GLC HA . 5.35 11.88 -33.35
C4 GLC HA . 6.61 12.51 -32.74
C5 GLC HA . 7.37 11.45 -31.95
C6 GLC HA . 8.76 11.91 -31.52
O1 GLC HA . 5.82 8.89 -31.22
O2 GLC HA . 4.94 9.50 -33.55
O3 GLC HA . 4.32 12.89 -33.37
O4 GLC HA . 7.41 13.10 -33.78
O5 GLC HA . 6.50 11.10 -30.86
O6 GLC HA . 9.17 11.27 -30.30
C1 GLC IA . 4.71 19.97 -3.86
C2 GLC IA . 5.42 21.34 -3.74
C3 GLC IA . 6.64 21.25 -2.82
C4 GLC IA . 6.48 20.08 -1.83
C5 GLC IA . 6.30 18.73 -2.58
C6 GLC IA . 5.49 17.69 -1.81
O1 GLC IA . 3.91 19.84 -5.04
O2 GLC IA . 5.81 21.84 -5.03
O3 GLC IA . 6.83 22.50 -2.13
O4 GLC IA . 7.64 20.02 -0.99
O5 GLC IA . 5.66 18.91 -3.85
O6 GLC IA . 6.24 16.46 -1.77
C1 GLC JA . 22.75 36.96 -19.48
C2 GLC JA . 23.65 37.49 -18.33
C3 GLC JA . 23.11 38.71 -17.61
C4 GLC JA . 22.74 39.75 -18.66
C5 GLC JA . 21.56 39.16 -19.44
C6 GLC JA . 20.96 40.19 -20.38
O1 GLC JA . 21.88 35.88 -19.07
O2 GLC JA . 23.88 36.50 -17.32
O3 GLC JA . 24.07 39.25 -16.69
O4 GLC JA . 22.40 41.00 -18.05
O5 GLC JA . 21.98 37.98 -20.16
O6 GLC JA . 20.31 39.58 -21.51
C1 GLC KA . 26.91 25.11 -24.77
C2 GLC KA . 25.37 24.92 -24.83
C3 GLC KA . 24.61 25.77 -23.82
C4 GLC KA . 25.30 25.72 -22.47
C5 GLC KA . 26.68 26.37 -22.58
C6 GLC KA . 27.57 26.03 -21.39
O1 GLC KA . 27.42 25.59 -26.02
O2 GLC KA . 24.87 25.18 -26.15
O3 GLC KA . 23.29 25.26 -23.67
O4 GLC KA . 24.53 26.40 -21.47
O5 GLC KA . 27.41 26.00 -23.76
O6 GLC KA . 28.70 26.92 -21.48
C1 EDO LA . 7.61 17.53 2.45
O1 EDO LA . 7.62 16.22 3.10
C2 EDO LA . 8.54 17.61 1.24
O2 EDO LA . 8.36 16.57 0.26
C1 EDO MA . 6.40 -13.80 -5.92
O1 EDO MA . 7.83 -13.71 -6.15
C2 EDO MA . 5.91 -13.16 -4.60
O2 EDO MA . 6.10 -13.96 -3.39
C1 EDO NA . 16.90 -4.41 0.10
O1 EDO NA . 16.29 -5.06 -1.02
C2 EDO NA . 16.03 -3.23 0.49
O2 EDO NA . 15.34 -3.48 1.72
C1 EDO OA . -17.04 -6.59 -31.64
O1 EDO OA . -15.70 -6.11 -31.44
C2 EDO OA . -17.65 -6.05 -32.94
O2 EDO OA . -18.51 -7.05 -33.56
C1 EDO PA . 19.40 -6.05 -35.41
O1 EDO PA . 20.22 -5.45 -34.35
C2 EDO PA . 19.37 -7.57 -35.22
O2 EDO PA . 18.31 -8.30 -35.89
C1 EDO QA . 27.03 13.70 1.31
O1 EDO QA . 26.39 12.72 0.46
C2 EDO QA . 26.59 15.08 0.88
O2 EDO QA . 27.58 16.11 1.04
C1 NAG RA . 7.91 -16.83 -42.49
C2 NAG RA . 8.90 -16.68 -43.63
C3 NAG RA . 8.57 -15.35 -44.31
C4 NAG RA . 7.15 -15.42 -44.86
C5 NAG RA . 6.17 -15.77 -43.72
C6 NAG RA . 4.73 -16.00 -44.17
C7 NAG RA . 11.03 -17.88 -43.33
C8 NAG RA . 12.46 -17.80 -42.87
N2 NAG RA . 10.30 -16.77 -43.22
O3 NAG RA . 9.51 -15.06 -45.34
O4 NAG RA . 6.81 -14.16 -45.44
O5 NAG RA . 6.60 -16.95 -43.05
O6 NAG RA . 3.86 -15.52 -43.15
O7 NAG RA . 10.60 -18.94 -43.79
C1 NAG SA . -14.10 -3.08 -15.99
C2 NAG SA . -13.87 -4.60 -16.12
C3 NAG SA . -14.90 -5.25 -17.07
C4 NAG SA . -16.32 -4.73 -16.87
C5 NAG SA . -16.30 -3.20 -16.93
C6 NAG SA . -17.68 -2.55 -16.82
C7 NAG SA . -11.56 -5.56 -16.12
C8 NAG SA . -10.36 -5.79 -16.99
N2 NAG SA . -12.58 -4.93 -16.73
O3 NAG SA . -14.88 -6.68 -16.90
O4 NAG SA . -17.20 -5.30 -17.86
O5 NAG SA . -15.48 -2.75 -15.84
O6 NAG SA . -18.27 -2.92 -15.57
O7 NAG SA . -11.58 -5.91 -14.94
C1 NAG TA . 9.42 29.78 -41.04
C2 NAG TA . 8.91 28.91 -42.19
C3 NAG TA . 7.86 29.56 -43.09
C4 NAG TA . 7.05 30.70 -42.46
C5 NAG TA . 7.82 31.51 -41.42
C6 NAG TA . 6.98 32.53 -40.64
C7 NAG TA . 10.15 27.31 -43.60
C8 NAG TA . 11.45 27.05 -44.30
N2 NAG TA . 10.08 28.47 -42.94
O3 NAG TA . 6.95 28.55 -43.54
O4 NAG TA . 6.61 31.60 -43.49
O5 NAG TA . 8.38 30.59 -40.48
O6 NAG TA . 5.94 31.86 -39.91
O7 NAG TA . 9.22 26.50 -43.63
C1 NAG UA . 17.92 41.98 -9.60
C2 NAG UA . 18.52 43.24 -10.20
C3 NAG UA . 19.64 42.83 -11.14
C4 NAG UA . 20.68 41.96 -10.41
C5 NAG UA . 20.09 40.92 -9.44
C6 NAG UA . 21.10 40.60 -8.33
C7 NAG UA . 16.90 45.14 -10.36
C8 NAG UA . 15.93 45.87 -11.25
N2 NAG UA . 17.53 44.08 -10.90
O3 NAG UA . 20.27 44.00 -11.66
O4 NAG UA . 21.46 41.27 -11.40
O5 NAG UA . 18.89 41.34 -8.78
O6 NAG UA . 21.27 41.73 -7.46
O7 NAG UA . 17.07 45.50 -9.21
C1 NAG VA . 2.70 45.55 -15.93
C2 NAG VA . 2.57 46.02 -17.36
C3 NAG VA . 2.56 47.53 -17.49
C4 NAG VA . 1.55 48.14 -16.50
C5 NAG VA . 1.76 47.58 -15.08
C6 NAG VA . 0.76 48.12 -14.06
C7 NAG VA . 3.45 44.65 -19.22
C8 NAG VA . 2.06 44.44 -19.75
N2 NAG VA . 3.63 45.40 -18.13
O3 NAG VA . 2.22 47.86 -18.83
O4 NAG VA . 1.67 49.56 -16.52
O5 NAG VA . 1.69 46.16 -15.12
O6 NAG VA . -0.52 47.51 -14.22
O7 NAG VA . 4.41 44.16 -19.78
C1 NAG WA . 15.59 32.75 1.43
C2 NAG WA . 14.84 33.99 1.93
C3 NAG WA . 15.39 34.49 3.27
C4 NAG WA . 15.52 33.32 4.25
C5 NAG WA . 16.40 32.24 3.60
C6 NAG WA . 16.76 31.06 4.50
C7 NAG WA . 13.99 35.34 0.00
C8 NAG WA . 12.68 34.59 -0.03
N2 NAG WA . 14.93 35.04 0.90
O3 NAG WA . 14.53 35.49 3.82
O4 NAG WA . 16.06 33.76 5.49
O5 NAG WA . 15.71 31.76 2.45
O6 NAG WA . 15.58 30.30 4.80
O7 NAG WA . 14.19 36.22 -0.81
C1 NAG XA . 14.11 37.80 -23.14
C2 NAG XA . 13.16 37.46 -24.28
C3 NAG XA . 13.57 36.16 -24.94
C4 NAG XA . 15.01 36.27 -25.41
C5 NAG XA . 15.89 36.59 -24.20
C6 NAG XA . 17.39 36.66 -24.51
C7 NAG XA . 10.75 37.91 -24.35
C8 NAG XA . 9.43 37.71 -23.65
N2 NAG XA . 11.80 37.36 -23.75
O3 NAG XA . 12.71 35.86 -26.05
O4 NAG XA . 15.46 35.08 -26.05
O5 NAG XA . 15.44 37.84 -23.66
O6 NAG XA . 17.63 37.28 -25.77
O7 NAG XA . 10.84 38.52 -25.41
C1 NAG YA . 42.86 20.56 -9.10
C2 NAG YA . 43.83 21.56 -9.75
C3 NAG YA . 44.38 21.05 -11.07
C4 NAG YA . 45.01 19.67 -10.89
C5 NAG YA . 44.07 18.73 -10.13
C6 NAG YA . 44.83 17.48 -9.69
C7 NAG YA . 43.19 23.86 -9.17
C8 NAG YA . 42.35 25.04 -9.55
N2 NAG YA . 43.10 22.81 -9.97
O3 NAG YA . 45.36 21.99 -11.54
O4 NAG YA . 45.33 19.09 -12.16
O5 NAG YA . 43.50 19.30 -8.95
O6 NAG YA . 45.42 17.71 -8.38
O7 NAG YA . 43.89 23.87 -8.17
C1 NAG ZA . 5.88 -8.30 -1.32
C2 NAG ZA . 6.32 -7.62 -0.03
C3 NAG ZA . 5.27 -6.63 0.49
C4 NAG ZA . 4.86 -5.68 -0.63
C5 NAG ZA . 4.40 -6.49 -1.85
C6 NAG ZA . 3.93 -5.63 -3.03
C7 NAG ZA . 7.77 -8.63 1.71
C8 NAG ZA . 7.92 -9.78 2.66
N2 NAG ZA . 6.65 -8.65 0.95
O3 NAG ZA . 5.84 -5.88 1.57
O4 NAG ZA . 3.82 -4.80 -0.20
O5 NAG ZA . 5.46 -7.32 -2.28
O6 NAG ZA . 4.89 -4.61 -3.34
O7 NAG ZA . 8.60 -7.73 1.66
C1 NAG AB . 41.91 -18.10 -7.12
C2 NAG AB . 42.38 -18.03 -5.67
C3 NAG AB . 41.83 -19.16 -4.82
C4 NAG AB . 40.38 -19.49 -5.10
C5 NAG AB . 40.07 -19.51 -6.60
C6 NAG AB . 38.58 -19.71 -6.88
C7 NAG AB . 44.60 -17.41 -4.82
C8 NAG AB . 46.06 -17.74 -4.91
N2 NAG AB . 43.82 -18.15 -5.60
O3 NAG AB . 42.00 -18.78 -3.45
O4 NAG AB . 40.10 -20.79 -4.56
O5 NAG AB . 40.50 -18.29 -7.18
O6 NAG AB . 37.85 -18.55 -6.46
O7 NAG AB . 44.18 -16.52 -4.08
C1 NAG BB . 34.64 2.27 -25.26
C2 NAG BB . 35.40 1.67 -26.46
C3 NAG BB . 35.82 2.74 -27.48
C4 NAG BB . 34.68 3.69 -27.86
C5 NAG BB . 33.99 4.25 -26.61
C6 NAG BB . 32.72 5.00 -27.00
C7 NAG BB . 36.81 -0.37 -26.25
C8 NAG BB . 38.16 -0.91 -25.86
N2 NAG BB . 36.63 0.96 -26.10
O3 NAG BB . 36.31 2.09 -28.66
O4 NAG BB . 35.20 4.75 -28.68
O5 NAG BB . 33.62 3.19 -25.70
O6 NAG BB . 32.46 6.06 -26.06
O7 NAG BB . 35.96 -1.12 -26.67
C1 NAG CB . 22.99 -9.44 -35.60
C2 NAG CB . 23.67 -10.66 -36.22
C3 NAG CB . 23.98 -10.45 -37.71
C4 NAG CB . 22.73 -9.99 -38.46
C5 NAG CB . 22.21 -8.72 -37.79
C6 NAG CB . 20.94 -8.18 -38.46
C7 NAG CB . 25.12 -12.04 -34.82
C8 NAG CB . 26.49 -12.18 -34.23
N2 NAG CB . 24.93 -10.97 -35.57
O3 NAG CB . 24.45 -11.69 -38.26
O4 NAG CB . 22.99 -9.80 -39.86
O5 NAG CB . 21.91 -9.03 -36.43
O6 NAG CB . 19.97 -9.23 -38.52
O7 NAG CB . 24.24 -12.86 -34.59
C1 NAG DB . -4.63 -14.10 -25.04
C2 NAG DB . -4.37 -15.29 -25.98
C3 NAG DB . -4.79 -15.01 -27.41
C4 NAG DB . -6.19 -14.43 -27.43
C5 NAG DB . -6.26 -13.19 -26.52
C6 NAG DB . -7.62 -12.51 -26.54
C7 NAG DB . -2.50 -16.59 -25.11
C8 NAG DB . -1.02 -16.79 -25.05
N2 NAG DB . -2.96 -15.59 -25.89
O3 NAG DB . -4.72 -16.21 -28.17
O4 NAG DB . -6.53 -14.09 -28.78
O5 NAG DB . -5.96 -13.62 -25.18
O6 NAG DB . -8.61 -13.42 -26.05
O7 NAG DB . -3.25 -17.32 -24.47
#